data_8UTK
# 
_entry.id   8UTK 
# 
_audit_conform.dict_name       mmcif_pdbx.dic 
_audit_conform.dict_version    5.397 
_audit_conform.dict_location   http://mmcif.pdb.org/dictionaries/ascii/mmcif_pdbx.dic 
# 
loop_
_database_2.database_id 
_database_2.database_code 
_database_2.pdbx_database_accession 
_database_2.pdbx_DOI 
PDB   8UTK         pdb_00008utk 10.2210/pdb8utk/pdb 
WWPDB D_1000278765 ?            ?                   
# 
loop_
_pdbx_audit_revision_history.ordinal 
_pdbx_audit_revision_history.data_content_type 
_pdbx_audit_revision_history.major_revision 
_pdbx_audit_revision_history.minor_revision 
_pdbx_audit_revision_history.revision_date 
1 'Structure model' 1 0 2024-07-10 
2 'Structure model' 1 1 2024-08-21 
3 'Structure model' 1 2 2024-08-28 
4 'Structure model' 1 3 2024-10-16 
# 
_pdbx_audit_revision_details.ordinal             1 
_pdbx_audit_revision_details.revision_ordinal    1 
_pdbx_audit_revision_details.data_content_type   'Structure model' 
_pdbx_audit_revision_details.provider            repository 
_pdbx_audit_revision_details.type                'Initial release' 
_pdbx_audit_revision_details.description         ? 
_pdbx_audit_revision_details.details             ? 
# 
loop_
_pdbx_audit_revision_group.ordinal 
_pdbx_audit_revision_group.revision_ordinal 
_pdbx_audit_revision_group.data_content_type 
_pdbx_audit_revision_group.group 
1 2 'Structure model' 'Database references' 
2 3 'Structure model' 'Database references' 
3 4 'Structure model' 'Structure summary'   
# 
loop_
_pdbx_audit_revision_category.ordinal 
_pdbx_audit_revision_category.revision_ordinal 
_pdbx_audit_revision_category.data_content_type 
_pdbx_audit_revision_category.category 
1 2 'Structure model' citation                  
2 3 'Structure model' citation                  
3 4 'Structure model' pdbx_entry_details        
4 4 'Structure model' pdbx_modification_feature 
# 
loop_
_pdbx_audit_revision_item.ordinal 
_pdbx_audit_revision_item.revision_ordinal 
_pdbx_audit_revision_item.data_content_type 
_pdbx_audit_revision_item.item 
1 2 'Structure model' '_citation.journal_volume'                     
2 2 'Structure model' '_citation.page_first'                         
3 2 'Structure model' '_citation.page_last'                          
4 3 'Structure model' '_citation.page_last'                          
5 4 'Structure model' '_pdbx_entry_details.has_protein_modification' 
# 
_pdbx_database_status.status_code                     REL 
_pdbx_database_status.status_code_sf                  REL 
_pdbx_database_status.status_code_mr                  ? 
_pdbx_database_status.entry_id                        8UTK 
_pdbx_database_status.recvd_initial_deposition_date   2023-10-31 
_pdbx_database_status.SG_entry                        N 
_pdbx_database_status.deposit_site                    RCSB 
_pdbx_database_status.process_site                    RCSB 
_pdbx_database_status.status_code_cs                  ? 
_pdbx_database_status.status_code_nmr_data            ? 
_pdbx_database_status.methods_development_category    ? 
_pdbx_database_status.pdb_format_compatible           Y 
# 
_pdbx_contact_author.id                 2 
_pdbx_contact_author.email              dabaker@uw.edu 
_pdbx_contact_author.name_first         David 
_pdbx_contact_author.name_last          Baker 
_pdbx_contact_author.name_mi            ? 
_pdbx_contact_author.role               'principal investigator/group leader' 
_pdbx_contact_author.identifier_ORCID   0000-0001-7896-6217 
# 
loop_
_audit_author.name 
_audit_author.pdbx_ordinal 
_audit_author.identifier_ORCID 
'Bera, A.K.'   1 ? 
'Berger, S.A.' 2 ? 
'Kang, A.'     3 ? 
'Baker, D.'    4 ? 
# 
_citation.abstract                  ? 
_citation.abstract_id_CAS           ? 
_citation.book_id_ISBN              ? 
_citation.book_publisher            ? 
_citation.book_publisher_city       ? 
_citation.book_title                ? 
_citation.coordinate_linkage        ? 
_citation.country                   ? 
_citation.database_id_Medline       ? 
_citation.details                   ? 
_citation.id                        primary 
_citation.journal_abbrev            Cell 
_citation.journal_id_ASTM           ? 
_citation.journal_id_CSD            ? 
_citation.journal_id_ISSN           1097-4172 
_citation.journal_full              ? 
_citation.journal_issue             ? 
_citation.journal_volume            187 
_citation.language                  ? 
_citation.page_first                4305 
_citation.page_last                 ? 
_citation.title                     'Preclinical proof of principle for orally delivered Th17 antagonist miniproteins.' 
_citation.year                      2024 
_citation.database_id_CSD           ? 
_citation.pdbx_database_id_DOI      10.1016/j.cell.2024.05.052 
_citation.pdbx_database_id_PubMed   38936360 
_citation.pdbx_database_id_patent   ? 
_citation.unpublished_flag          ? 
# 
loop_
_citation_author.citation_id 
_citation_author.name 
_citation_author.ordinal 
_citation_author.identifier_ORCID 
primary 'Berger, S.'       1  ? 
primary 'Seeger, F.'       2  ? 
primary 'Yu, T.Y.'         3  ? 
primary 'Aydin, M.'        4  ? 
primary 'Yang, H.'         5  ? 
primary 'Rosenblum, D.'    6  ? 
primary 'Guenin-Mace, L.'  7  ? 
primary 'Glassman, C.'     8  ? 
primary 'Arguinchona, L.'  9  ? 
primary 'Sniezek, C.'      10 ? 
primary 'Blackstone, A.'   11 ? 
primary 'Carter, L.'       12 ? 
primary 'Ravichandran, R.' 13 ? 
primary 'Ahlrichs, M.'     14 ? 
primary 'Murphy, M.'       15 ? 
primary 'Pultz, I.S.'      16 ? 
primary 'Kang, A.'         17 ? 
primary 'Bera, A.K.'       18 ? 
primary 'Stewart, L.'      19 ? 
primary 'Garcia, K.C.'     20 ? 
primary 'Naik, S.'         21 ? 
primary 'Spangler, J.B.'   22 ? 
primary 'Beigel, F.'       23 ? 
primary 'Siebeck, M.'      24 ? 
primary 'Gropp, R.'        25 ? 
primary 'Baker, D.'        26 ? 
# 
loop_
_entity.id 
_entity.type 
_entity.src_method 
_entity.pdbx_description 
_entity.formula_weight 
_entity.pdbx_number_of_molecules 
_entity.pdbx_ec 
_entity.pdbx_mutation 
_entity.pdbx_fragment 
_entity.details 
1 polymer     man 23R-B04dslf02IB                                                  6398.668 2  ? ? ? ? 
2 non-polymer syn '1-(2-METHOXY-ETHOXY)-2-{2-[2-(2-METHOXY-ETHOXY]-ETHOXY}-ETHANE' 266.331  1  ? ? ? ? 
3 non-polymer syn 'SULFATE ION'                                                    96.063   1  ? ? ? ? 
4 non-polymer syn '1-METHOXY-2-[2-(2-METHOXY-ETHOXY]-ETHANE'                       178.226  1  ? ? ? ? 
5 water       nat water                                                            18.015   25 ? ? ? ? 
# 
_entity_poly.entity_id                      1 
_entity_poly.type                           'polypeptide(L)' 
_entity_poly.nstd_linkage                   no 
_entity_poly.nstd_monomer                   no 
_entity_poly.pdbx_seq_one_letter_code       MPLWQVFYLLNTCIKRTGDPTCKKLAKALRECLKKGDLKACNELADKAVKYINSLE 
_entity_poly.pdbx_seq_one_letter_code_can   MPLWQVFYLLNTCIKRTGDPTCKKLAKALRECLKKGDLKACNELADKAVKYINSLE 
_entity_poly.pdbx_strand_id                 A,B 
_entity_poly.pdbx_target_identifier         ? 
# 
loop_
_pdbx_entity_nonpoly.entity_id 
_pdbx_entity_nonpoly.name 
_pdbx_entity_nonpoly.comp_id 
2 '1-(2-METHOXY-ETHOXY)-2-{2-[2-(2-METHOXY-ETHOXY]-ETHOXY}-ETHANE' PG6 
3 'SULFATE ION'                                                    SO4 
4 '1-METHOXY-2-[2-(2-METHOXY-ETHOXY]-ETHANE'                       PG5 
5 water                                                            HOH 
# 
loop_
_entity_poly_seq.entity_id 
_entity_poly_seq.num 
_entity_poly_seq.mon_id 
_entity_poly_seq.hetero 
1 1  MET n 
1 2  PRO n 
1 3  LEU n 
1 4  TRP n 
1 5  GLN n 
1 6  VAL n 
1 7  PHE n 
1 8  TYR n 
1 9  LEU n 
1 10 LEU n 
1 11 ASN n 
1 12 THR n 
1 13 CYS n 
1 14 ILE n 
1 15 LYS n 
1 16 ARG n 
1 17 THR n 
1 18 GLY n 
1 19 ASP n 
1 20 PRO n 
1 21 THR n 
1 22 CYS n 
1 23 LYS n 
1 24 LYS n 
1 25 LEU n 
1 26 ALA n 
1 27 LYS n 
1 28 ALA n 
1 29 LEU n 
1 30 ARG n 
1 31 GLU n 
1 32 CYS n 
1 33 LEU n 
1 34 LYS n 
1 35 LYS n 
1 36 GLY n 
1 37 ASP n 
1 38 LEU n 
1 39 LYS n 
1 40 ALA n 
1 41 CYS n 
1 42 ASN n 
1 43 GLU n 
1 44 LEU n 
1 45 ALA n 
1 46 ASP n 
1 47 LYS n 
1 48 ALA n 
1 49 VAL n 
1 50 LYS n 
1 51 TYR n 
1 52 ILE n 
1 53 ASN n 
1 54 SER n 
1 55 LEU n 
1 56 GLU n 
# 
_entity_src_gen.entity_id                          1 
_entity_src_gen.pdbx_src_id                        1 
_entity_src_gen.pdbx_alt_source_flag               sample 
_entity_src_gen.pdbx_seq_type                      'Biological sequence' 
_entity_src_gen.pdbx_beg_seq_num                   1 
_entity_src_gen.pdbx_end_seq_num                   56 
_entity_src_gen.gene_src_common_name               ? 
_entity_src_gen.gene_src_genus                     ? 
_entity_src_gen.pdbx_gene_src_gene                 ? 
_entity_src_gen.gene_src_species                   ? 
_entity_src_gen.gene_src_strain                    ? 
_entity_src_gen.gene_src_tissue                    ? 
_entity_src_gen.gene_src_tissue_fraction           ? 
_entity_src_gen.gene_src_details                   ? 
_entity_src_gen.pdbx_gene_src_fragment             ? 
_entity_src_gen.pdbx_gene_src_scientific_name      'synthetic construct' 
_entity_src_gen.pdbx_gene_src_ncbi_taxonomy_id     32630 
_entity_src_gen.pdbx_gene_src_variant              ? 
_entity_src_gen.pdbx_gene_src_cell_line            ? 
_entity_src_gen.pdbx_gene_src_atcc                 ? 
_entity_src_gen.pdbx_gene_src_organ                ? 
_entity_src_gen.pdbx_gene_src_organelle            ? 
_entity_src_gen.pdbx_gene_src_cell                 ? 
_entity_src_gen.pdbx_gene_src_cellular_location    ? 
_entity_src_gen.host_org_common_name               ? 
_entity_src_gen.pdbx_host_org_scientific_name      'Escherichia coli' 
_entity_src_gen.pdbx_host_org_ncbi_taxonomy_id     562 
_entity_src_gen.host_org_genus                     ? 
_entity_src_gen.pdbx_host_org_gene                 ? 
_entity_src_gen.pdbx_host_org_organ                ? 
_entity_src_gen.host_org_species                   ? 
_entity_src_gen.pdbx_host_org_tissue               ? 
_entity_src_gen.pdbx_host_org_tissue_fraction      ? 
_entity_src_gen.pdbx_host_org_strain               ? 
_entity_src_gen.pdbx_host_org_variant              ? 
_entity_src_gen.pdbx_host_org_cell_line            ? 
_entity_src_gen.pdbx_host_org_atcc                 ? 
_entity_src_gen.pdbx_host_org_culture_collection   ? 
_entity_src_gen.pdbx_host_org_cell                 ? 
_entity_src_gen.pdbx_host_org_organelle            ? 
_entity_src_gen.pdbx_host_org_cellular_location    ? 
_entity_src_gen.pdbx_host_org_vector_type          ? 
_entity_src_gen.pdbx_host_org_vector               ? 
_entity_src_gen.host_org_details                   ? 
_entity_src_gen.expression_system_id               ? 
_entity_src_gen.plasmid_name                       ? 
_entity_src_gen.plasmid_details                    ? 
_entity_src_gen.pdbx_description                   ? 
# 
loop_
_chem_comp.id 
_chem_comp.type 
_chem_comp.mon_nstd_flag 
_chem_comp.name 
_chem_comp.pdbx_synonyms 
_chem_comp.formula 
_chem_comp.formula_weight 
ALA 'L-peptide linking' y ALANINE                                                          ? 'C3 H7 N O2'     89.093  
ARG 'L-peptide linking' y ARGININE                                                         ? 'C6 H15 N4 O2 1' 175.209 
ASN 'L-peptide linking' y ASPARAGINE                                                       ? 'C4 H8 N2 O3'    132.118 
ASP 'L-peptide linking' y 'ASPARTIC ACID'                                                  ? 'C4 H7 N O4'     133.103 
CYS 'L-peptide linking' y CYSTEINE                                                         ? 'C3 H7 N O2 S'   121.158 
GLN 'L-peptide linking' y GLUTAMINE                                                        ? 'C5 H10 N2 O3'   146.144 
GLU 'L-peptide linking' y 'GLUTAMIC ACID'                                                  ? 'C5 H9 N O4'     147.129 
GLY 'peptide linking'   y GLYCINE                                                          ? 'C2 H5 N O2'     75.067  
HOH non-polymer         . WATER                                                            ? 'H2 O'           18.015  
ILE 'L-peptide linking' y ISOLEUCINE                                                       ? 'C6 H13 N O2'    131.173 
LEU 'L-peptide linking' y LEUCINE                                                          ? 'C6 H13 N O2'    131.173 
LYS 'L-peptide linking' y LYSINE                                                           ? 'C6 H15 N2 O2 1' 147.195 
MET 'L-peptide linking' y METHIONINE                                                       ? 'C5 H11 N O2 S'  149.211 
PG5 non-polymer         . '1-METHOXY-2-[2-(2-METHOXY-ETHOXY]-ETHANE'                       ? 'C8 H18 O4'      178.226 
PG6 non-polymer         . '1-(2-METHOXY-ETHOXY)-2-{2-[2-(2-METHOXY-ETHOXY]-ETHOXY}-ETHANE' ? 'C12 H26 O6'     266.331 
PHE 'L-peptide linking' y PHENYLALANINE                                                    ? 'C9 H11 N O2'    165.189 
PRO 'L-peptide linking' y PROLINE                                                          ? 'C5 H9 N O2'     115.130 
SER 'L-peptide linking' y SERINE                                                           ? 'C3 H7 N O3'     105.093 
SO4 non-polymer         . 'SULFATE ION'                                                    ? 'O4 S -2'        96.063  
THR 'L-peptide linking' y THREONINE                                                        ? 'C4 H9 N O3'     119.119 
TRP 'L-peptide linking' y TRYPTOPHAN                                                       ? 'C11 H12 N2 O2'  204.225 
TYR 'L-peptide linking' y TYROSINE                                                         ? 'C9 H11 N O3'    181.189 
VAL 'L-peptide linking' y VALINE                                                           ? 'C5 H11 N O2'    117.146 
# 
loop_
_pdbx_poly_seq_scheme.asym_id 
_pdbx_poly_seq_scheme.entity_id 
_pdbx_poly_seq_scheme.seq_id 
_pdbx_poly_seq_scheme.mon_id 
_pdbx_poly_seq_scheme.ndb_seq_num 
_pdbx_poly_seq_scheme.pdb_seq_num 
_pdbx_poly_seq_scheme.auth_seq_num 
_pdbx_poly_seq_scheme.pdb_mon_id 
_pdbx_poly_seq_scheme.auth_mon_id 
_pdbx_poly_seq_scheme.pdb_strand_id 
_pdbx_poly_seq_scheme.pdb_ins_code 
_pdbx_poly_seq_scheme.hetero 
A 1 1  MET 1  1  ?  ?   ?   A . n 
A 1 2  PRO 2  2  2  PRO PRO A . n 
A 1 3  LEU 3  3  3  LEU LEU A . n 
A 1 4  TRP 4  4  4  TRP TRP A . n 
A 1 5  GLN 5  5  5  GLN GLN A . n 
A 1 6  VAL 6  6  6  VAL VAL A . n 
A 1 7  PHE 7  7  7  PHE PHE A . n 
A 1 8  TYR 8  8  8  TYR TYR A . n 
A 1 9  LEU 9  9  9  LEU LEU A . n 
A 1 10 LEU 10 10 10 LEU LEU A . n 
A 1 11 ASN 11 11 11 ASN ASN A . n 
A 1 12 THR 12 12 12 THR THR A . n 
A 1 13 CYS 13 13 13 CYS CYS A . n 
A 1 14 ILE 14 14 14 ILE ILE A . n 
A 1 15 LYS 15 15 15 LYS LYS A . n 
A 1 16 ARG 16 16 16 ARG ARG A . n 
A 1 17 THR 17 17 17 THR THR A . n 
A 1 18 GLY 18 18 18 GLY GLY A . n 
A 1 19 ASP 19 19 19 ASP ASP A . n 
A 1 20 PRO 20 20 20 PRO PRO A . n 
A 1 21 THR 21 21 21 THR THR A . n 
A 1 22 CYS 22 22 22 CYS CYS A . n 
A 1 23 LYS 23 23 23 LYS LYS A . n 
A 1 24 LYS 24 24 24 LYS LYS A . n 
A 1 25 LEU 25 25 25 LEU LEU A . n 
A 1 26 ALA 26 26 26 ALA ALA A . n 
A 1 27 LYS 27 27 27 LYS LYS A . n 
A 1 28 ALA 28 28 28 ALA ALA A . n 
A 1 29 LEU 29 29 29 LEU LEU A . n 
A 1 30 ARG 30 30 30 ARG ARG A . n 
A 1 31 GLU 31 31 31 GLU GLU A . n 
A 1 32 CYS 32 32 32 CYS CYS A . n 
A 1 33 LEU 33 33 33 LEU LEU A . n 
A 1 34 LYS 34 34 34 LYS LYS A . n 
A 1 35 LYS 35 35 35 LYS LYS A . n 
A 1 36 GLY 36 36 36 GLY GLY A . n 
A 1 37 ASP 37 37 37 ASP ASP A . n 
A 1 38 LEU 38 38 38 LEU LEU A . n 
A 1 39 LYS 39 39 39 LYS LYS A . n 
A 1 40 ALA 40 40 40 ALA ALA A . n 
A 1 41 CYS 41 41 41 CYS CYS A . n 
A 1 42 ASN 42 42 42 ASN ASN A . n 
A 1 43 GLU 43 43 43 GLU GLU A . n 
A 1 44 LEU 44 44 44 LEU LEU A . n 
A 1 45 ALA 45 45 45 ALA ALA A . n 
A 1 46 ASP 46 46 46 ASP ASP A . n 
A 1 47 LYS 47 47 47 LYS LYS A . n 
A 1 48 ALA 48 48 48 ALA ALA A . n 
A 1 49 VAL 49 49 49 VAL VAL A . n 
A 1 50 LYS 50 50 50 LYS LYS A . n 
A 1 51 TYR 51 51 51 TYR TYR A . n 
A 1 52 ILE 52 52 52 ILE ILE A . n 
A 1 53 ASN 53 53 53 ASN ASN A . n 
A 1 54 SER 54 54 54 SER SER A . n 
A 1 55 LEU 55 55 55 LEU LEU A . n 
A 1 56 GLU 56 56 56 GLU GLU A . n 
B 1 1  MET 1  1  ?  ?   ?   B . n 
B 1 2  PRO 2  2  2  PRO PRO B . n 
B 1 3  LEU 3  3  3  LEU LEU B . n 
B 1 4  TRP 4  4  4  TRP TRP B . n 
B 1 5  GLN 5  5  5  GLN GLN B . n 
B 1 6  VAL 6  6  6  VAL VAL B . n 
B 1 7  PHE 7  7  7  PHE PHE B . n 
B 1 8  TYR 8  8  8  TYR TYR B . n 
B 1 9  LEU 9  9  9  LEU LEU B . n 
B 1 10 LEU 10 10 10 LEU LEU B . n 
B 1 11 ASN 11 11 11 ASN ASN B . n 
B 1 12 THR 12 12 12 THR THR B . n 
B 1 13 CYS 13 13 13 CYS CYS B . n 
B 1 14 ILE 14 14 14 ILE ILE B . n 
B 1 15 LYS 15 15 15 LYS LYS B . n 
B 1 16 ARG 16 16 16 ARG ARG B . n 
B 1 17 THR 17 17 17 THR THR B . n 
B 1 18 GLY 18 18 18 GLY GLY B . n 
B 1 19 ASP 19 19 19 ASP ASP B . n 
B 1 20 PRO 20 20 20 PRO PRO B . n 
B 1 21 THR 21 21 21 THR THR B . n 
B 1 22 CYS 22 22 22 CYS CYS B . n 
B 1 23 LYS 23 23 23 LYS LYS B . n 
B 1 24 LYS 24 24 24 LYS LYS B . n 
B 1 25 LEU 25 25 25 LEU LEU B . n 
B 1 26 ALA 26 26 26 ALA ALA B . n 
B 1 27 LYS 27 27 27 LYS LYS B . n 
B 1 28 ALA 28 28 28 ALA ALA B . n 
B 1 29 LEU 29 29 29 LEU LEU B . n 
B 1 30 ARG 30 30 30 ARG ARG B . n 
B 1 31 GLU 31 31 31 GLU GLU B . n 
B 1 32 CYS 32 32 32 CYS CYS B . n 
B 1 33 LEU 33 33 33 LEU LEU B . n 
B 1 34 LYS 34 34 34 LYS LYS B . n 
B 1 35 LYS 35 35 35 LYS LYS B . n 
B 1 36 GLY 36 36 36 GLY GLY B . n 
B 1 37 ASP 37 37 37 ASP ASP B . n 
B 1 38 LEU 38 38 38 LEU LEU B . n 
B 1 39 LYS 39 39 39 LYS LYS B . n 
B 1 40 ALA 40 40 40 ALA ALA B . n 
B 1 41 CYS 41 41 41 CYS CYS B . n 
B 1 42 ASN 42 42 42 ASN ASN B . n 
B 1 43 GLU 43 43 43 GLU GLU B . n 
B 1 44 LEU 44 44 44 LEU LEU B . n 
B 1 45 ALA 45 45 45 ALA ALA B . n 
B 1 46 ASP 46 46 46 ASP ASP B . n 
B 1 47 LYS 47 47 47 LYS LYS B . n 
B 1 48 ALA 48 48 48 ALA ALA B . n 
B 1 49 VAL 49 49 49 VAL VAL B . n 
B 1 50 LYS 50 50 50 LYS LYS B . n 
B 1 51 TYR 51 51 51 TYR TYR B . n 
B 1 52 ILE 52 52 52 ILE ILE B . n 
B 1 53 ASN 53 53 53 ASN ASN B . n 
B 1 54 SER 54 54 54 SER SER B . n 
B 1 55 LEU 55 55 55 LEU LEU B . n 
B 1 56 GLU 56 56 56 GLU GLU B . n 
# 
loop_
_pdbx_nonpoly_scheme.asym_id 
_pdbx_nonpoly_scheme.entity_id 
_pdbx_nonpoly_scheme.mon_id 
_pdbx_nonpoly_scheme.ndb_seq_num 
_pdbx_nonpoly_scheme.pdb_seq_num 
_pdbx_nonpoly_scheme.auth_seq_num 
_pdbx_nonpoly_scheme.pdb_mon_id 
_pdbx_nonpoly_scheme.auth_mon_id 
_pdbx_nonpoly_scheme.pdb_strand_id 
_pdbx_nonpoly_scheme.pdb_ins_code 
C 2 PG6 1  101 2   PG6 PG6 A . 
D 3 SO4 1  101 101 SO4 SO4 B . 
E 4 PG5 1  102 3   PG5 PG5 B . 
F 5 HOH 1  201 13  HOH HOH A . 
F 5 HOH 2  202 3   HOH HOH A . 
F 5 HOH 3  203 23  HOH HOH A . 
F 5 HOH 4  204 25  HOH HOH A . 
F 5 HOH 5  205 24  HOH HOH A . 
F 5 HOH 6  206 11  HOH HOH A . 
F 5 HOH 7  207 9   HOH HOH A . 
F 5 HOH 8  208 5   HOH HOH A . 
F 5 HOH 9  209 18  HOH HOH A . 
F 5 HOH 10 210 7   HOH HOH A . 
G 5 HOH 1  201 12  HOH HOH B . 
G 5 HOH 2  202 8   HOH HOH B . 
G 5 HOH 3  203 4   HOH HOH B . 
G 5 HOH 4  204 2   HOH HOH B . 
G 5 HOH 5  205 20  HOH HOH B . 
G 5 HOH 6  206 1   HOH HOH B . 
G 5 HOH 7  207 15  HOH HOH B . 
G 5 HOH 8  208 10  HOH HOH B . 
G 5 HOH 9  209 19  HOH HOH B . 
G 5 HOH 10 210 21  HOH HOH B . 
G 5 HOH 11 211 14  HOH HOH B . 
G 5 HOH 12 212 22  HOH HOH B . 
G 5 HOH 13 213 17  HOH HOH B . 
G 5 HOH 14 214 6   HOH HOH B . 
G 5 HOH 15 215 16  HOH HOH B . 
# 
loop_
_pdbx_unobs_or_zero_occ_atoms.id 
_pdbx_unobs_or_zero_occ_atoms.PDB_model_num 
_pdbx_unobs_or_zero_occ_atoms.polymer_flag 
_pdbx_unobs_or_zero_occ_atoms.occupancy_flag 
_pdbx_unobs_or_zero_occ_atoms.auth_asym_id 
_pdbx_unobs_or_zero_occ_atoms.auth_comp_id 
_pdbx_unobs_or_zero_occ_atoms.auth_seq_id 
_pdbx_unobs_or_zero_occ_atoms.PDB_ins_code 
_pdbx_unobs_or_zero_occ_atoms.auth_atom_id 
_pdbx_unobs_or_zero_occ_atoms.label_alt_id 
_pdbx_unobs_or_zero_occ_atoms.label_asym_id 
_pdbx_unobs_or_zero_occ_atoms.label_comp_id 
_pdbx_unobs_or_zero_occ_atoms.label_seq_id 
_pdbx_unobs_or_zero_occ_atoms.label_atom_id 
1 1 N 1 A PG6 101 ? O6  ? C PG6 1 O6  
2 1 N 1 A PG6 101 ? C12 ? C PG6 1 C12 
3 1 N 1 B PG5 102 ? C1  ? E PG5 1 C1  
4 1 N 1 B PG5 102 ? C8  ? E PG5 1 C8  
# 
loop_
_software.citation_id 
_software.classification 
_software.compiler_name 
_software.compiler_version 
_software.contact_author 
_software.contact_author_email 
_software.date 
_software.description 
_software.dependencies 
_software.hardware 
_software.language 
_software.location 
_software.mods 
_software.name 
_software.os 
_software.os_version 
_software.type 
_software.version 
_software.pdbx_ordinal 
? refinement       ? ? ? ? ? ? ? ? ? ? ? PHENIX  ? ? ? 1.19.1_4122 1 
? 'data reduction' ? ? ? ? ? ? ? ? ? ? ? XDS     ? ? ? .           2 
? 'data scaling'   ? ? ? ? ? ? ? ? ? ? ? Aimless ? ? ? .           3 
? phasing          ? ? ? ? ? ? ? ? ? ? ? PHASER  ? ? ? .           4 
# 
_cell.angle_alpha                  90.000 
_cell.angle_alpha_esd              ? 
_cell.angle_beta                   90.000 
_cell.angle_beta_esd               ? 
_cell.angle_gamma                  120.000 
_cell.angle_gamma_esd              ? 
_cell.entry_id                     8UTK 
_cell.details                      ? 
_cell.formula_units_Z              ? 
_cell.length_a                     55.414 
_cell.length_a_esd                 ? 
_cell.length_b                     55.414 
_cell.length_b_esd                 ? 
_cell.length_c                     85.834 
_cell.length_c_esd                 ? 
_cell.volume                       228259.564 
_cell.volume_esd                   ? 
_cell.Z_PDB                        12 
_cell.reciprocal_angle_alpha       ? 
_cell.reciprocal_angle_beta        ? 
_cell.reciprocal_angle_gamma       ? 
_cell.reciprocal_angle_alpha_esd   ? 
_cell.reciprocal_angle_beta_esd    ? 
_cell.reciprocal_angle_gamma_esd   ? 
_cell.reciprocal_length_a          ? 
_cell.reciprocal_length_b          ? 
_cell.reciprocal_length_c          ? 
_cell.reciprocal_length_a_esd      ? 
_cell.reciprocal_length_b_esd      ? 
_cell.reciprocal_length_c_esd      ? 
_cell.pdbx_unique_axis             ? 
_cell.pdbx_esd_method              ? 
# 
_symmetry.entry_id                         8UTK 
_symmetry.cell_setting                     ? 
_symmetry.Int_Tables_number                152 
_symmetry.space_group_name_Hall            
;P 31 2"
;
_symmetry.space_group_name_H-M             'P 31 2 1' 
_symmetry.pdbx_full_space_group_name_H-M   ? 
# 
_exptl.absorpt_coefficient_mu     ? 
_exptl.absorpt_correction_T_max   ? 
_exptl.absorpt_correction_T_min   ? 
_exptl.absorpt_correction_type    ? 
_exptl.absorpt_process_details    ? 
_exptl.entry_id                   8UTK 
_exptl.crystals_number            1 
_exptl.details                    ? 
_exptl.method                     'X-RAY DIFFRACTION' 
_exptl.method_details             ? 
# 
_exptl_crystal.colour                       ? 
_exptl_crystal.density_diffrn               ? 
_exptl_crystal.density_Matthews             2.97 
_exptl_crystal.density_method               ? 
_exptl_crystal.density_percent_sol          58.6 
_exptl_crystal.description                  ? 
_exptl_crystal.F_000                        ? 
_exptl_crystal.id                           1 
_exptl_crystal.preparation                  ? 
_exptl_crystal.size_max                     ? 
_exptl_crystal.size_mid                     ? 
_exptl_crystal.size_min                     ? 
_exptl_crystal.size_rad                     ? 
_exptl_crystal.colour_lustre                ? 
_exptl_crystal.colour_modifier              ? 
_exptl_crystal.colour_primary               ? 
_exptl_crystal.density_meas                 ? 
_exptl_crystal.density_meas_esd             ? 
_exptl_crystal.density_meas_gt              ? 
_exptl_crystal.density_meas_lt              ? 
_exptl_crystal.density_meas_temp            ? 
_exptl_crystal.density_meas_temp_esd        ? 
_exptl_crystal.density_meas_temp_gt         ? 
_exptl_crystal.density_meas_temp_lt         ? 
_exptl_crystal.pdbx_crystal_image_url       ? 
_exptl_crystal.pdbx_crystal_image_format    ? 
_exptl_crystal.pdbx_mosaicity               ? 
_exptl_crystal.pdbx_mosaicity_esd           ? 
_exptl_crystal.pdbx_mosaic_method           ? 
_exptl_crystal.pdbx_mosaic_block_size       ? 
_exptl_crystal.pdbx_mosaic_block_size_esd   ? 
# 
_exptl_crystal_grow.apparatus       ? 
_exptl_crystal_grow.atmosphere      ? 
_exptl_crystal_grow.crystal_id      1 
_exptl_crystal_grow.details         ? 
_exptl_crystal_grow.method          'VAPOR DIFFUSION, SITTING DROP' 
_exptl_crystal_grow.method_ref      ? 
_exptl_crystal_grow.pH              4.5 
_exptl_crystal_grow.pressure        ? 
_exptl_crystal_grow.pressure_esd    ? 
_exptl_crystal_grow.seeding         ? 
_exptl_crystal_grow.seeding_ref     ? 
_exptl_crystal_grow.temp_details    ? 
_exptl_crystal_grow.temp_esd        ? 
_exptl_crystal_grow.time            ? 
_exptl_crystal_grow.pdbx_details    '0.2 M Lithium sulfate 0.1 M Sodium acetate pH 4.5 and 50% (v/v) PEG 400.' 
_exptl_crystal_grow.pdbx_pH_range   ? 
_exptl_crystal_grow.temp            293 
# 
_diffrn.ambient_environment              ? 
_diffrn.ambient_temp                     100 
_diffrn.ambient_temp_details             ? 
_diffrn.ambient_temp_esd                 ? 
_diffrn.crystal_id                       1 
_diffrn.crystal_support                  ? 
_diffrn.crystal_treatment                ? 
_diffrn.details                          ? 
_diffrn.id                               1 
_diffrn.ambient_pressure                 ? 
_diffrn.ambient_pressure_esd             ? 
_diffrn.ambient_pressure_gt              ? 
_diffrn.ambient_pressure_lt              ? 
_diffrn.ambient_temp_gt                  ? 
_diffrn.ambient_temp_lt                  ? 
_diffrn.pdbx_serial_crystal_experiment   N 
# 
_diffrn_detector.details                      ? 
_diffrn_detector.detector                     PIXEL 
_diffrn_detector.diffrn_id                    1 
_diffrn_detector.type                         'DECTRIS EIGER2 X 16M' 
_diffrn_detector.area_resol_mean              ? 
_diffrn_detector.dtime                        ? 
_diffrn_detector.pdbx_frames_total            ? 
_diffrn_detector.pdbx_collection_time_total   ? 
_diffrn_detector.pdbx_collection_date         2021-03-19 
_diffrn_detector.pdbx_frequency               ? 
_diffrn_detector.id                           ? 
_diffrn_detector.number_of_axes               ? 
# 
_diffrn_radiation.collimation                      ? 
_diffrn_radiation.diffrn_id                        1 
_diffrn_radiation.filter_edge                      ? 
_diffrn_radiation.inhomogeneity                    ? 
_diffrn_radiation.monochromator                    ? 
_diffrn_radiation.polarisn_norm                    ? 
_diffrn_radiation.polarisn_ratio                   ? 
_diffrn_radiation.probe                            ? 
_diffrn_radiation.type                             ? 
_diffrn_radiation.xray_symbol                      ? 
_diffrn_radiation.wavelength_id                    1 
_diffrn_radiation.pdbx_monochromatic_or_laue_m_l   M 
_diffrn_radiation.pdbx_wavelength_list             ? 
_diffrn_radiation.pdbx_wavelength                  ? 
_diffrn_radiation.pdbx_diffrn_protocol             'SINGLE WAVELENGTH' 
_diffrn_radiation.pdbx_analyzer                    ? 
_diffrn_radiation.pdbx_scattering_type             x-ray 
# 
_diffrn_radiation_wavelength.id           1 
_diffrn_radiation_wavelength.wavelength   0.97918 
_diffrn_radiation_wavelength.wt           1.0 
# 
_diffrn_source.current                     ? 
_diffrn_source.details                     ? 
_diffrn_source.diffrn_id                   1 
_diffrn_source.power                       ? 
_diffrn_source.size                        ? 
_diffrn_source.source                      SYNCHROTRON 
_diffrn_source.target                      ? 
_diffrn_source.type                        'APS BEAMLINE 24-ID-C' 
_diffrn_source.voltage                     ? 
_diffrn_source.take-off_angle              ? 
_diffrn_source.pdbx_wavelength_list        0.97918 
_diffrn_source.pdbx_wavelength             ? 
_diffrn_source.pdbx_synchrotron_beamline   24-ID-C 
_diffrn_source.pdbx_synchrotron_site       APS 
# 
_reflns.B_iso_Wilson_estimate                          38.93 
_reflns.entry_id                                       8UTK 
_reflns.data_reduction_details                         ? 
_reflns.data_reduction_method                          ? 
_reflns.d_resolution_high                              1.94 
_reflns.d_resolution_low                               47.99 
_reflns.details                                        ? 
_reflns.limit_h_max                                    ? 
_reflns.limit_h_min                                    ? 
_reflns.limit_k_max                                    ? 
_reflns.limit_k_min                                    ? 
_reflns.limit_l_max                                    ? 
_reflns.limit_l_min                                    ? 
_reflns.number_all                                     ? 
_reflns.number_obs                                     11624 
_reflns.observed_criterion                             ? 
_reflns.observed_criterion_F_max                       ? 
_reflns.observed_criterion_F_min                       ? 
_reflns.observed_criterion_I_max                       ? 
_reflns.observed_criterion_I_min                       ? 
_reflns.observed_criterion_sigma_F                     ? 
_reflns.observed_criterion_sigma_I                     ? 
_reflns.percent_possible_obs                           98.79 
_reflns.R_free_details                                 ? 
_reflns.Rmerge_F_all                                   ? 
_reflns.Rmerge_F_obs                                   ? 
_reflns.Friedel_coverage                               ? 
_reflns.number_gt                                      ? 
_reflns.threshold_expression                           ? 
_reflns.pdbx_redundancy                                20.0 
_reflns.pdbx_netI_over_av_sigmaI                       ? 
_reflns.pdbx_netI_over_sigmaI                          3.62 
_reflns.pdbx_res_netI_over_av_sigmaI_2                 ? 
_reflns.pdbx_res_netI_over_sigmaI_2                    ? 
_reflns.pdbx_chi_squared                               ? 
_reflns.pdbx_scaling_rejects                           ? 
_reflns.pdbx_d_res_high_opt                            ? 
_reflns.pdbx_d_res_low_opt                             ? 
_reflns.pdbx_d_res_opt_method                          ? 
_reflns.phase_calculation_details                      ? 
_reflns.pdbx_Rrim_I_all                                ? 
_reflns.pdbx_Rpim_I_all                                0.1164 
_reflns.pdbx_d_opt                                     ? 
_reflns.pdbx_number_measured_all                       ? 
_reflns.pdbx_diffrn_id                                 1 
_reflns.pdbx_ordinal                                   1 
_reflns.pdbx_CC_half                                   0.979 
_reflns.pdbx_CC_star                                   ? 
_reflns.pdbx_R_split                                   ? 
_reflns.pdbx_Rmerge_I_obs                              0.511 
_reflns.pdbx_Rmerge_I_all                              ? 
_reflns.pdbx_Rsym_value                                ? 
_reflns.pdbx_CC_split_method                           ? 
_reflns.pdbx_aniso_diffraction_limit_axis_1_ortho[1]   ? 
_reflns.pdbx_aniso_diffraction_limit_axis_1_ortho[2]   ? 
_reflns.pdbx_aniso_diffraction_limit_axis_1_ortho[3]   ? 
_reflns.pdbx_aniso_diffraction_limit_axis_2_ortho[1]   ? 
_reflns.pdbx_aniso_diffraction_limit_axis_2_ortho[2]   ? 
_reflns.pdbx_aniso_diffraction_limit_axis_2_ortho[3]   ? 
_reflns.pdbx_aniso_diffraction_limit_axis_3_ortho[1]   ? 
_reflns.pdbx_aniso_diffraction_limit_axis_3_ortho[2]   ? 
_reflns.pdbx_aniso_diffraction_limit_axis_3_ortho[3]   ? 
_reflns.pdbx_aniso_diffraction_limit_1                 ? 
_reflns.pdbx_aniso_diffraction_limit_2                 ? 
_reflns.pdbx_aniso_diffraction_limit_3                 ? 
_reflns.pdbx_aniso_B_tensor_eigenvector_1_ortho[1]     ? 
_reflns.pdbx_aniso_B_tensor_eigenvector_1_ortho[2]     ? 
_reflns.pdbx_aniso_B_tensor_eigenvector_1_ortho[3]     ? 
_reflns.pdbx_aniso_B_tensor_eigenvector_2_ortho[1]     ? 
_reflns.pdbx_aniso_B_tensor_eigenvector_2_ortho[2]     ? 
_reflns.pdbx_aniso_B_tensor_eigenvector_2_ortho[3]     ? 
_reflns.pdbx_aniso_B_tensor_eigenvector_3_ortho[1]     ? 
_reflns.pdbx_aniso_B_tensor_eigenvector_3_ortho[2]     ? 
_reflns.pdbx_aniso_B_tensor_eigenvector_3_ortho[3]     ? 
_reflns.pdbx_aniso_B_tensor_eigenvalue_1               ? 
_reflns.pdbx_aniso_B_tensor_eigenvalue_2               ? 
_reflns.pdbx_aniso_B_tensor_eigenvalue_3               ? 
_reflns.pdbx_orthogonalization_convention              ? 
_reflns.pdbx_percent_possible_ellipsoidal              ? 
_reflns.pdbx_percent_possible_spherical                ? 
_reflns.pdbx_percent_possible_ellipsoidal_anomalous    ? 
_reflns.pdbx_percent_possible_spherical_anomalous      ? 
_reflns.pdbx_redundancy_anomalous                      ? 
_reflns.pdbx_CC_half_anomalous                         ? 
_reflns.pdbx_absDiff_over_sigma_anomalous              ? 
_reflns.pdbx_percent_possible_anomalous                ? 
_reflns.pdbx_observed_signal_threshold                 ? 
_reflns.pdbx_signal_type                               ? 
_reflns.pdbx_signal_details                            ? 
_reflns.pdbx_signal_software_id                        ? 
# 
_reflns_shell.d_res_high                                    1.94 
_reflns_shell.d_res_low                                     2.009 
_reflns_shell.meanI_over_sigI_all                           ? 
_reflns_shell.meanI_over_sigI_obs                           0.77 
_reflns_shell.number_measured_all                           ? 
_reflns_shell.number_measured_obs                           ? 
_reflns_shell.number_possible                               ? 
_reflns_shell.number_unique_all                             ? 
_reflns_shell.number_unique_obs                             1121 
_reflns_shell.percent_possible_obs                          ? 
_reflns_shell.Rmerge_F_all                                  ? 
_reflns_shell.Rmerge_F_obs                                  ? 
_reflns_shell.meanI_over_sigI_gt                            ? 
_reflns_shell.meanI_over_uI_all                             ? 
_reflns_shell.meanI_over_uI_gt                              ? 
_reflns_shell.number_measured_gt                            ? 
_reflns_shell.number_unique_gt                              ? 
_reflns_shell.percent_possible_gt                           ? 
_reflns_shell.Rmerge_F_gt                                   ? 
_reflns_shell.Rmerge_I_gt                                   ? 
_reflns_shell.pdbx_redundancy                               20.4 
_reflns_shell.pdbx_chi_squared                              ? 
_reflns_shell.pdbx_netI_over_sigmaI_all                     ? 
_reflns_shell.pdbx_netI_over_sigmaI_obs                     ? 
_reflns_shell.pdbx_Rrim_I_all                               ? 
_reflns_shell.pdbx_Rpim_I_all                               0.5828 
_reflns_shell.pdbx_rejects                                  ? 
_reflns_shell.pdbx_ordinal                                  1 
_reflns_shell.pdbx_diffrn_id                                1 
_reflns_shell.pdbx_CC_half                                  0.372 
_reflns_shell.pdbx_CC_star                                  ? 
_reflns_shell.pdbx_R_split                                  ? 
_reflns_shell.percent_possible_all                          98.16 
_reflns_shell.Rmerge_I_all                                  ? 
_reflns_shell.Rmerge_I_obs                                  2.587 
_reflns_shell.pdbx_Rsym_value                               ? 
_reflns_shell.pdbx_percent_possible_ellipsoidal             ? 
_reflns_shell.pdbx_percent_possible_spherical               ? 
_reflns_shell.pdbx_percent_possible_ellipsoidal_anomalous   ? 
_reflns_shell.pdbx_percent_possible_spherical_anomalous     ? 
_reflns_shell.pdbx_redundancy_anomalous                     ? 
_reflns_shell.pdbx_CC_half_anomalous                        ? 
_reflns_shell.pdbx_absDiff_over_sigma_anomalous             ? 
_reflns_shell.pdbx_percent_possible_anomalous               ? 
# 
_refine.aniso_B[1][1]                            ? 
_refine.aniso_B[1][2]                            ? 
_refine.aniso_B[1][3]                            ? 
_refine.aniso_B[2][2]                            ? 
_refine.aniso_B[2][3]                            ? 
_refine.aniso_B[3][3]                            ? 
_refine.B_iso_max                                ? 
_refine.B_iso_mean                               44.43 
_refine.B_iso_min                                ? 
_refine.correlation_coeff_Fo_to_Fc               ? 
_refine.correlation_coeff_Fo_to_Fc_free          ? 
_refine.details                                  ? 
_refine.diff_density_max                         ? 
_refine.diff_density_max_esd                     ? 
_refine.diff_density_min                         ? 
_refine.diff_density_min_esd                     ? 
_refine.diff_density_rms                         ? 
_refine.diff_density_rms_esd                     ? 
_refine.entry_id                                 8UTK 
_refine.pdbx_refine_id                           'X-RAY DIFFRACTION' 
_refine.ls_abs_structure_details                 ? 
_refine.ls_abs_structure_Flack                   ? 
_refine.ls_abs_structure_Flack_esd               ? 
_refine.ls_abs_structure_Rogers                  ? 
_refine.ls_abs_structure_Rogers_esd              ? 
_refine.ls_d_res_high                            1.94 
_refine.ls_d_res_low                             47.99 
_refine.ls_extinction_coef                       ? 
_refine.ls_extinction_coef_esd                   ? 
_refine.ls_extinction_expression                 ? 
_refine.ls_extinction_method                     ? 
_refine.ls_goodness_of_fit_all                   ? 
_refine.ls_goodness_of_fit_all_esd               ? 
_refine.ls_goodness_of_fit_obs                   ? 
_refine.ls_goodness_of_fit_obs_esd               ? 
_refine.ls_hydrogen_treatment                    ? 
_refine.ls_matrix_type                           ? 
_refine.ls_number_constraints                    ? 
_refine.ls_number_parameters                     ? 
_refine.ls_number_reflns_all                     ? 
_refine.ls_number_reflns_obs                     11621 
_refine.ls_number_reflns_R_free                  601 
_refine.ls_number_reflns_R_work                  11020 
_refine.ls_number_restraints                     ? 
_refine.ls_percent_reflns_obs                    98.79 
_refine.ls_percent_reflns_R_free                 5.17 
_refine.ls_R_factor_all                          ? 
_refine.ls_R_factor_obs                          0.2205 
_refine.ls_R_factor_R_free                       0.2673 
_refine.ls_R_factor_R_free_error                 ? 
_refine.ls_R_factor_R_free_error_details         ? 
_refine.ls_R_factor_R_work                       0.2180 
_refine.ls_R_Fsqd_factor_obs                     ? 
_refine.ls_R_I_factor_obs                        ? 
_refine.ls_redundancy_reflns_all                 ? 
_refine.ls_redundancy_reflns_obs                 ? 
_refine.ls_restrained_S_all                      ? 
_refine.ls_restrained_S_obs                      ? 
_refine.ls_shift_over_esd_max                    ? 
_refine.ls_shift_over_esd_mean                   ? 
_refine.ls_structure_factor_coef                 ? 
_refine.ls_weighting_details                     ? 
_refine.ls_weighting_scheme                      ? 
_refine.ls_wR_factor_all                         ? 
_refine.ls_wR_factor_obs                         ? 
_refine.ls_wR_factor_R_free                      ? 
_refine.ls_wR_factor_R_work                      ? 
_refine.occupancy_max                            ? 
_refine.occupancy_min                            ? 
_refine.solvent_model_details                    'FLAT BULK SOLVENT MODEL' 
_refine.solvent_model_param_bsol                 ? 
_refine.solvent_model_param_ksol                 ? 
_refine.pdbx_R_complete                          ? 
_refine.ls_R_factor_gt                           ? 
_refine.ls_goodness_of_fit_gt                    ? 
_refine.ls_goodness_of_fit_ref                   ? 
_refine.ls_shift_over_su_max                     ? 
_refine.ls_shift_over_su_max_lt                  ? 
_refine.ls_shift_over_su_mean                    ? 
_refine.ls_shift_over_su_mean_lt                 ? 
_refine.pdbx_ls_sigma_I                          ? 
_refine.pdbx_ls_sigma_F                          1.36 
_refine.pdbx_ls_sigma_Fsqd                       ? 
_refine.pdbx_data_cutoff_high_absF               ? 
_refine.pdbx_data_cutoff_high_rms_absF           ? 
_refine.pdbx_data_cutoff_low_absF                ? 
_refine.pdbx_isotropic_thermal_model             ? 
_refine.pdbx_ls_cross_valid_method               'FREE R-VALUE' 
_refine.pdbx_method_to_determine_struct          'MOLECULAR REPLACEMENT' 
_refine.pdbx_starting_model                      ? 
_refine.pdbx_stereochemistry_target_values       'GeoStd + Monomer Library + CDL v1.2' 
_refine.pdbx_R_Free_selection_details            ? 
_refine.pdbx_stereochem_target_val_spec_case     ? 
_refine.pdbx_overall_ESU_R                       ? 
_refine.pdbx_overall_ESU_R_Free                  ? 
_refine.pdbx_solvent_vdw_probe_radii             1.1100 
_refine.pdbx_solvent_ion_probe_radii             ? 
_refine.pdbx_solvent_shrinkage_radii             0.9000 
_refine.pdbx_real_space_R                        ? 
_refine.pdbx_density_correlation                 ? 
_refine.pdbx_pd_number_of_powder_patterns        ? 
_refine.pdbx_pd_number_of_points                 ? 
_refine.pdbx_pd_meas_number_of_points            ? 
_refine.pdbx_pd_proc_ls_prof_R_factor            ? 
_refine.pdbx_pd_proc_ls_prof_wR_factor           ? 
_refine.pdbx_pd_Marquardt_correlation_coeff      ? 
_refine.pdbx_pd_Fsqrd_R_factor                   ? 
_refine.pdbx_pd_ls_matrix_band_width             ? 
_refine.pdbx_overall_phase_error                 31.6012 
_refine.pdbx_overall_SU_R_free_Cruickshank_DPI   ? 
_refine.pdbx_overall_SU_R_free_Blow_DPI          ? 
_refine.pdbx_overall_SU_R_Blow_DPI               ? 
_refine.pdbx_TLS_residual_ADP_flag               ? 
_refine.pdbx_diffrn_id                           1 
_refine.overall_SU_B                             ? 
_refine.overall_SU_ML                            0.2540 
_refine.overall_SU_R_Cruickshank_DPI             ? 
_refine.overall_SU_R_free                        ? 
_refine.overall_FOM_free_R_set                   ? 
_refine.overall_FOM_work_R_set                   ? 
_refine.pdbx_average_fsc_overall                 ? 
_refine.pdbx_average_fsc_work                    ? 
_refine.pdbx_average_fsc_free                    ? 
# 
_refine_hist.pdbx_refine_id                   'X-RAY DIFFRACTION' 
_refine_hist.cycle_id                         LAST 
_refine_hist.details                          ? 
_refine_hist.d_res_high                       1.94 
_refine_hist.d_res_low                        47.99 
_refine_hist.number_atoms_solvent             25 
_refine_hist.number_atoms_total               928 
_refine_hist.number_reflns_all                ? 
_refine_hist.number_reflns_obs                ? 
_refine_hist.number_reflns_R_free             ? 
_refine_hist.number_reflns_R_work             ? 
_refine_hist.R_factor_all                     ? 
_refine_hist.R_factor_obs                     ? 
_refine_hist.R_factor_R_free                  ? 
_refine_hist.R_factor_R_work                  ? 
_refine_hist.pdbx_number_residues_total       ? 
_refine_hist.pdbx_B_iso_mean_ligand           ? 
_refine_hist.pdbx_B_iso_mean_solvent          ? 
_refine_hist.pdbx_number_atoms_protein        872 
_refine_hist.pdbx_number_atoms_nucleic_acid   0 
_refine_hist.pdbx_number_atoms_ligand         31 
_refine_hist.pdbx_number_atoms_lipid          ? 
_refine_hist.pdbx_number_atoms_carb           ? 
_refine_hist.pdbx_pseudo_atom_details         ? 
# 
loop_
_refine_ls_restr.pdbx_refine_id 
_refine_ls_restr.criterion 
_refine_ls_restr.dev_ideal 
_refine_ls_restr.dev_ideal_target 
_refine_ls_restr.number 
_refine_ls_restr.rejects 
_refine_ls_restr.type 
_refine_ls_restr.weight 
_refine_ls_restr.pdbx_restraint_function 
'X-RAY DIFFRACTION' ? 0.0064  ? 916  ? f_bond_d           ? ? 
'X-RAY DIFFRACTION' ? 0.7718  ? 1219 ? f_angle_d          ? ? 
'X-RAY DIFFRACTION' ? 0.0386  ? 139  ? f_chiral_restr     ? ? 
'X-RAY DIFFRACTION' ? 0.0046  ? 143  ? f_plane_restr      ? ? 
'X-RAY DIFFRACTION' ? 13.7059 ? 361  ? f_dihedral_angle_d ? ? 
# 
loop_
_refine_ls_shell.pdbx_refine_id 
_refine_ls_shell.d_res_high 
_refine_ls_shell.d_res_low 
_refine_ls_shell.number_reflns_all 
_refine_ls_shell.number_reflns_obs 
_refine_ls_shell.number_reflns_R_free 
_refine_ls_shell.number_reflns_R_work 
_refine_ls_shell.percent_reflns_obs 
_refine_ls_shell.percent_reflns_R_free 
_refine_ls_shell.R_factor_all 
_refine_ls_shell.R_factor_obs 
_refine_ls_shell.R_factor_R_free_error 
_refine_ls_shell.R_factor_R_work 
_refine_ls_shell.redundancy_reflns_all 
_refine_ls_shell.redundancy_reflns_obs 
_refine_ls_shell.wR_factor_all 
_refine_ls_shell.wR_factor_obs 
_refine_ls_shell.wR_factor_R_free 
_refine_ls_shell.wR_factor_R_work 
_refine_ls_shell.pdbx_R_complete 
_refine_ls_shell.pdbx_total_number_of_bins_used 
_refine_ls_shell.pdbx_phase_error 
_refine_ls_shell.pdbx_fsc_work 
_refine_ls_shell.pdbx_fsc_free 
_refine_ls_shell.R_factor_R_free 
'X-RAY DIFFRACTION' 1.94 2.14  . . 152 2672 98.09 . . . . 0.3259 . . . . . . . . . . . 0.3276 
'X-RAY DIFFRACTION' 2.14 2.44  . . 143 2701 98.51 . . . . 0.2099 . . . . . . . . . . . 0.2877 
'X-RAY DIFFRACTION' 2.44 3.08  . . 157 2751 99.05 . . . . 0.2429 . . . . . . . . . . . 0.2940 
'X-RAY DIFFRACTION' 3.08 47.99 . . 149 2896 99.54 . . . . 0.1961 . . . . . . . . . . . 0.2419 
# 
_struct.entry_id                     8UTK 
_struct.title                        'IL-23R minibinder - 23R-B04dslf02IB' 
_struct.pdbx_model_details           ? 
_struct.pdbx_formula_weight          ? 
_struct.pdbx_formula_weight_method   ? 
_struct.pdbx_model_type_details      ? 
_struct.pdbx_CASP_flag               N 
# 
_struct_keywords.entry_id        8UTK 
_struct_keywords.text            
'Computational design, selective inhibitors, IL-2 IL-17 cytokines DE NOVO PROTEIN, DE NOVO PROTEIN' 
_struct_keywords.pdbx_keywords   'DE NOVO PROTEIN' 
# 
loop_
_struct_asym.id 
_struct_asym.pdbx_blank_PDB_chainid_flag 
_struct_asym.pdbx_modified 
_struct_asym.entity_id 
_struct_asym.details 
A N N 1 ? 
B N N 1 ? 
C N N 2 ? 
D N N 3 ? 
E N N 4 ? 
F N N 5 ? 
G N N 5 ? 
# 
_struct_ref.id                         1 
_struct_ref.db_name                    PDB 
_struct_ref.db_code                    8UTK 
_struct_ref.pdbx_db_accession          8UTK 
_struct_ref.pdbx_db_isoform            ? 
_struct_ref.entity_id                  1 
_struct_ref.pdbx_seq_one_letter_code   ? 
_struct_ref.pdbx_align_begin           1 
# 
loop_
_struct_ref_seq.align_id 
_struct_ref_seq.ref_id 
_struct_ref_seq.pdbx_PDB_id_code 
_struct_ref_seq.pdbx_strand_id 
_struct_ref_seq.seq_align_beg 
_struct_ref_seq.pdbx_seq_align_beg_ins_code 
_struct_ref_seq.seq_align_end 
_struct_ref_seq.pdbx_seq_align_end_ins_code 
_struct_ref_seq.pdbx_db_accession 
_struct_ref_seq.db_align_beg 
_struct_ref_seq.pdbx_db_align_beg_ins_code 
_struct_ref_seq.db_align_end 
_struct_ref_seq.pdbx_db_align_end_ins_code 
_struct_ref_seq.pdbx_auth_seq_align_beg 
_struct_ref_seq.pdbx_auth_seq_align_end 
1 1 8UTK A 1 ? 56 ? 8UTK 1 ? 56 ? 1 56 
2 1 8UTK B 1 ? 56 ? 8UTK 1 ? 56 ? 1 56 
# 
_pdbx_struct_assembly.id                   1 
_pdbx_struct_assembly.details              author_and_software_defined_assembly 
_pdbx_struct_assembly.method_details       PISA 
_pdbx_struct_assembly.oligomeric_details   dimeric 
_pdbx_struct_assembly.oligomeric_count     2 
# 
loop_
_pdbx_struct_assembly_prop.biol_id 
_pdbx_struct_assembly_prop.type 
_pdbx_struct_assembly_prop.value 
_pdbx_struct_assembly_prop.details 
1 'ABSA (A^2)' 1890 ? 
1 MORE         -20  ? 
1 'SSA (A^2)'  7360 ? 
# 
_pdbx_struct_assembly_gen.assembly_id       1 
_pdbx_struct_assembly_gen.oper_expression   1 
_pdbx_struct_assembly_gen.asym_id_list      A,B,C,D,E,F,G 
# 
_pdbx_struct_oper_list.id                   1 
_pdbx_struct_oper_list.type                 'identity operation' 
_pdbx_struct_oper_list.name                 1_555 
_pdbx_struct_oper_list.symmetry_operation   x,y,z 
_pdbx_struct_oper_list.matrix[1][1]         1.0000000000 
_pdbx_struct_oper_list.matrix[1][2]         0.0000000000 
_pdbx_struct_oper_list.matrix[1][3]         0.0000000000 
_pdbx_struct_oper_list.vector[1]            0.0000000000 
_pdbx_struct_oper_list.matrix[2][1]         0.0000000000 
_pdbx_struct_oper_list.matrix[2][2]         1.0000000000 
_pdbx_struct_oper_list.matrix[2][3]         0.0000000000 
_pdbx_struct_oper_list.vector[2]            0.0000000000 
_pdbx_struct_oper_list.matrix[3][1]         0.0000000000 
_pdbx_struct_oper_list.matrix[3][2]         0.0000000000 
_pdbx_struct_oper_list.matrix[3][3]         1.0000000000 
_pdbx_struct_oper_list.vector[3]            0.0000000000 
# 
loop_
_struct_conf.conf_type_id 
_struct_conf.id 
_struct_conf.pdbx_PDB_helix_id 
_struct_conf.beg_label_comp_id 
_struct_conf.beg_label_asym_id 
_struct_conf.beg_label_seq_id 
_struct_conf.pdbx_beg_PDB_ins_code 
_struct_conf.end_label_comp_id 
_struct_conf.end_label_asym_id 
_struct_conf.end_label_seq_id 
_struct_conf.pdbx_end_PDB_ins_code 
_struct_conf.beg_auth_comp_id 
_struct_conf.beg_auth_asym_id 
_struct_conf.beg_auth_seq_id 
_struct_conf.end_auth_comp_id 
_struct_conf.end_auth_asym_id 
_struct_conf.end_auth_seq_id 
_struct_conf.pdbx_PDB_helix_class 
_struct_conf.details 
_struct_conf.pdbx_PDB_helix_length 
HELX_P HELX_P1 AA1 PRO A 2  ? GLY A 18 ? PRO A 2  GLY A 18 1 ? 17 
HELX_P HELX_P2 AA2 ASP A 19 ? GLY A 36 ? ASP A 19 GLY A 36 1 ? 18 
HELX_P HELX_P3 AA3 ASP A 37 ? GLU A 56 ? ASP A 37 GLU A 56 1 ? 20 
HELX_P HELX_P4 AA4 LEU B 3  ? GLY B 18 ? LEU B 3  GLY B 18 1 ? 16 
HELX_P HELX_P5 AA5 ASP B 19 ? LYS B 35 ? ASP B 19 LYS B 35 1 ? 17 
HELX_P HELX_P6 AA6 ASP B 37 ? GLU B 56 ? ASP B 37 GLU B 56 1 ? 20 
# 
_struct_conf_type.id          HELX_P 
_struct_conf_type.criteria    ? 
_struct_conf_type.reference   ? 
# 
loop_
_struct_conn.id 
_struct_conn.conn_type_id 
_struct_conn.pdbx_leaving_atom_flag 
_struct_conn.pdbx_PDB_id 
_struct_conn.ptnr1_label_asym_id 
_struct_conn.ptnr1_label_comp_id 
_struct_conn.ptnr1_label_seq_id 
_struct_conn.ptnr1_label_atom_id 
_struct_conn.pdbx_ptnr1_label_alt_id 
_struct_conn.pdbx_ptnr1_PDB_ins_code 
_struct_conn.pdbx_ptnr1_standard_comp_id 
_struct_conn.ptnr1_symmetry 
_struct_conn.ptnr2_label_asym_id 
_struct_conn.ptnr2_label_comp_id 
_struct_conn.ptnr2_label_seq_id 
_struct_conn.ptnr2_label_atom_id 
_struct_conn.pdbx_ptnr2_label_alt_id 
_struct_conn.pdbx_ptnr2_PDB_ins_code 
_struct_conn.ptnr1_auth_asym_id 
_struct_conn.ptnr1_auth_comp_id 
_struct_conn.ptnr1_auth_seq_id 
_struct_conn.ptnr2_auth_asym_id 
_struct_conn.ptnr2_auth_comp_id 
_struct_conn.ptnr2_auth_seq_id 
_struct_conn.ptnr2_symmetry 
_struct_conn.pdbx_ptnr3_label_atom_id 
_struct_conn.pdbx_ptnr3_label_seq_id 
_struct_conn.pdbx_ptnr3_label_comp_id 
_struct_conn.pdbx_ptnr3_label_asym_id 
_struct_conn.pdbx_ptnr3_label_alt_id 
_struct_conn.pdbx_ptnr3_PDB_ins_code 
_struct_conn.details 
_struct_conn.pdbx_dist_value 
_struct_conn.pdbx_value_order 
_struct_conn.pdbx_role 
disulf1 disulf ? ? A CYS 13 SG ? ? ? 1_555 A CYS 22 SG ? ? A CYS 13 A CYS 22 1_555 ? ? ? ? ? ? ? 2.077 ? ? 
disulf2 disulf ? ? A CYS 32 SG ? ? ? 1_555 A CYS 41 SG ? ? A CYS 32 A CYS 41 1_555 ? ? ? ? ? ? ? 2.087 ? ? 
disulf3 disulf ? ? B CYS 13 SG ? ? ? 1_555 B CYS 22 SG ? ? B CYS 13 B CYS 22 1_555 ? ? ? ? ? ? ? 2.092 ? ? 
disulf4 disulf ? ? B CYS 32 SG A ? ? 1_555 B CYS 41 SG ? ? B CYS 32 B CYS 41 1_555 ? ? ? ? ? ? ? 2.051 ? ? 
# 
_struct_conn_type.id          disulf 
_struct_conn_type.criteria    ? 
_struct_conn_type.reference   ? 
# 
loop_
_pdbx_modification_feature.ordinal 
_pdbx_modification_feature.label_comp_id 
_pdbx_modification_feature.label_asym_id 
_pdbx_modification_feature.label_seq_id 
_pdbx_modification_feature.label_alt_id 
_pdbx_modification_feature.modified_residue_label_comp_id 
_pdbx_modification_feature.modified_residue_label_asym_id 
_pdbx_modification_feature.modified_residue_label_seq_id 
_pdbx_modification_feature.modified_residue_label_alt_id 
_pdbx_modification_feature.auth_comp_id 
_pdbx_modification_feature.auth_asym_id 
_pdbx_modification_feature.auth_seq_id 
_pdbx_modification_feature.PDB_ins_code 
_pdbx_modification_feature.symmetry 
_pdbx_modification_feature.modified_residue_auth_comp_id 
_pdbx_modification_feature.modified_residue_auth_asym_id 
_pdbx_modification_feature.modified_residue_auth_seq_id 
_pdbx_modification_feature.modified_residue_PDB_ins_code 
_pdbx_modification_feature.modified_residue_symmetry 
_pdbx_modification_feature.comp_id_linking_atom 
_pdbx_modification_feature.modified_residue_id_linking_atom 
_pdbx_modification_feature.modified_residue_id 
_pdbx_modification_feature.ref_pcm_id 
_pdbx_modification_feature.ref_comp_id 
_pdbx_modification_feature.type 
_pdbx_modification_feature.category 
1 CYS A 13 ? CYS A 22 ? CYS A 13 ? 1_555 CYS A 22 ? 1_555 SG SG . . . None 'Disulfide bridge' 
2 CYS A 32 ? CYS A 41 ? CYS A 32 ? 1_555 CYS A 41 ? 1_555 SG SG . . . None 'Disulfide bridge' 
3 CYS B 13 ? CYS B 22 ? CYS B 13 ? 1_555 CYS B 22 ? 1_555 SG SG . . . None 'Disulfide bridge' 
4 CYS B 32 A CYS B 41 ? CYS B 32 ? 1_555 CYS B 41 ? 1_555 SG SG . . . None 'Disulfide bridge' 
# 
_pdbx_entry_details.entry_id                   8UTK 
_pdbx_entry_details.has_ligand_of_interest     N 
_pdbx_entry_details.compound_details           ? 
_pdbx_entry_details.source_details             ? 
_pdbx_entry_details.nonpolymer_details         ? 
_pdbx_entry_details.sequence_details           ? 
_pdbx_entry_details.has_protein_modification   Y 
# 
loop_
_space_group_symop.id 
_space_group_symop.operation_xyz 
1 x,y,z          
2 -y,x-y,z+1/3   
3 -x+y,-x,z+2/3  
4 x-y,-y,-z+2/3  
5 -x,-x+y,-z+1/3 
6 y,x,-z         
# 
loop_
_pdbx_unobs_or_zero_occ_residues.id 
_pdbx_unobs_or_zero_occ_residues.PDB_model_num 
_pdbx_unobs_or_zero_occ_residues.polymer_flag 
_pdbx_unobs_or_zero_occ_residues.occupancy_flag 
_pdbx_unobs_or_zero_occ_residues.auth_asym_id 
_pdbx_unobs_or_zero_occ_residues.auth_comp_id 
_pdbx_unobs_or_zero_occ_residues.auth_seq_id 
_pdbx_unobs_or_zero_occ_residues.PDB_ins_code 
_pdbx_unobs_or_zero_occ_residues.label_asym_id 
_pdbx_unobs_or_zero_occ_residues.label_comp_id 
_pdbx_unobs_or_zero_occ_residues.label_seq_id 
1 1 Y 1 A MET 1 ? A MET 1 
2 1 Y 1 B MET 1 ? B MET 1 
# 
loop_
_chem_comp_atom.comp_id 
_chem_comp_atom.atom_id 
_chem_comp_atom.type_symbol 
_chem_comp_atom.pdbx_aromatic_flag 
_chem_comp_atom.pdbx_stereo_config 
_chem_comp_atom.pdbx_ordinal 
ALA N    N N N 1   
ALA CA   C N S 2   
ALA C    C N N 3   
ALA O    O N N 4   
ALA CB   C N N 5   
ALA OXT  O N N 6   
ALA H    H N N 7   
ALA H2   H N N 8   
ALA HA   H N N 9   
ALA HB1  H N N 10  
ALA HB2  H N N 11  
ALA HB3  H N N 12  
ALA HXT  H N N 13  
ARG N    N N N 14  
ARG CA   C N S 15  
ARG C    C N N 16  
ARG O    O N N 17  
ARG CB   C N N 18  
ARG CG   C N N 19  
ARG CD   C N N 20  
ARG NE   N N N 21  
ARG CZ   C N N 22  
ARG NH1  N N N 23  
ARG NH2  N N N 24  
ARG OXT  O N N 25  
ARG H    H N N 26  
ARG H2   H N N 27  
ARG HA   H N N 28  
ARG HB2  H N N 29  
ARG HB3  H N N 30  
ARG HG2  H N N 31  
ARG HG3  H N N 32  
ARG HD2  H N N 33  
ARG HD3  H N N 34  
ARG HE   H N N 35  
ARG HH11 H N N 36  
ARG HH12 H N N 37  
ARG HH21 H N N 38  
ARG HH22 H N N 39  
ARG HXT  H N N 40  
ASN N    N N N 41  
ASN CA   C N S 42  
ASN C    C N N 43  
ASN O    O N N 44  
ASN CB   C N N 45  
ASN CG   C N N 46  
ASN OD1  O N N 47  
ASN ND2  N N N 48  
ASN OXT  O N N 49  
ASN H    H N N 50  
ASN H2   H N N 51  
ASN HA   H N N 52  
ASN HB2  H N N 53  
ASN HB3  H N N 54  
ASN HD21 H N N 55  
ASN HD22 H N N 56  
ASN HXT  H N N 57  
ASP N    N N N 58  
ASP CA   C N S 59  
ASP C    C N N 60  
ASP O    O N N 61  
ASP CB   C N N 62  
ASP CG   C N N 63  
ASP OD1  O N N 64  
ASP OD2  O N N 65  
ASP OXT  O N N 66  
ASP H    H N N 67  
ASP H2   H N N 68  
ASP HA   H N N 69  
ASP HB2  H N N 70  
ASP HB3  H N N 71  
ASP HD2  H N N 72  
ASP HXT  H N N 73  
CYS N    N N N 74  
CYS CA   C N R 75  
CYS C    C N N 76  
CYS O    O N N 77  
CYS CB   C N N 78  
CYS SG   S N N 79  
CYS OXT  O N N 80  
CYS H    H N N 81  
CYS H2   H N N 82  
CYS HA   H N N 83  
CYS HB2  H N N 84  
CYS HB3  H N N 85  
CYS HG   H N N 86  
CYS HXT  H N N 87  
GLN N    N N N 88  
GLN CA   C N S 89  
GLN C    C N N 90  
GLN O    O N N 91  
GLN CB   C N N 92  
GLN CG   C N N 93  
GLN CD   C N N 94  
GLN OE1  O N N 95  
GLN NE2  N N N 96  
GLN OXT  O N N 97  
GLN H    H N N 98  
GLN H2   H N N 99  
GLN HA   H N N 100 
GLN HB2  H N N 101 
GLN HB3  H N N 102 
GLN HG2  H N N 103 
GLN HG3  H N N 104 
GLN HE21 H N N 105 
GLN HE22 H N N 106 
GLN HXT  H N N 107 
GLU N    N N N 108 
GLU CA   C N S 109 
GLU C    C N N 110 
GLU O    O N N 111 
GLU CB   C N N 112 
GLU CG   C N N 113 
GLU CD   C N N 114 
GLU OE1  O N N 115 
GLU OE2  O N N 116 
GLU OXT  O N N 117 
GLU H    H N N 118 
GLU H2   H N N 119 
GLU HA   H N N 120 
GLU HB2  H N N 121 
GLU HB3  H N N 122 
GLU HG2  H N N 123 
GLU HG3  H N N 124 
GLU HE2  H N N 125 
GLU HXT  H N N 126 
GLY N    N N N 127 
GLY CA   C N N 128 
GLY C    C N N 129 
GLY O    O N N 130 
GLY OXT  O N N 131 
GLY H    H N N 132 
GLY H2   H N N 133 
GLY HA2  H N N 134 
GLY HA3  H N N 135 
GLY HXT  H N N 136 
HOH O    O N N 137 
HOH H1   H N N 138 
HOH H2   H N N 139 
ILE N    N N N 140 
ILE CA   C N S 141 
ILE C    C N N 142 
ILE O    O N N 143 
ILE CB   C N S 144 
ILE CG1  C N N 145 
ILE CG2  C N N 146 
ILE CD1  C N N 147 
ILE OXT  O N N 148 
ILE H    H N N 149 
ILE H2   H N N 150 
ILE HA   H N N 151 
ILE HB   H N N 152 
ILE HG12 H N N 153 
ILE HG13 H N N 154 
ILE HG21 H N N 155 
ILE HG22 H N N 156 
ILE HG23 H N N 157 
ILE HD11 H N N 158 
ILE HD12 H N N 159 
ILE HD13 H N N 160 
ILE HXT  H N N 161 
LEU N    N N N 162 
LEU CA   C N S 163 
LEU C    C N N 164 
LEU O    O N N 165 
LEU CB   C N N 166 
LEU CG   C N N 167 
LEU CD1  C N N 168 
LEU CD2  C N N 169 
LEU OXT  O N N 170 
LEU H    H N N 171 
LEU H2   H N N 172 
LEU HA   H N N 173 
LEU HB2  H N N 174 
LEU HB3  H N N 175 
LEU HG   H N N 176 
LEU HD11 H N N 177 
LEU HD12 H N N 178 
LEU HD13 H N N 179 
LEU HD21 H N N 180 
LEU HD22 H N N 181 
LEU HD23 H N N 182 
LEU HXT  H N N 183 
LYS N    N N N 184 
LYS CA   C N S 185 
LYS C    C N N 186 
LYS O    O N N 187 
LYS CB   C N N 188 
LYS CG   C N N 189 
LYS CD   C N N 190 
LYS CE   C N N 191 
LYS NZ   N N N 192 
LYS OXT  O N N 193 
LYS H    H N N 194 
LYS H2   H N N 195 
LYS HA   H N N 196 
LYS HB2  H N N 197 
LYS HB3  H N N 198 
LYS HG2  H N N 199 
LYS HG3  H N N 200 
LYS HD2  H N N 201 
LYS HD3  H N N 202 
LYS HE2  H N N 203 
LYS HE3  H N N 204 
LYS HZ1  H N N 205 
LYS HZ2  H N N 206 
LYS HZ3  H N N 207 
LYS HXT  H N N 208 
MET N    N N N 209 
MET CA   C N S 210 
MET C    C N N 211 
MET O    O N N 212 
MET CB   C N N 213 
MET CG   C N N 214 
MET SD   S N N 215 
MET CE   C N N 216 
MET OXT  O N N 217 
MET H    H N N 218 
MET H2   H N N 219 
MET HA   H N N 220 
MET HB2  H N N 221 
MET HB3  H N N 222 
MET HG2  H N N 223 
MET HG3  H N N 224 
MET HE1  H N N 225 
MET HE2  H N N 226 
MET HE3  H N N 227 
MET HXT  H N N 228 
PG5 C1   C N N 229 
PG5 O1   O N N 230 
PG5 C2   C N N 231 
PG5 C3   C N N 232 
PG5 O2   O N N 233 
PG5 C4   C N N 234 
PG5 C5   C N N 235 
PG5 O3   O N N 236 
PG5 C6   C N N 237 
PG5 C7   C N N 238 
PG5 O4   O N N 239 
PG5 C8   C N N 240 
PG5 H11  H N N 241 
PG5 H12  H N N 242 
PG5 H13  H N N 243 
PG5 H21  H N N 244 
PG5 H22  H N N 245 
PG5 H31  H N N 246 
PG5 H32  H N N 247 
PG5 H41  H N N 248 
PG5 H42  H N N 249 
PG5 H51  H N N 250 
PG5 H52  H N N 251 
PG5 H61  H N N 252 
PG5 H62  H N N 253 
PG5 H71  H N N 254 
PG5 H72  H N N 255 
PG5 H81  H N N 256 
PG5 H82  H N N 257 
PG5 H83  H N N 258 
PG6 C1   C N N 259 
PG6 O1   O N N 260 
PG6 C2   C N N 261 
PG6 C3   C N N 262 
PG6 O2   O N N 263 
PG6 C4   C N N 264 
PG6 C5   C N N 265 
PG6 O3   O N N 266 
PG6 C6   C N N 267 
PG6 C7   C N N 268 
PG6 O4   O N N 269 
PG6 C8   C N N 270 
PG6 C9   C N N 271 
PG6 O5   O N N 272 
PG6 C10  C N N 273 
PG6 C11  C N N 274 
PG6 O6   O N N 275 
PG6 C12  C N N 276 
PG6 H11  H N N 277 
PG6 H12  H N N 278 
PG6 H13  H N N 279 
PG6 H21  H N N 280 
PG6 H22  H N N 281 
PG6 H31  H N N 282 
PG6 H32  H N N 283 
PG6 H41  H N N 284 
PG6 H42  H N N 285 
PG6 H51  H N N 286 
PG6 H52  H N N 287 
PG6 H61  H N N 288 
PG6 H62  H N N 289 
PG6 H71  H N N 290 
PG6 H72  H N N 291 
PG6 H81  H N N 292 
PG6 H82  H N N 293 
PG6 H91  H N N 294 
PG6 H92  H N N 295 
PG6 H101 H N N 296 
PG6 H102 H N N 297 
PG6 H111 H N N 298 
PG6 H112 H N N 299 
PG6 H121 H N N 300 
PG6 H122 H N N 301 
PG6 H123 H N N 302 
PHE N    N N N 303 
PHE CA   C N S 304 
PHE C    C N N 305 
PHE O    O N N 306 
PHE CB   C N N 307 
PHE CG   C Y N 308 
PHE CD1  C Y N 309 
PHE CD2  C Y N 310 
PHE CE1  C Y N 311 
PHE CE2  C Y N 312 
PHE CZ   C Y N 313 
PHE OXT  O N N 314 
PHE H    H N N 315 
PHE H2   H N N 316 
PHE HA   H N N 317 
PHE HB2  H N N 318 
PHE HB3  H N N 319 
PHE HD1  H N N 320 
PHE HD2  H N N 321 
PHE HE1  H N N 322 
PHE HE2  H N N 323 
PHE HZ   H N N 324 
PHE HXT  H N N 325 
PRO N    N N N 326 
PRO CA   C N S 327 
PRO C    C N N 328 
PRO O    O N N 329 
PRO CB   C N N 330 
PRO CG   C N N 331 
PRO CD   C N N 332 
PRO OXT  O N N 333 
PRO H    H N N 334 
PRO HA   H N N 335 
PRO HB2  H N N 336 
PRO HB3  H N N 337 
PRO HG2  H N N 338 
PRO HG3  H N N 339 
PRO HD2  H N N 340 
PRO HD3  H N N 341 
PRO HXT  H N N 342 
SER N    N N N 343 
SER CA   C N S 344 
SER C    C N N 345 
SER O    O N N 346 
SER CB   C N N 347 
SER OG   O N N 348 
SER OXT  O N N 349 
SER H    H N N 350 
SER H2   H N N 351 
SER HA   H N N 352 
SER HB2  H N N 353 
SER HB3  H N N 354 
SER HG   H N N 355 
SER HXT  H N N 356 
SO4 S    S N N 357 
SO4 O1   O N N 358 
SO4 O2   O N N 359 
SO4 O3   O N N 360 
SO4 O4   O N N 361 
THR N    N N N 362 
THR CA   C N S 363 
THR C    C N N 364 
THR O    O N N 365 
THR CB   C N R 366 
THR OG1  O N N 367 
THR CG2  C N N 368 
THR OXT  O N N 369 
THR H    H N N 370 
THR H2   H N N 371 
THR HA   H N N 372 
THR HB   H N N 373 
THR HG1  H N N 374 
THR HG21 H N N 375 
THR HG22 H N N 376 
THR HG23 H N N 377 
THR HXT  H N N 378 
TRP N    N N N 379 
TRP CA   C N S 380 
TRP C    C N N 381 
TRP O    O N N 382 
TRP CB   C N N 383 
TRP CG   C Y N 384 
TRP CD1  C Y N 385 
TRP CD2  C Y N 386 
TRP NE1  N Y N 387 
TRP CE2  C Y N 388 
TRP CE3  C Y N 389 
TRP CZ2  C Y N 390 
TRP CZ3  C Y N 391 
TRP CH2  C Y N 392 
TRP OXT  O N N 393 
TRP H    H N N 394 
TRP H2   H N N 395 
TRP HA   H N N 396 
TRP HB2  H N N 397 
TRP HB3  H N N 398 
TRP HD1  H N N 399 
TRP HE1  H N N 400 
TRP HE3  H N N 401 
TRP HZ2  H N N 402 
TRP HZ3  H N N 403 
TRP HH2  H N N 404 
TRP HXT  H N N 405 
TYR N    N N N 406 
TYR CA   C N S 407 
TYR C    C N N 408 
TYR O    O N N 409 
TYR CB   C N N 410 
TYR CG   C Y N 411 
TYR CD1  C Y N 412 
TYR CD2  C Y N 413 
TYR CE1  C Y N 414 
TYR CE2  C Y N 415 
TYR CZ   C Y N 416 
TYR OH   O N N 417 
TYR OXT  O N N 418 
TYR H    H N N 419 
TYR H2   H N N 420 
TYR HA   H N N 421 
TYR HB2  H N N 422 
TYR HB3  H N N 423 
TYR HD1  H N N 424 
TYR HD2  H N N 425 
TYR HE1  H N N 426 
TYR HE2  H N N 427 
TYR HH   H N N 428 
TYR HXT  H N N 429 
VAL N    N N N 430 
VAL CA   C N S 431 
VAL C    C N N 432 
VAL O    O N N 433 
VAL CB   C N N 434 
VAL CG1  C N N 435 
VAL CG2  C N N 436 
VAL OXT  O N N 437 
VAL H    H N N 438 
VAL H2   H N N 439 
VAL HA   H N N 440 
VAL HB   H N N 441 
VAL HG11 H N N 442 
VAL HG12 H N N 443 
VAL HG13 H N N 444 
VAL HG21 H N N 445 
VAL HG22 H N N 446 
VAL HG23 H N N 447 
VAL HXT  H N N 448 
# 
loop_
_chem_comp_bond.comp_id 
_chem_comp_bond.atom_id_1 
_chem_comp_bond.atom_id_2 
_chem_comp_bond.value_order 
_chem_comp_bond.pdbx_aromatic_flag 
_chem_comp_bond.pdbx_stereo_config 
_chem_comp_bond.pdbx_ordinal 
ALA N   CA   sing N N 1   
ALA N   H    sing N N 2   
ALA N   H2   sing N N 3   
ALA CA  C    sing N N 4   
ALA CA  CB   sing N N 5   
ALA CA  HA   sing N N 6   
ALA C   O    doub N N 7   
ALA C   OXT  sing N N 8   
ALA CB  HB1  sing N N 9   
ALA CB  HB2  sing N N 10  
ALA CB  HB3  sing N N 11  
ALA OXT HXT  sing N N 12  
ARG N   CA   sing N N 13  
ARG N   H    sing N N 14  
ARG N   H2   sing N N 15  
ARG CA  C    sing N N 16  
ARG CA  CB   sing N N 17  
ARG CA  HA   sing N N 18  
ARG C   O    doub N N 19  
ARG C   OXT  sing N N 20  
ARG CB  CG   sing N N 21  
ARG CB  HB2  sing N N 22  
ARG CB  HB3  sing N N 23  
ARG CG  CD   sing N N 24  
ARG CG  HG2  sing N N 25  
ARG CG  HG3  sing N N 26  
ARG CD  NE   sing N N 27  
ARG CD  HD2  sing N N 28  
ARG CD  HD3  sing N N 29  
ARG NE  CZ   sing N N 30  
ARG NE  HE   sing N N 31  
ARG CZ  NH1  sing N N 32  
ARG CZ  NH2  doub N N 33  
ARG NH1 HH11 sing N N 34  
ARG NH1 HH12 sing N N 35  
ARG NH2 HH21 sing N N 36  
ARG NH2 HH22 sing N N 37  
ARG OXT HXT  sing N N 38  
ASN N   CA   sing N N 39  
ASN N   H    sing N N 40  
ASN N   H2   sing N N 41  
ASN CA  C    sing N N 42  
ASN CA  CB   sing N N 43  
ASN CA  HA   sing N N 44  
ASN C   O    doub N N 45  
ASN C   OXT  sing N N 46  
ASN CB  CG   sing N N 47  
ASN CB  HB2  sing N N 48  
ASN CB  HB3  sing N N 49  
ASN CG  OD1  doub N N 50  
ASN CG  ND2  sing N N 51  
ASN ND2 HD21 sing N N 52  
ASN ND2 HD22 sing N N 53  
ASN OXT HXT  sing N N 54  
ASP N   CA   sing N N 55  
ASP N   H    sing N N 56  
ASP N   H2   sing N N 57  
ASP CA  C    sing N N 58  
ASP CA  CB   sing N N 59  
ASP CA  HA   sing N N 60  
ASP C   O    doub N N 61  
ASP C   OXT  sing N N 62  
ASP CB  CG   sing N N 63  
ASP CB  HB2  sing N N 64  
ASP CB  HB3  sing N N 65  
ASP CG  OD1  doub N N 66  
ASP CG  OD2  sing N N 67  
ASP OD2 HD2  sing N N 68  
ASP OXT HXT  sing N N 69  
CYS N   CA   sing N N 70  
CYS N   H    sing N N 71  
CYS N   H2   sing N N 72  
CYS CA  C    sing N N 73  
CYS CA  CB   sing N N 74  
CYS CA  HA   sing N N 75  
CYS C   O    doub N N 76  
CYS C   OXT  sing N N 77  
CYS CB  SG   sing N N 78  
CYS CB  HB2  sing N N 79  
CYS CB  HB3  sing N N 80  
CYS SG  HG   sing N N 81  
CYS OXT HXT  sing N N 82  
GLN N   CA   sing N N 83  
GLN N   H    sing N N 84  
GLN N   H2   sing N N 85  
GLN CA  C    sing N N 86  
GLN CA  CB   sing N N 87  
GLN CA  HA   sing N N 88  
GLN C   O    doub N N 89  
GLN C   OXT  sing N N 90  
GLN CB  CG   sing N N 91  
GLN CB  HB2  sing N N 92  
GLN CB  HB3  sing N N 93  
GLN CG  CD   sing N N 94  
GLN CG  HG2  sing N N 95  
GLN CG  HG3  sing N N 96  
GLN CD  OE1  doub N N 97  
GLN CD  NE2  sing N N 98  
GLN NE2 HE21 sing N N 99  
GLN NE2 HE22 sing N N 100 
GLN OXT HXT  sing N N 101 
GLU N   CA   sing N N 102 
GLU N   H    sing N N 103 
GLU N   H2   sing N N 104 
GLU CA  C    sing N N 105 
GLU CA  CB   sing N N 106 
GLU CA  HA   sing N N 107 
GLU C   O    doub N N 108 
GLU C   OXT  sing N N 109 
GLU CB  CG   sing N N 110 
GLU CB  HB2  sing N N 111 
GLU CB  HB3  sing N N 112 
GLU CG  CD   sing N N 113 
GLU CG  HG2  sing N N 114 
GLU CG  HG3  sing N N 115 
GLU CD  OE1  doub N N 116 
GLU CD  OE2  sing N N 117 
GLU OE2 HE2  sing N N 118 
GLU OXT HXT  sing N N 119 
GLY N   CA   sing N N 120 
GLY N   H    sing N N 121 
GLY N   H2   sing N N 122 
GLY CA  C    sing N N 123 
GLY CA  HA2  sing N N 124 
GLY CA  HA3  sing N N 125 
GLY C   O    doub N N 126 
GLY C   OXT  sing N N 127 
GLY OXT HXT  sing N N 128 
HOH O   H1   sing N N 129 
HOH O   H2   sing N N 130 
ILE N   CA   sing N N 131 
ILE N   H    sing N N 132 
ILE N   H2   sing N N 133 
ILE CA  C    sing N N 134 
ILE CA  CB   sing N N 135 
ILE CA  HA   sing N N 136 
ILE C   O    doub N N 137 
ILE C   OXT  sing N N 138 
ILE CB  CG1  sing N N 139 
ILE CB  CG2  sing N N 140 
ILE CB  HB   sing N N 141 
ILE CG1 CD1  sing N N 142 
ILE CG1 HG12 sing N N 143 
ILE CG1 HG13 sing N N 144 
ILE CG2 HG21 sing N N 145 
ILE CG2 HG22 sing N N 146 
ILE CG2 HG23 sing N N 147 
ILE CD1 HD11 sing N N 148 
ILE CD1 HD12 sing N N 149 
ILE CD1 HD13 sing N N 150 
ILE OXT HXT  sing N N 151 
LEU N   CA   sing N N 152 
LEU N   H    sing N N 153 
LEU N   H2   sing N N 154 
LEU CA  C    sing N N 155 
LEU CA  CB   sing N N 156 
LEU CA  HA   sing N N 157 
LEU C   O    doub N N 158 
LEU C   OXT  sing N N 159 
LEU CB  CG   sing N N 160 
LEU CB  HB2  sing N N 161 
LEU CB  HB3  sing N N 162 
LEU CG  CD1  sing N N 163 
LEU CG  CD2  sing N N 164 
LEU CG  HG   sing N N 165 
LEU CD1 HD11 sing N N 166 
LEU CD1 HD12 sing N N 167 
LEU CD1 HD13 sing N N 168 
LEU CD2 HD21 sing N N 169 
LEU CD2 HD22 sing N N 170 
LEU CD2 HD23 sing N N 171 
LEU OXT HXT  sing N N 172 
LYS N   CA   sing N N 173 
LYS N   H    sing N N 174 
LYS N   H2   sing N N 175 
LYS CA  C    sing N N 176 
LYS CA  CB   sing N N 177 
LYS CA  HA   sing N N 178 
LYS C   O    doub N N 179 
LYS C   OXT  sing N N 180 
LYS CB  CG   sing N N 181 
LYS CB  HB2  sing N N 182 
LYS CB  HB3  sing N N 183 
LYS CG  CD   sing N N 184 
LYS CG  HG2  sing N N 185 
LYS CG  HG3  sing N N 186 
LYS CD  CE   sing N N 187 
LYS CD  HD2  sing N N 188 
LYS CD  HD3  sing N N 189 
LYS CE  NZ   sing N N 190 
LYS CE  HE2  sing N N 191 
LYS CE  HE3  sing N N 192 
LYS NZ  HZ1  sing N N 193 
LYS NZ  HZ2  sing N N 194 
LYS NZ  HZ3  sing N N 195 
LYS OXT HXT  sing N N 196 
MET N   CA   sing N N 197 
MET N   H    sing N N 198 
MET N   H2   sing N N 199 
MET CA  C    sing N N 200 
MET CA  CB   sing N N 201 
MET CA  HA   sing N N 202 
MET C   O    doub N N 203 
MET C   OXT  sing N N 204 
MET CB  CG   sing N N 205 
MET CB  HB2  sing N N 206 
MET CB  HB3  sing N N 207 
MET CG  SD   sing N N 208 
MET CG  HG2  sing N N 209 
MET CG  HG3  sing N N 210 
MET SD  CE   sing N N 211 
MET CE  HE1  sing N N 212 
MET CE  HE2  sing N N 213 
MET CE  HE3  sing N N 214 
MET OXT HXT  sing N N 215 
PG5 C1  O1   sing N N 216 
PG5 C1  H11  sing N N 217 
PG5 C1  H12  sing N N 218 
PG5 C1  H13  sing N N 219 
PG5 O1  C2   sing N N 220 
PG5 C2  C3   sing N N 221 
PG5 C2  H21  sing N N 222 
PG5 C2  H22  sing N N 223 
PG5 C3  O2   sing N N 224 
PG5 C3  H31  sing N N 225 
PG5 C3  H32  sing N N 226 
PG5 O2  C4   sing N N 227 
PG5 C4  C5   sing N N 228 
PG5 C4  H41  sing N N 229 
PG5 C4  H42  sing N N 230 
PG5 C5  O3   sing N N 231 
PG5 C5  H51  sing N N 232 
PG5 C5  H52  sing N N 233 
PG5 O3  C6   sing N N 234 
PG5 C6  C7   sing N N 235 
PG5 C6  H61  sing N N 236 
PG5 C6  H62  sing N N 237 
PG5 C7  O4   sing N N 238 
PG5 C7  H71  sing N N 239 
PG5 C7  H72  sing N N 240 
PG5 O4  C8   sing N N 241 
PG5 C8  H81  sing N N 242 
PG5 C8  H82  sing N N 243 
PG5 C8  H83  sing N N 244 
PG6 C1  O1   sing N N 245 
PG6 C1  H11  sing N N 246 
PG6 C1  H12  sing N N 247 
PG6 C1  H13  sing N N 248 
PG6 O1  C2   sing N N 249 
PG6 C2  C3   sing N N 250 
PG6 C2  H21  sing N N 251 
PG6 C2  H22  sing N N 252 
PG6 C3  O2   sing N N 253 
PG6 C3  H31  sing N N 254 
PG6 C3  H32  sing N N 255 
PG6 O2  C4   sing N N 256 
PG6 C4  C5   sing N N 257 
PG6 C4  H41  sing N N 258 
PG6 C4  H42  sing N N 259 
PG6 C5  O3   sing N N 260 
PG6 C5  H51  sing N N 261 
PG6 C5  H52  sing N N 262 
PG6 O3  C6   sing N N 263 
PG6 C6  C7   sing N N 264 
PG6 C6  H61  sing N N 265 
PG6 C6  H62  sing N N 266 
PG6 C7  O4   sing N N 267 
PG6 C7  H71  sing N N 268 
PG6 C7  H72  sing N N 269 
PG6 O4  C8   sing N N 270 
PG6 C8  C9   sing N N 271 
PG6 C8  H81  sing N N 272 
PG6 C8  H82  sing N N 273 
PG6 C9  O5   sing N N 274 
PG6 C9  H91  sing N N 275 
PG6 C9  H92  sing N N 276 
PG6 O5  C10  sing N N 277 
PG6 C10 C11  sing N N 278 
PG6 C10 H101 sing N N 279 
PG6 C10 H102 sing N N 280 
PG6 C11 O6   sing N N 281 
PG6 C11 H111 sing N N 282 
PG6 C11 H112 sing N N 283 
PG6 O6  C12  sing N N 284 
PG6 C12 H121 sing N N 285 
PG6 C12 H122 sing N N 286 
PG6 C12 H123 sing N N 287 
PHE N   CA   sing N N 288 
PHE N   H    sing N N 289 
PHE N   H2   sing N N 290 
PHE CA  C    sing N N 291 
PHE CA  CB   sing N N 292 
PHE CA  HA   sing N N 293 
PHE C   O    doub N N 294 
PHE C   OXT  sing N N 295 
PHE CB  CG   sing N N 296 
PHE CB  HB2  sing N N 297 
PHE CB  HB3  sing N N 298 
PHE CG  CD1  doub Y N 299 
PHE CG  CD2  sing Y N 300 
PHE CD1 CE1  sing Y N 301 
PHE CD1 HD1  sing N N 302 
PHE CD2 CE2  doub Y N 303 
PHE CD2 HD2  sing N N 304 
PHE CE1 CZ   doub Y N 305 
PHE CE1 HE1  sing N N 306 
PHE CE2 CZ   sing Y N 307 
PHE CE2 HE2  sing N N 308 
PHE CZ  HZ   sing N N 309 
PHE OXT HXT  sing N N 310 
PRO N   CA   sing N N 311 
PRO N   CD   sing N N 312 
PRO N   H    sing N N 313 
PRO CA  C    sing N N 314 
PRO CA  CB   sing N N 315 
PRO CA  HA   sing N N 316 
PRO C   O    doub N N 317 
PRO C   OXT  sing N N 318 
PRO CB  CG   sing N N 319 
PRO CB  HB2  sing N N 320 
PRO CB  HB3  sing N N 321 
PRO CG  CD   sing N N 322 
PRO CG  HG2  sing N N 323 
PRO CG  HG3  sing N N 324 
PRO CD  HD2  sing N N 325 
PRO CD  HD3  sing N N 326 
PRO OXT HXT  sing N N 327 
SER N   CA   sing N N 328 
SER N   H    sing N N 329 
SER N   H2   sing N N 330 
SER CA  C    sing N N 331 
SER CA  CB   sing N N 332 
SER CA  HA   sing N N 333 
SER C   O    doub N N 334 
SER C   OXT  sing N N 335 
SER CB  OG   sing N N 336 
SER CB  HB2  sing N N 337 
SER CB  HB3  sing N N 338 
SER OG  HG   sing N N 339 
SER OXT HXT  sing N N 340 
SO4 S   O1   doub N N 341 
SO4 S   O2   doub N N 342 
SO4 S   O3   sing N N 343 
SO4 S   O4   sing N N 344 
THR N   CA   sing N N 345 
THR N   H    sing N N 346 
THR N   H2   sing N N 347 
THR CA  C    sing N N 348 
THR CA  CB   sing N N 349 
THR CA  HA   sing N N 350 
THR C   O    doub N N 351 
THR C   OXT  sing N N 352 
THR CB  OG1  sing N N 353 
THR CB  CG2  sing N N 354 
THR CB  HB   sing N N 355 
THR OG1 HG1  sing N N 356 
THR CG2 HG21 sing N N 357 
THR CG2 HG22 sing N N 358 
THR CG2 HG23 sing N N 359 
THR OXT HXT  sing N N 360 
TRP N   CA   sing N N 361 
TRP N   H    sing N N 362 
TRP N   H2   sing N N 363 
TRP CA  C    sing N N 364 
TRP CA  CB   sing N N 365 
TRP CA  HA   sing N N 366 
TRP C   O    doub N N 367 
TRP C   OXT  sing N N 368 
TRP CB  CG   sing N N 369 
TRP CB  HB2  sing N N 370 
TRP CB  HB3  sing N N 371 
TRP CG  CD1  doub Y N 372 
TRP CG  CD2  sing Y N 373 
TRP CD1 NE1  sing Y N 374 
TRP CD1 HD1  sing N N 375 
TRP CD2 CE2  doub Y N 376 
TRP CD2 CE3  sing Y N 377 
TRP NE1 CE2  sing Y N 378 
TRP NE1 HE1  sing N N 379 
TRP CE2 CZ2  sing Y N 380 
TRP CE3 CZ3  doub Y N 381 
TRP CE3 HE3  sing N N 382 
TRP CZ2 CH2  doub Y N 383 
TRP CZ2 HZ2  sing N N 384 
TRP CZ3 CH2  sing Y N 385 
TRP CZ3 HZ3  sing N N 386 
TRP CH2 HH2  sing N N 387 
TRP OXT HXT  sing N N 388 
TYR N   CA   sing N N 389 
TYR N   H    sing N N 390 
TYR N   H2   sing N N 391 
TYR CA  C    sing N N 392 
TYR CA  CB   sing N N 393 
TYR CA  HA   sing N N 394 
TYR C   O    doub N N 395 
TYR C   OXT  sing N N 396 
TYR CB  CG   sing N N 397 
TYR CB  HB2  sing N N 398 
TYR CB  HB3  sing N N 399 
TYR CG  CD1  doub Y N 400 
TYR CG  CD2  sing Y N 401 
TYR CD1 CE1  sing Y N 402 
TYR CD1 HD1  sing N N 403 
TYR CD2 CE2  doub Y N 404 
TYR CD2 HD2  sing N N 405 
TYR CE1 CZ   doub Y N 406 
TYR CE1 HE1  sing N N 407 
TYR CE2 CZ   sing Y N 408 
TYR CE2 HE2  sing N N 409 
TYR CZ  OH   sing N N 410 
TYR OH  HH   sing N N 411 
TYR OXT HXT  sing N N 412 
VAL N   CA   sing N N 413 
VAL N   H    sing N N 414 
VAL N   H2   sing N N 415 
VAL CA  C    sing N N 416 
VAL CA  CB   sing N N 417 
VAL CA  HA   sing N N 418 
VAL C   O    doub N N 419 
VAL C   OXT  sing N N 420 
VAL CB  CG1  sing N N 421 
VAL CB  CG2  sing N N 422 
VAL CB  HB   sing N N 423 
VAL CG1 HG11 sing N N 424 
VAL CG1 HG12 sing N N 425 
VAL CG1 HG13 sing N N 426 
VAL CG2 HG21 sing N N 427 
VAL CG2 HG22 sing N N 428 
VAL CG2 HG23 sing N N 429 
VAL OXT HXT  sing N N 430 
# 
_pdbx_audit_support.funding_organization   'Howard Hughes Medical Institute (HHMI)' 
_pdbx_audit_support.country                'United States' 
_pdbx_audit_support.grant_number           ? 
_pdbx_audit_support.ordinal                1 
# 
_pdbx_initial_refinement_model.id               1 
_pdbx_initial_refinement_model.entity_id_list   ? 
_pdbx_initial_refinement_model.type             other 
_pdbx_initial_refinement_model.source_name      Other 
_pdbx_initial_refinement_model.accession_code   ? 
_pdbx_initial_refinement_model.details          'De no vo designed model' 
# 
_space_group.name_H-M_alt     'P 31 2 1' 
_space_group.name_Hall        
;P 31 2"
;
_space_group.IT_number        152 
_space_group.crystal_system   trigonal 
_space_group.id               1 
# 
_atom_sites.entry_id                    8UTK 
_atom_sites.Cartn_transf_matrix[1][1]   ? 
_atom_sites.Cartn_transf_matrix[1][2]   ? 
_atom_sites.Cartn_transf_matrix[1][3]   ? 
_atom_sites.Cartn_transf_matrix[2][1]   ? 
_atom_sites.Cartn_transf_matrix[2][2]   ? 
_atom_sites.Cartn_transf_matrix[2][3]   ? 
_atom_sites.Cartn_transf_matrix[3][1]   ? 
_atom_sites.Cartn_transf_matrix[3][2]   ? 
_atom_sites.Cartn_transf_matrix[3][3]   ? 
_atom_sites.Cartn_transf_vector[1]      ? 
_atom_sites.Cartn_transf_vector[2]      ? 
_atom_sites.Cartn_transf_vector[3]      ? 
_atom_sites.Cartn_transform_axes        ? 
_atom_sites.fract_transf_matrix[1][1]   0.02004429 
_atom_sites.fract_transf_matrix[1][2]   0.00116645 
_atom_sites.fract_transf_matrix[1][3]   -0.00557488 
_atom_sites.fract_transf_matrix[2][1]   0.00659240 
_atom_sites.fract_transf_matrix[2][2]   -0.00963876 
_atom_sites.fract_transf_matrix[2][3]   -0.01725853 
_atom_sites.fract_transf_matrix[3][1]   -0.00228842 
_atom_sites.fract_transf_matrix[3][2]   0.00957866 
_atom_sites.fract_transf_matrix[3][3]   -0.00622374 
_atom_sites.fract_transf_vector[1]      0.227503 
_atom_sites.fract_transf_vector[2]      -0.500175 
_atom_sites.fract_transf_vector[3]      0.028447 
_atom_sites.solution_primary            ? 
_atom_sites.solution_secondary          ? 
_atom_sites.solution_hydrogens          ? 
_atom_sites.special_details             ? 
# 
loop_
_atom_type.symbol 
_atom_type.scat_dispersion_real 
_atom_type.scat_dispersion_imag 
_atom_type.scat_Cromer_Mann_a1 
_atom_type.scat_Cromer_Mann_a2 
_atom_type.scat_Cromer_Mann_a3 
_atom_type.scat_Cromer_Mann_a4 
_atom_type.scat_Cromer_Mann_b1 
_atom_type.scat_Cromer_Mann_b2 
_atom_type.scat_Cromer_Mann_b3 
_atom_type.scat_Cromer_Mann_b4 
_atom_type.scat_Cromer_Mann_c 
_atom_type.scat_source 
_atom_type.scat_dispersion_source 
C ? ? 3.54356 2.42580 ? ? 25.62398 1.50364  ? ? 0.0 
;2-Gaussian fit: Grosse-Kunstleve RW, Sauter NK, Adams PD: Newsletter of the IUCr Commission on Crystallographic Computing 2004, 3, 22-31.
;
? 
N ? ? 4.01032 2.96436 ? ? 19.97189 1.75589  ? ? 0.0 
;2-Gaussian fit: Grosse-Kunstleve RW, Sauter NK, Adams PD: Newsletter of the IUCr Commission on Crystallographic Computing 2004, 3, 22-31.
;
? 
O ? ? 4.49882 3.47563 ? ? 15.80542 1.70748  ? ? 0.0 
;2-Gaussian fit: Grosse-Kunstleve RW, Sauter NK, Adams PD: Newsletter of the IUCr Commission on Crystallographic Computing 2004, 3, 22-31.
;
? 
S ? ? 9.55732 6.39887 ? ? 1.23737  29.19336 ? ? 0.0 
;2-Gaussian fit: Grosse-Kunstleve RW, Sauter NK, Adams PD: Newsletter of the IUCr Commission on Crystallographic Computing 2004, 3, 22-31.
;
? 
# 
loop_
_atom_site.group_PDB 
_atom_site.id 
_atom_site.type_symbol 
_atom_site.label_atom_id 
_atom_site.label_alt_id 
_atom_site.label_comp_id 
_atom_site.label_asym_id 
_atom_site.label_entity_id 
_atom_site.label_seq_id 
_atom_site.pdbx_PDB_ins_code 
_atom_site.Cartn_x 
_atom_site.Cartn_y 
_atom_site.Cartn_z 
_atom_site.occupancy 
_atom_site.B_iso_or_equiv 
_atom_site.pdbx_formal_charge 
_atom_site.auth_seq_id 
_atom_site.auth_comp_id 
_atom_site.auth_asym_id 
_atom_site.auth_atom_id 
_atom_site.pdbx_PDB_model_num 
ATOM   1   N N   . PRO A 1 2  ? 8.84532   -4.87940  3.01851   1.000 31.98174  ? 2   PRO A N   1 
ATOM   2   C CA  . PRO A 1 2  ? 8.12878   -4.05872  4.00895   1.000 39.02170  ? 2   PRO A CA  1 
ATOM   3   C C   . PRO A 1 2  ? 7.41623   -2.89950  3.31226   1.000 33.19686  ? 2   PRO A C   1 
ATOM   4   O O   . PRO A 1 2  ? 8.08057   -1.99796  2.80248   1.000 35.10613  ? 2   PRO A O   1 
ATOM   5   C CB  . PRO A 1 2  ? 9.23080   -3.54129  4.93284   1.000 34.00421  ? 2   PRO A CB  1 
ATOM   6   C CG  . PRO A 1 2  ? 10.46165  -4.30411  4.56189   1.000 49.44181  ? 2   PRO A CG  1 
ATOM   7   C CD  . PRO A 1 2  ? 10.29944  -4.73378  3.12947   1.000 44.52603  ? 2   PRO A CD  1 
ATOM   8   N N   . LEU A 1 3  ? 6.08376   -2.91584  3.30705   1.000 32.08344  ? 3   LEU A N   1 
ATOM   9   C CA  . LEU A 1 3  ? 5.33807   -2.11007  2.34020   1.000 39.69263  ? 3   LEU A CA  1 
ATOM   10  C C   . LEU A 1 3  ? 5.64260   -0.61833  2.47523   1.000 26.97443  ? 3   LEU A C   1 
ATOM   11  O O   . LEU A 1 3  ? 5.84228   0.07114   1.47325   1.000 33.09641  ? 3   LEU A O   1 
ATOM   12  C CB  . LEU A 1 3  ? 3.83722   -2.37266  2.47890   1.000 40.16082  ? 3   LEU A CB  1 
ATOM   13  C CG  . LEU A 1 3  ? 2.99609   -1.87530  1.29353   1.000 40.93472  ? 3   LEU A CG  1 
ATOM   14  C CD1 . LEU A 1 3  ? 3.64019   -2.30081  -0.02907  1.000 37.82605  ? 3   LEU A CD1 1 
ATOM   15  C CD2 . LEU A 1 3  ? 1.55585   -2.37167  1.37416   1.000 39.82881  ? 3   LEU A CD2 1 
ATOM   16  N N   . TRP A 1 4  ? 5.67840   -0.09490  3.70488   1.000 34.28111  ? 4   TRP A N   1 
ATOM   17  C CA  . TRP A 1 4  ? 5.87858   1.34638   3.86089   1.000 34.63955  ? 4   TRP A CA  1 
ATOM   18  C C   . TRP A 1 4  ? 7.27554   1.76975   3.41452   1.000 36.63215  ? 4   TRP A C   1 
ATOM   19  O O   . TRP A 1 4  ? 7.45589   2.89386   2.93785   1.000 28.47670  ? 4   TRP A O   1 
ATOM   20  C CB  . TRP A 1 4  ? 5.63560   1.76575   5.31135   1.000 35.70326  ? 4   TRP A CB  1 
ATOM   21  C CG  . TRP A 1 4  ? 6.59583   1.09953   6.22338   1.000 51.47119  ? 4   TRP A CG  1 
ATOM   22  C CD1 . TRP A 1 4  ? 6.43312   -0.09901  6.86167   1.000 57.19105  ? 4   TRP A CD1 1 
ATOM   23  C CD2 . TRP A 1 4  ? 7.90672   1.56136   6.55834   1.000 59.77274  ? 4   TRP A CD2 1 
ATOM   24  N NE1 . TRP A 1 4  ? 7.56018   -0.39875  7.59114   1.000 63.36677  ? 4   TRP A NE1 1 
ATOM   25  C CE2 . TRP A 1 4  ? 8.47988   0.60381   7.42187   1.000 57.01819  ? 4   TRP A CE2 1 
ATOM   26  C CE3 . TRP A 1 4  ? 8.64859   2.69901   6.22070   1.000 58.94948  ? 4   TRP A CE3 1 
ATOM   27  C CZ2 . TRP A 1 4  ? 9.75976   0.75212   7.95520   1.000 57.16198  ? 4   TRP A CZ2 1 
ATOM   28  C CZ3 . TRP A 1 4  ? 9.92327   2.84076   6.74672   1.000 67.00248  ? 4   TRP A CZ3 1 
ATOM   29  C CH2 . TRP A 1 4  ? 10.46354  1.87646   7.60572   1.000 49.19584  ? 4   TRP A CH2 1 
ATOM   30  N N   . GLN A 1 5  ? 8.26713   0.88280   3.55216   1.000 33.44385  ? 5   GLN A N   1 
ATOM   31  C CA  . GLN A 1 5  ? 9.62541   1.19732   3.11899   1.000 32.07421  ? 5   GLN A CA  1 
ATOM   32  C C   . GLN A 1 5  ? 9.72527   1.18897   1.59489   1.000 34.74227  ? 5   GLN A C   1 
ATOM   33  O O   . GLN A 1 5  ? 10.46413  1.98622   1.00368   1.000 27.05974  ? 5   GLN A O   1 
ATOM   34  C CB  . GLN A 1 5  ? 10.59837  0.19649   3.76010   1.000 27.50084  ? 5   GLN A CB  1 
ATOM   35  C CG  . GLN A 1 5  ? 12.05579  0.24935   3.31399   1.000 25.54035  ? 5   GLN A CG  1 
ATOM   36  C CD  . GLN A 1 5  ? 12.76254  1.54909   3.68830   1.000 29.53175  ? 5   GLN A CD  1 
ATOM   37  O OE1 . GLN A 1 5  ? 12.20877  2.39288   4.38315   1.000 30.92713  ? 5   GLN A OE1 1 
ATOM   38  N NE2 . GLN A 1 5  ? 13.98446  1.71798   3.19712   1.000 33.44531  ? 5   GLN A NE2 1 
ATOM   39  N N   . VAL A 1 6  ? 8.99296   0.28995   0.94030   1.000 24.60777  ? 6   VAL A N   1 
ATOM   40  C CA  . VAL A 1 6  ? 8.93080   0.30694   -0.52094  1.000 29.19312  ? 6   VAL A CA  1 
ATOM   41  C C   . VAL A 1 6  ? 8.39835   1.65093   -1.00491  1.000 28.91444  ? 6   VAL A C   1 
ATOM   42  O O   . VAL A 1 6  ? 8.94660   2.27705   -1.92119  1.000 27.29245  ? 6   VAL A O   1 
ATOM   43  C CB  . VAL A 1 6  ? 8.06673   -0.85558  -1.03948  1.000 23.52607  ? 6   VAL A CB  1 
ATOM   44  C CG1 . VAL A 1 6  ? 7.87600   -0.73290  -2.56478  1.000 25.21444  ? 6   VAL A CG1 1 
ATOM   45  C CG2 . VAL A 1 6  ? 8.69813   -2.19445  -0.70369  1.000 30.97610  ? 6   VAL A CG2 1 
ATOM   46  N N   . PHE A 1 7  ? 7.32515   2.12250   -0.38940  1.000 26.76659  ? 7   PHE A N   1 
ATOM   47  C CA  . PHE A 1 7  ? 6.79660   3.40633   -0.81069  1.000 29.36839  ? 7   PHE A CA  1 
ATOM   48  C C   . PHE A 1 7  ? 7.71279   4.54418   -0.43032  1.000 38.54507  ? 7   PHE A C   1 
ATOM   49  O O   . PHE A 1 7  ? 7.83072   5.51001   -1.19658  1.000 26.28798  ? 7   PHE A O   1 
ATOM   50  C CB  . PHE A 1 7  ? 5.39433   3.59849   -0.26501  1.000 29.31371  ? 7   PHE A CB  1 
ATOM   51  C CG  . PHE A 1 7  ? 4.36975   3.03269   -1.18709  1.000 30.41062  ? 7   PHE A CG  1 
ATOM   52  C CD1 . PHE A 1 7  ? 3.97946   3.73841   -2.30872  1.000 38.79307  ? 7   PHE A CD1 1 
ATOM   53  C CD2 . PHE A 1 7  ? 3.88351   1.76753   -1.00216  1.000 28.24945  ? 7   PHE A CD2 1 
ATOM   54  C CE1 . PHE A 1 7  ? 3.06547   3.19853   -3.20217  1.000 40.67330  ? 7   PHE A CE1 1 
ATOM   55  C CE2 . PHE A 1 7  ? 2.96697   1.21583   -1.89910  1.000 38.49602  ? 7   PHE A CE2 1 
ATOM   56  C CZ  . PHE A 1 7  ? 2.56222   1.93463   -2.99275  1.000 34.20969  ? 7   PHE A CZ  1 
ATOM   57  N N   . TYR A 1 8  ? 8.40159   4.43539   0.70875   1.000 28.57108  ? 8   TYR A N   1 
ATOM   58  C CA  . TYR A 1 8  ? 9.36270   5.47251   1.05404   1.000 24.94535  ? 8   TYR A CA  1 
ATOM   59  C C   . TYR A 1 8  ? 10.40647  5.61667   -0.04144  1.000 22.08980  ? 8   TYR A C   1 
ATOM   60  O O   . TYR A 1 8  ? 10.72958  6.73276   -0.46236  1.000 23.61759  ? 8   TYR A O   1 
ATOM   61  C CB  . TYR A 1 8  ? 10.04983  5.16743   2.38610   1.000 25.51884  ? 8   TYR A CB  1 
ATOM   62  C CG  . TYR A 1 8  ? 11.09777  6.21438   2.67858   1.000 34.96517  ? 8   TYR A CG  1 
ATOM   63  C CD1 . TYR A 1 8  ? 10.73622  7.48179   3.12393   1.000 35.25792  ? 8   TYR A CD1 1 
ATOM   64  C CD2 . TYR A 1 8  ? 12.43618  5.95871   2.45537   1.000 34.83513  ? 8   TYR A CD2 1 
ATOM   65  C CE1 . TYR A 1 8  ? 11.68472  8.45180   3.36462   1.000 39.21795  ? 8   TYR A CE1 1 
ATOM   66  C CE2 . TYR A 1 8  ? 13.39439  6.91801   2.69550   1.000 31.86526  ? 8   TYR A CE2 1 
ATOM   67  C CZ  . TYR A 1 8  ? 13.01494  8.16061   3.15654   1.000 40.43147  ? 8   TYR A CZ  1 
ATOM   68  O OH  . TYR A 1 8  ? 13.97901  9.11798   3.38801   1.000 41.58693  ? 8   TYR A OH  1 
ATOM   69  N N   . LEU A 1 9  ? 10.94651  4.48875   -0.51635  1.000 27.79942  ? 9   LEU A N   1 
ATOM   70  C CA  . LEU A 1 9  ? 12.02324  4.53848   -1.50083  1.000 26.64325  ? 9   LEU A CA  1 
ATOM   71  C C   . LEU A 1 9  ? 11.51342  5.03876   -2.84736  1.000 35.83375  ? 9   LEU A C   1 
ATOM   72  O O   . LEU A 1 9  ? 12.17559  5.84687   -3.50977  1.000 29.19998  ? 9   LEU A O   1 
ATOM   73  C CB  . LEU A 1 9  ? 12.66543  3.16139   -1.64665  1.000 23.50467  ? 9   LEU A CB  1 
ATOM   74  C CG  . LEU A 1 9  ? 13.34653  2.56168   -0.40612  1.000 25.20486  ? 9   LEU A CG  1 
ATOM   75  C CD1 . LEU A 1 9  ? 13.72125  1.12517   -0.66614  1.000 22.81036  ? 9   LEU A CD1 1 
ATOM   76  C CD2 . LEU A 1 9  ? 14.55950  3.38123   0.01705   1.000 32.87851  ? 9   LEU A CD2 1 
ATOM   77  N N   . LEU A 1 10 ? 10.33476  4.57493   -3.26346  1.000 28.91409  ? 10  LEU A N   1 
ATOM   78  C CA  . LEU A 1 10 ? 9.73794   5.06570   -4.50689  1.000 25.92186  ? 10  LEU A CA  1 
ATOM   79  C C   . LEU A 1 10 ? 9.40479   6.54369   -4.41049  1.000 30.90236  ? 10  LEU A C   1 
ATOM   80  O O   . LEU A 1 10 ? 9.69420   7.31310   -5.33011  1.000 28.56200  ? 10  LEU A O   1 
ATOM   81  C CB  . LEU A 1 10 ? 8.47698   4.26803   -4.83607  1.000 22.67505  ? 10  LEU A CB  1 
ATOM   82  C CG  . LEU A 1 10 ? 8.72117   2.89811   -5.45411  1.000 26.95525  ? 10  LEU A CG  1 
ATOM   83  C CD1 . LEU A 1 10 ? 7.45706   2.07019   -5.37974  1.000 24.76229  ? 10  LEU A CD1 1 
ATOM   84  C CD2 . LEU A 1 10 ? 9.15500   3.10083   -6.87284  1.000 30.92465  ? 10  LEU A CD2 1 
ATOM   85  N N   . ASN A 1 11 ? 8.77198   6.95918   -3.30965  1.000 24.44896  ? 11  ASN A N   1 
ATOM   86  C CA  . ASN A 1 11 ? 8.38411   8.35562   -3.18816  1.000 24.57751  ? 11  ASN A CA  1 
ATOM   87  C C   . ASN A 1 11 ? 9.59419   9.27704   -3.14208  1.000 25.70475  ? 11  ASN A C   1 
ATOM   88  O O   . ASN A 1 11 ? 9.52323   10.39911  -3.64341  1.000 30.70722  ? 11  ASN A O   1 
ATOM   89  C CB  . ASN A 1 11 ? 7.50943   8.54797   -1.96246  1.000 32.12817  ? 11  ASN A CB  1 
ATOM   90  C CG  . ASN A 1 11 ? 6.15133   7.91654   -2.14706  1.000 39.67247  ? 11  ASN A CG  1 
ATOM   91  O OD1 . ASN A 1 11 ? 5.77471   7.59593   -3.26176  1.000 40.99912  ? 11  ASN A OD1 1 
ATOM   92  N ND2 . ASN A 1 11 ? 5.41708   7.73254   -1.06577  1.000 33.38772  ? 11  ASN A ND2 1 
ATOM   93  N N   . THR A 1 12 ? 10.70200  8.82286   -2.55294  1.000 27.47964  ? 12  THR A N   1 
ATOM   94  C CA  . THR A 1 12 ? 11.93066  9.60994   -2.55515  1.000 26.60720  ? 12  THR A CA  1 
ATOM   95  C C   . THR A 1 12 ? 12.50449  9.70465   -3.95909  1.000 33.10227  ? 12  THR A C   1 
ATOM   96  O O   . THR A 1 12 ? 12.94696  10.77573  -4.38408  1.000 28.58832  ? 12  THR A O   1 
ATOM   97  C CB  . THR A 1 12 ? 12.96305  8.99549   -1.59416  1.000 34.12622  ? 12  THR A CB  1 
ATOM   98  O OG1 . THR A 1 12 ? 12.47099  9.08465   -0.25457  1.000 35.77306  ? 12  THR A OG1 1 
ATOM   99  C CG2 . THR A 1 12 ? 14.30269  9.75013   -1.66854  1.000 30.51971  ? 12  THR A CG2 1 
ATOM   100 N N   . CYS A 1 13 ? 12.50544  8.59148   -4.69339  1.000 34.44031  ? 13  CYS A N   1 
ATOM   101 C CA  . CYS A 1 13 ? 12.98214  8.59850   -6.07645  1.000 36.75463  ? 13  CYS A CA  1 
ATOM   102 C C   . CYS A 1 13 ? 12.15733  9.54909   -6.94830  1.000 32.43474  ? 13  CYS A C   1 
ATOM   103 O O   . CYS A 1 13 ? 12.70899  10.38048  -7.68193  1.000 30.77208  ? 13  CYS A O   1 
ATOM   104 C CB  . CYS A 1 13 ? 12.94607  7.16742   -6.63762  1.000 34.75702  ? 13  CYS A CB  1 
ATOM   105 S SG  . CYS A 1 13 ? 13.18712  7.04584   -8.44608  1.000 49.82431  ? 13  CYS A SG  1 
ATOM   106 N N   . ILE A 1 14 ? 10.82691  9.42790   -6.89221  1.000 28.79791  ? 14  ILE A N   1 
ATOM   107 C CA  . ILE A 1 14 ? 9.94013   10.33643  -7.62497  1.000 27.30348  ? 14  ILE A CA  1 
ATOM   108 C C   . ILE A 1 14 ? 10.19243  11.79173  -7.23060  1.000 37.34917  ? 14  ILE A C   1 
ATOM   109 O O   . ILE A 1 14 ? 10.35892  12.66908  -8.08978  1.000 31.82921  ? 14  ILE A O   1 
ATOM   110 C CB  . ILE A 1 14 ? 8.47460   9.95342   -7.38208  1.000 19.76027  ? 14  ILE A CB  1 
ATOM   111 C CG1 . ILE A 1 14 ? 8.15718   8.58063   -8.00915  1.000 24.06028  ? 14  ILE A CG1 1 
ATOM   112 C CG2 . ILE A 1 14 ? 7.57093   11.03683  -7.93547  1.000 34.24460  ? 14  ILE A CG2 1 
ATOM   113 C CD1 . ILE A 1 14 ? 6.82321   8.00900   -7.54655  1.000 27.21667  ? 14  ILE A CD1 1 
ATOM   114 N N   . LYS A 1 15 ? 10.18818  12.07300  -5.92545  1.000 27.07766  ? 15  LYS A N   1 
ATOM   115 C CA  . LYS A 1 15 ? 10.32868  13.45114  -5.44802  1.000 29.45125  ? 15  LYS A CA  1 
ATOM   116 C C   . LYS A 1 15 ? 11.66841  14.06257  -5.84836  1.000 32.64207  ? 15  LYS A C   1 
ATOM   117 O O   . LYS A 1 15 ? 11.72965  15.22996  -6.25838  1.000 30.58892  ? 15  LYS A O   1 
ATOM   118 C CB  . LYS A 1 15 ? 10.15872  13.48688  -3.93066  1.000 34.35196  ? 15  LYS A CB  1 
ATOM   119 C CG  . LYS A 1 15 ? 10.13902  14.86669  -3.29789  1.000 46.86530  ? 15  LYS A CG  1 
ATOM   120 C CD  . LYS A 1 15 ? 10.20884  14.76007  -1.77028  1.000 49.21269  ? 15  LYS A CD  1 
ATOM   121 C CE  . LYS A 1 15 ? 10.39232  16.11148  -1.07546  1.000 71.67594  ? 15  LYS A CE  1 
ATOM   122 N NZ  . LYS A 1 15 ? 9.14337   16.92994  -1.02859  1.000 61.04810  ? 15  LYS A NZ  1 
ATOM   123 N N   . ARG A 1 16 ? 12.75162  13.29097  -5.75892  1.000 34.28314  ? 16  ARG A N   1 
ATOM   124 C CA  . ARG A 1 16 ? 14.08027  13.86129  -5.96119  1.000 32.09784  ? 16  ARG A CA  1 
ATOM   125 C C   . ARG A 1 16 ? 14.48989  13.92620  -7.43643  1.000 39.36719  ? 16  ARG A C   1 
ATOM   126 O O   . ARG A 1 16 ? 15.16399  14.87642  -7.84688  1.000 41.94133  ? 16  ARG A O   1 
ATOM   127 C CB  . ARG A 1 16 ? 15.11498  13.07583  -5.15244  1.000 40.97030  ? 16  ARG A CB  1 
ATOM   128 C CG  . ARG A 1 16 ? 15.16321  13.43116  -3.66203  1.000 44.61869  ? 16  ARG A CG  1 
ATOM   129 C CD  . ARG A 1 16 ? 16.26903  12.63925  -2.92608  1.000 52.72704  ? 16  ARG A CD  1 
ATOM   130 N NE  . ARG A 1 16 ? 16.35106  12.95195  -1.49822  1.000 52.38801  ? 16  ARG A NE  1 
ATOM   131 C CZ  . ARG A 1 16 ? 17.00411  12.21942  -0.60026  1.000 82.05285  ? 16  ARG A CZ  1 
ATOM   132 N NH1 . ARG A 1 16 ? 17.62884  11.10070  -0.93842  1.000 70.44547  ? 16  ARG A NH1 1 
ATOM   133 N NH2 . ARG A 1 16 ? 17.02627  12.61507  0.67213   1.000 65.83718  ? 16  ARG A NH2 1 
ATOM   134 N N   . THR A 1 17 ? 14.10145  12.94904  -8.25494  1.000 27.60269  ? 17  THR A N   1 
ATOM   135 C CA  . THR A 1 17 ? 14.56259  12.88813  -9.63209  1.000 28.63689  ? 17  THR A CA  1 
ATOM   136 C C   . THR A 1 17 ? 13.45917  12.91927  -10.67680 1.000 32.76944  ? 17  THR A C   1 
ATOM   137 O O   . THR A 1 17 ? 13.77868  12.94541  -11.87036 1.000 36.47156  ? 17  THR A O   1 
ATOM   138 C CB  . THR A 1 17 ? 15.39105  11.61869  -9.87667  1.000 37.09490  ? 17  THR A CB  1 
ATOM   139 O OG1 . THR A 1 17 ? 14.51029  10.47960  -9.91907  1.000 39.79388  ? 17  THR A OG1 1 
ATOM   140 C CG2 . THR A 1 17 ? 16.43963  11.43490  -8.78454  1.000 48.05992  ? 17  THR A CG2 1 
ATOM   141 N N   . GLY A 1 18 ? 12.19034  12.88020  -10.28103 1.000 38.20235  ? 18  GLY A N   1 
ATOM   142 C CA  . GLY A 1 18 ? 11.10757  12.80309  -11.24643 1.000 31.71720  ? 18  GLY A CA  1 
ATOM   143 C C   . GLY A 1 18 ? 11.13344  11.58110  -12.13559 1.000 36.70390  ? 18  GLY A C   1 
ATOM   144 O O   . GLY A 1 18 ? 10.47986  11.57501  -13.17934 1.000 35.81723  ? 18  GLY A O   1 
ATOM   145 N N   . ASP A 1 19 ? 11.85878  10.54040  -11.74739 1.000 31.08666  ? 19  ASP A N   1 
ATOM   146 C CA  . ASP A 1 19 ? 12.04896  9.38026   -12.61124 1.000 31.94193  ? 19  ASP A CA  1 
ATOM   147 C C   . ASP A 1 19 ? 10.70765  8.76365   -13.00864 1.000 43.95913  ? 19  ASP A C   1 
ATOM   148 O O   . ASP A 1 19 ? 9.89739   8.43171   -12.13267 1.000 34.05441  ? 19  ASP A O   1 
ATOM   149 C CB  . ASP A 1 19 ? 12.91600  8.35004   -11.89023 1.000 41.60591  ? 19  ASP A CB  1 
ATOM   150 C CG  . ASP A 1 19 ? 13.30020  7.19334   -12.77073 1.000 43.44282  ? 19  ASP A CG  1 
ATOM   151 O OD1 . ASP A 1 19 ? 12.47080  6.27617   -12.94222 1.000 47.11037  ? 19  ASP A OD1 1 
ATOM   152 O OD2 . ASP A 1 19 ? 14.42320  7.21093   -13.30919 1.000 52.49492  ? 19  ASP A OD2 1 
ATOM   153 N N   . PRO A 1 20 ? 10.43272  8.59351   -14.30340 1.000 42.80372  ? 20  PRO A N   1 
ATOM   154 C CA  . PRO A 1 20 ? 9.10345   8.10132   -14.70625 1.000 37.33926  ? 20  PRO A CA  1 
ATOM   155 C C   . PRO A 1 20 ? 8.84482   6.63735   -14.36217 1.000 34.39656  ? 20  PRO A C   1 
ATOM   156 O O   . PRO A 1 20 ? 7.69315   6.28293   -14.09047 1.000 36.09740  ? 20  PRO A O   1 
ATOM   157 C CB  . PRO A 1 20 ? 9.08445   8.32777   -16.22459 1.000 41.45942  ? 20  PRO A CB  1 
ATOM   158 C CG  . PRO A 1 20 ? 10.23161  9.24166   -16.50967 1.000 44.56575  ? 20  PRO A CG  1 
ATOM   159 C CD  . PRO A 1 20 ? 11.24790  9.01528   -15.45135 1.000 39.52711  ? 20  PRO A CD  1 
ATOM   160 N N   . THR A 1 21 ? 9.86682   5.77673   -14.38346 1.000 31.35901  ? 21  THR A N   1 
ATOM   161 C CA  . THR A 1 21 ? 9.69336   4.37829   -13.99142 1.000 35.17605  ? 21  THR A CA  1 
ATOM   162 C C   . THR A 1 21 ? 9.30447   4.24485   -12.51901 1.000 31.42460  ? 21  THR A C   1 
ATOM   163 O O   . THR A 1 21 ? 8.40050   3.47424   -12.17635 1.000 28.31946  ? 21  THR A O   1 
ATOM   164 C CB  . THR A 1 21 ? 10.98490  3.60818   -14.25631 1.000 49.79284  ? 21  THR A CB  1 
ATOM   165 O OG1 . THR A 1 21 ? 11.35543  3.75116   -15.63231 1.000 49.78313  ? 21  THR A OG1 1 
ATOM   166 C CG2 . THR A 1 21 ? 10.82232  2.11990   -13.89712 1.000 35.12256  ? 21  THR A CG2 1 
ATOM   167 N N   . CYS A 1 22 ? 9.99635   4.96467   -11.63160 1.000 35.05989  ? 22  CYS A N   1 
ATOM   168 C CA  . CYS A 1 22 ? 9.56911   5.04641   -10.23272 1.000 32.83776  ? 22  CYS A CA  1 
ATOM   169 C C   . CYS A 1 22 ? 8.12151   5.51034   -10.12245 1.000 27.64261  ? 22  CYS A C   1 
ATOM   170 O O   . CYS A 1 22 ? 7.34558   4.98053   -9.31314  1.000 26.22984  ? 22  CYS A O   1 
ATOM   171 C CB  . CYS A 1 22 ? 10.47112  6.00600   -9.45284  1.000 25.51483  ? 22  CYS A CB  1 
ATOM   172 S SG  . CYS A 1 22 ? 12.13272  5.36742   -9.06595  1.000 37.61493  ? 22  CYS A SG  1 
ATOM   173 N N   . LYS A 1 23 ? 7.73643   6.50508   -10.92088 1.000 32.55677  ? 23  LYS A N   1 
ATOM   174 C CA  . LYS A 1 23 ? 6.35316   6.94950   -10.86836 1.000 36.98104  ? 23  LYS A CA  1 
ATOM   175 C C   . LYS A 1 23 ? 5.42020   5.83193   -11.30650 1.000 26.83425  ? 23  LYS A C   1 
ATOM   176 O O   . LYS A 1 23 ? 4.39356   5.58931   -10.66158 1.000 25.18139  ? 23  LYS A O   1 
ATOM   177 C CB  . LYS A 1 23 ? 6.15430   8.20321   -11.71681 1.000 33.75513  ? 23  LYS A CB  1 
ATOM   178 C CG  . LYS A 1 23 ? 4.71591   8.70194   -11.64098 1.000 41.64287  ? 23  LYS A CG  1 
ATOM   179 C CD  . LYS A 1 23 ? 4.61569   10.19419  -11.51037 1.000 44.06502  ? 23  LYS A CD  1 
ATOM   180 C CE  . LYS A 1 23 ? 4.78027   10.83724  -12.84300 1.000 44.46636  ? 23  LYS A CE  1 
ATOM   181 N NZ  . LYS A 1 23 ? 4.53672   12.29803  -12.74080 1.000 51.00089  ? 23  LYS A NZ  1 
ATOM   182 N N   . LYS A 1 24 ? 5.80334   5.08468   -12.34764 1.000 29.91230  ? 24  LYS A N   1 
ATOM   183 C CA  . LYS A 1 24 ? 4.93462   4.01624   -12.83739 1.000 30.56044  ? 24  LYS A CA  1 
ATOM   184 C C   . LYS A 1 24 ? 4.92123   2.82720   -11.88410 1.000 30.58267  ? 24  LYS A C   1 
ATOM   185 O O   . LYS A 1 24 ? 3.89518   2.15357   -11.73925 1.000 30.80711  ? 24  LYS A O   1 
ATOM   186 C CB  . LYS A 1 24 ? 5.37547   3.56320   -14.22591 1.000 33.71419  ? 24  LYS A CB  1 
ATOM   187 C CG  . LYS A 1 24 ? 5.04272   4.51440   -15.35386 1.000 45.14990  ? 24  LYS A CG  1 
ATOM   188 C CD  . LYS A 1 24 ? 5.61693   3.96298   -16.64925 1.000 60.30247  ? 24  LYS A CD  1 
ATOM   189 C CE  . LYS A 1 24 ? 5.68578   5.00765   -17.74608 1.000 46.99378  ? 24  LYS A CE  1 
ATOM   190 N NZ  . LYS A 1 24 ? 6.57333   4.56041   -18.85413 1.000 53.82314  ? 24  LYS A NZ  1 
ATOM   191 N N   . LEU A 1 25 ? 6.05326   2.54072   -11.23836 1.000 29.49774  ? 25  LEU A N   1 
ATOM   192 C CA  . LEU A 1 25 ? 6.08594   1.45582   -10.26688 1.000 28.10648  ? 25  LEU A CA  1 
ATOM   193 C C   . LEU A 1 25 ? 5.14334   1.74729   -9.10782  1.000 34.19771  ? 25  LEU A C   1 
ATOM   194 O O   . LEU A 1 25 ? 4.36562   0.88377   -8.69000  1.000 27.24627  ? 25  LEU A O   1 
ATOM   195 C CB  . LEU A 1 25 ? 7.51603   1.24137   -9.77103  1.000 26.57257  ? 25  LEU A CB  1 
ATOM   196 C CG  . LEU A 1 25 ? 8.36679   0.40737   -10.72591 1.000 35.35165  ? 25  LEU A CG  1 
ATOM   197 C CD1 . LEU A 1 25 ? 9.85973   0.52969   -10.38222 1.000 26.54189  ? 25  LEU A CD1 1 
ATOM   198 C CD2 . LEU A 1 25 ? 7.90666   -1.04489  -10.66539 1.000 29.25716  ? 25  LEU A CD2 1 
ATOM   199 N N   . ALA A 1 26 ? 5.18281   2.97431   -8.59446  1.000 22.50285  ? 26  ALA A N   1 
ATOM   200 C CA  . ALA A 1 26 ? 4.37674   3.31304   -7.43035  1.000 27.21292  ? 26  ALA A CA  1 
ATOM   201 C C   . ALA A 1 26 ? 2.89347   3.23788   -7.75237  1.000 36.82964  ? 26  ALA A C   1 
ATOM   202 O O   . ALA A 1 26 ? 2.11791   2.67335   -6.97914  1.000 28.28568  ? 26  ALA A O   1 
ATOM   203 C CB  . ALA A 1 26 ? 4.73950   4.70424   -6.92920  1.000 25.46624  ? 26  ALA A CB  1 
ATOM   204 N N   . LYS A 1 27 ? 2.48013   3.82036   -8.88992  1.000 28.16831  ? 27  LYS A N   1 
ATOM   205 C CA  . LYS A 1 27 ? 1.08051   3.75621   -9.31067  1.000 29.49321  ? 27  LYS A CA  1 
ATOM   206 C C   . LYS A 1 27 ? 0.61503   2.31354   -9.47544  1.000 23.38114  ? 27  LYS A C   1 
ATOM   207 O O   . LYS A 1 27 ? -0.46490  1.93424   -9.00282  1.000 29.95700  ? 27  LYS A O   1 
ATOM   208 C CB  . LYS A 1 27 ? 0.90118   4.53145   -10.62058 1.000 33.60605  ? 27  LYS A CB  1 
ATOM   209 C CG  . LYS A 1 27 ? -0.51779  4.51329   -11.18201 1.000 54.61516  ? 27  LYS A CG  1 
ATOM   210 C CD  . LYS A 1 27 ? -1.49182  5.26809   -10.28835 1.000 69.67317  ? 27  LYS A CD  1 
ATOM   211 C CE  . LYS A 1 27 ? -2.80574  5.54612   -11.00565 1.000 71.55434  ? 27  LYS A CE  1 
ATOM   212 N NZ  . LYS A 1 27 ? -2.58486  6.36098   -12.23753 1.000 86.31391  ? 27  LYS A NZ  1 
ATOM   213 N N   . ALA A 1 28 ? 1.44047   1.48545   -10.12125 1.000 28.92853  ? 28  ALA A N   1 
ATOM   214 C CA  . ALA A 1 28 ? 1.09908   0.08513   -10.33720 1.000 33.40669  ? 28  ALA A CA  1 
ATOM   215 C C   . ALA A 1 28 ? 0.93748   -0.66175  -9.02249  1.000 33.00453  ? 28  ALA A C   1 
ATOM   216 O O   . ALA A 1 28 ? 0.03546   -1.49978  -8.87979  1.000 23.38339  ? 28  ALA A O   1 
ATOM   217 C CB  . ALA A 1 28 ? 2.18242   -0.58330  -11.18451 1.000 35.26457  ? 28  ALA A CB  1 
ATOM   218 N N   . LEU A 1 29 ? 1.82011   -0.39397  -8.05172  1.000 28.62494  ? 29  LEU A N   1 
ATOM   219 C CA  . LEU A 1 29 ? 1.70045   -1.07702  -6.76833  1.000 24.98376  ? 29  LEU A CA  1 
ATOM   220 C C   . LEU A 1 29 ? 0.42240   -0.66041  -6.04659  1.000 29.05663  ? 29  LEU A C   1 
ATOM   221 O O   . LEU A 1 29 ? -0.22493  -1.49275  -5.40193  1.000 29.93443  ? 29  LEU A O   1 
ATOM   222 C CB  . LEU A 1 29 ? 2.93999   -0.79413  -5.92081  1.000 24.05258  ? 29  LEU A CB  1 
ATOM   223 C CG  . LEU A 1 29 ? 3.09855   -1.51072  -4.58363  1.000 39.03537  ? 29  LEU A CG  1 
ATOM   224 C CD1 . LEU A 1 29 ? 2.90120   -3.01535  -4.75533  1.000 34.32115  ? 29  LEU A CD1 1 
ATOM   225 C CD2 . LEU A 1 29 ? 4.49089   -1.19774  -3.98672  1.000 32.63985  ? 29  LEU A CD2 1 
ATOM   226 N N   . ARG A 1 30 ? 0.05341   0.63003   -6.13140  1.000 24.68960  ? 30  ARG A N   1 
ATOM   227 C CA  . ARG A 1 30 ? -1.22278  1.10166   -5.57540  1.000 26.90123  ? 30  ARG A CA  1 
ATOM   228 C C   . ARG A 1 30 ? -2.41750  0.45258   -6.27449  1.000 35.82444  ? 30  ARG A C   1 
ATOM   229 O O   . ARG A 1 30 ? -3.40764  0.08930   -5.62503  1.000 29.01316  ? 30  ARG A O   1 
ATOM   230 C CB  . ARG A 1 30 ? -1.33515  2.62837   -5.70717  1.000 31.88441  ? 30  ARG A CB  1 
ATOM   231 C CG  . ARG A 1 30 ? -0.66684  3.46272   -4.60968  1.000 26.64186  ? 30  ARG A CG  1 
ATOM   232 C CD  . ARG A 1 30 ? -0.40962  4.89914   -5.10910  1.000 44.02756  ? 30  ARG A CD  1 
ATOM   233 N NE  . ARG A 1 30 ? -1.57838  5.48157   -5.76886  1.000 44.19379  ? 30  ARG A NE  1 
ATOM   234 C CZ  . ARG A 1 30 ? -1.51711  6.30763   -6.80883  1.000 60.35550  ? 30  ARG A CZ  1 
ATOM   235 N NH1 . ARG A 1 30 ? -0.35803  6.66494   -7.33953  1.000 49.46983  ? 30  ARG A NH1 1 
ATOM   236 N NH2 . ARG A 1 30 ? -2.64676  6.78151   -7.33559  1.000 62.40504  ? 30  ARG A NH2 1 
ATOM   237 N N   . GLU A 1 31 ? -2.36913  0.33679   -7.60466  1.000 30.65528  ? 31  GLU A N   1 
ATOM   238 C CA  . GLU A 1 31 ? -3.45822  -0.34994  -8.29526  1.000 42.43484  ? 31  GLU A CA  1 
ATOM   239 C C   . GLU A 1 31 ? -3.47373  -1.83138  -7.95020  1.000 34.44689  ? 31  GLU A C   1 
ATOM   240 O O   . GLU A 1 31 ? -4.54577  -2.43484  -7.82684  1.000 36.55523  ? 31  GLU A O   1 
ATOM   241 C CB  . GLU A 1 31 ? -3.34136  -0.15609  -9.80123  1.000 30.87128  ? 31  GLU A CB  1 
ATOM   242 C CG  . GLU A 1 31 ? -3.56741  1.27476   -10.23186 1.000 60.48869  ? 31  GLU A CG  1 
ATOM   243 C CD  . GLU A 1 31 ? -3.29476  1.48766   -11.70892 1.000 88.99930  ? 31  GLU A CD  1 
ATOM   244 O OE1 . GLU A 1 31 ? -2.63007  0.62475   -12.32598 1.000 88.45926  ? 31  GLU A OE1 1 
ATOM   245 O OE2 . GLU A 1 31 ? -3.74761  2.51957   -12.25198 1.000 78.11785  ? 31  GLU A OE2 1 
ATOM   246 N N   . CYS A 1 32 ? -2.29152  -2.43334  -7.78441  1.000 39.47692  ? 32  CYS A N   1 
ATOM   247 C CA  . CYS A 1 32 ? -2.23083  -3.82950  -7.37239  1.000 29.20455  ? 32  CYS A CA  1 
ATOM   248 C C   . CYS A 1 32 ? -2.84085  -4.02676  -5.98444  1.000 37.35210  ? 32  CYS A C   1 
ATOM   249 O O   . CYS A 1 32 ? -3.56823  -4.99788  -5.74820  1.000 34.70985  ? 32  CYS A O   1 
ATOM   250 C CB  . CYS A 1 32 ? -0.78503  -4.31992  -7.39842  1.000 34.50962  ? 32  CYS A CB  1 
ATOM   251 S SG  . CYS A 1 32 ? -0.69400  -6.07636  -7.05602  1.000 43.08899  ? 32  CYS A SG  1 
ATOM   252 N N   . LEU A 1 33 ? -2.54165  -3.13145  -5.04366  1.000 30.68293  ? 33  LEU A N   1 
ATOM   253 C CA  . LEU A 1 33 ? -3.11459  -3.25919  -3.70475  1.000 29.96630  ? 33  LEU A CA  1 
ATOM   254 C C   . LEU A 1 33 ? -4.62847  -3.10952  -3.74371  1.000 29.70626  ? 33  LEU A C   1 
ATOM   255 O O   . LEU A 1 33 ? -5.33257  -3.65778  -2.89198  1.000 41.57251  ? 33  LEU A O   1 
ATOM   256 C CB  . LEU A 1 33 ? -2.51508  -2.20994  -2.77041  1.000 35.49115  ? 33  LEU A CB  1 
ATOM   257 C CG  . LEU A 1 33 ? -1.05222  -2.42490  -2.38692  1.000 39.91186  ? 33  LEU A CG  1 
ATOM   258 C CD1 . LEU A 1 33 ? -0.48576  -1.17404  -1.73532  1.000 32.07938  ? 33  LEU A CD1 1 
ATOM   259 C CD2 . LEU A 1 33 ? -0.95104  -3.60208  -1.46554  1.000 33.52297  ? 33  LEU A CD2 1 
ATOM   260 N N   . LYS A 1 34 ? -5.14063  -2.36136  -4.71584  1.000 25.17613  ? 34  LYS A N   1 
ATOM   261 C CA  . LYS A 1 34 ? -6.58035  -2.17193  -4.80977  1.000 41.93189  ? 34  LYS A CA  1 
ATOM   262 C C   . LYS A 1 34 ? -7.24982  -3.44044  -5.31490  1.000 48.37517  ? 34  LYS A C   1 
ATOM   263 O O   . LYS A 1 34 ? -8.26732  -3.87089  -4.76444  1.000 57.12644  ? 34  LYS A O   1 
ATOM   264 C CB  . LYS A 1 34 ? -6.88189  -0.98042  -5.71980  1.000 32.86785  ? 34  LYS A CB  1 
ATOM   265 C CG  . LYS A 1 34 ? -8.35372  -0.59145  -5.82976  1.000 45.62498  ? 34  LYS A CG  1 
ATOM   266 C CD  . LYS A 1 34 ? -8.51756  0.64419   -6.71878  1.000 48.12737  ? 34  LYS A CD  1 
ATOM   267 C CE  . LYS A 1 34 ? -9.97963  1.08228   -6.82489  1.000 52.51888  ? 34  LYS A CE  1 
ATOM   268 N NZ  . LYS A 1 34 ? -10.16596 2.14190   -7.85134  1.000 60.10492  ? 34  LYS A NZ  1 
ATOM   269 N N   . LYS A 1 35 ? -6.66725  -4.06918  -6.34216  1.000 51.53194  ? 35  LYS A N   1 
ATOM   270 C CA  . LYS A 1 35 ? -7.18217  -5.33769  -6.85275  1.000 58.57707  ? 35  LYS A CA  1 
ATOM   271 C C   . LYS A 1 35 ? -7.03565  -6.46354  -5.83480  1.000 52.96510  ? 35  LYS A C   1 
ATOM   272 O O   . LYS A 1 35 ? -7.85013  -7.39345  -5.82336  1.000 64.76203  ? 35  LYS A O   1 
ATOM   273 C CB  . LYS A 1 35 ? -6.47305  -5.70859  -8.16093  1.000 54.60382  ? 35  LYS A CB  1 
ATOM   274 C CG  . LYS A 1 35 ? -6.91563  -4.88040  -9.37234  1.000 64.76478  ? 35  LYS A CG  1 
ATOM   275 C CD  . LYS A 1 35 ? -6.03798  -5.13665  -10.60613 1.000 75.18824  ? 35  LYS A CD  1 
ATOM   276 C CE  . LYS A 1 35 ? -4.63547  -4.55662  -10.41714 1.000 75.32507  ? 35  LYS A CE  1 
ATOM   277 N NZ  . LYS A 1 35 ? -3.73589  -4.69861  -11.60088 1.000 61.09421  ? 35  LYS A NZ  1 
ATOM   278 N N   . GLY A 1 36 ? -6.00947  -6.41577  -4.99126  1.000 42.34188  ? 36  GLY A N   1 
ATOM   279 C CA  . GLY A 1 36 ? -5.90160  -7.35508  -3.89198  1.000 54.69390  ? 36  GLY A CA  1 
ATOM   280 C C   . GLY A 1 36 ? -5.16050  -8.64365  -4.17444  1.000 73.06330  ? 36  GLY A C   1 
ATOM   281 O O   . GLY A 1 36 ? -5.29141  -9.59735  -3.39535  1.000 77.45267  ? 36  GLY A O   1 
ATOM   282 N N   . ASP A 1 37 ? -4.38835  -8.71591  -5.25951  1.000 61.27420  ? 37  ASP A N   1 
ATOM   283 C CA  . ASP A 1 37 ? -3.54540  -9.88573  -5.51785  1.000 49.75563  ? 37  ASP A CA  1 
ATOM   284 C C   . ASP A 1 37 ? -2.19434  -9.65347  -4.84536  1.000 54.36396  ? 37  ASP A C   1 
ATOM   285 O O   . ASP A 1 37 ? -1.22533  -9.21289  -5.46526  1.000 55.20022  ? 37  ASP A O   1 
ATOM   286 C CB  . ASP A 1 37 ? -3.40220  -10.11594 -7.01616  1.000 66.98418  ? 37  ASP A CB  1 
ATOM   287 C CG  . ASP A 1 37 ? -2.60458  -11.37621 -7.35129  1.000 81.87706  ? 37  ASP A CG  1 
ATOM   288 O OD1 . ASP A 1 37 ? -2.17193  -12.10717 -6.42277  1.000 53.76726  ? 37  ASP A OD1 1 
ATOM   289 O OD2 . ASP A 1 37 ? -2.41327  -11.63230 -8.56208  1.000 82.74291  ? 37  ASP A OD2 1 
ATOM   290 N N   . LEU A 1 38 ? -2.12686  -9.98235  -3.54723  1.000 46.99206  ? 38  LEU A N   1 
ATOM   291 C CA  . LEU A 1 38 ? -0.98903  -9.54095  -2.74442  1.000 46.46582  ? 38  LEU A CA  1 
ATOM   292 C C   . LEU A 1 38 ? 0.28628   -10.30027 -3.08818  1.000 42.56851  ? 38  LEU A C   1 
ATOM   293 O O   . LEU A 1 38 ? 1.38288   -9.74288  -2.97081  1.000 36.63817  ? 38  LEU A O   1 
ATOM   294 C CB  . LEU A 1 38 ? -1.30648  -9.65546  -1.25085  1.000 40.72293  ? 38  LEU A CB  1 
ATOM   295 C CG  . LEU A 1 38 ? -2.39813  -8.69974  -0.74476  1.000 52.33358  ? 38  LEU A CG  1 
ATOM   296 C CD1 . LEU A 1 38 ? -2.46806  -8.73962  0.76415   1.000 51.35660  ? 38  LEU A CD1 1 
ATOM   297 C CD2 . LEU A 1 38 ? -2.17339  -7.27149  -1.22310  1.000 49.84222  ? 38  LEU A CD2 1 
ATOM   298 N N   . LYS A 1 39 ? 0.17735   -11.56103 -3.50556  1.000 39.58533  ? 39  LYS A N   1 
ATOM   299 C CA  . LYS A 1 39 ? 1.33116   -12.22609 -4.10093  1.000 32.14137  ? 39  LYS A CA  1 
ATOM   300 C C   . LYS A 1 39 ? 1.90928   -11.39014 -5.24831  1.000 37.01599  ? 39  LYS A C   1 
ATOM   301 O O   . LYS A 1 39 ? 3.11734   -11.13921 -5.30594  1.000 30.81497  ? 39  LYS A O   1 
ATOM   302 C CB  . LYS A 1 39 ? 0.92769   -13.61694 -4.59535  1.000 40.41052  ? 39  LYS A CB  1 
ATOM   303 C CG  . LYS A 1 39 ? 2.05679   -14.42174 -5.24085  1.000 59.63801  ? 39  LYS A CG  1 
ATOM   304 C CD  . LYS A 1 39 ? 3.17952   -14.73822 -4.26202  1.000 64.41516  ? 39  LYS A CD  1 
ATOM   305 C CE  . LYS A 1 39 ? 4.28289   -15.56481 -4.92514  1.000 61.57719  ? 39  LYS A CE  1 
ATOM   306 N NZ  . LYS A 1 39 ? 3.74655   -16.79242 -5.58139  1.000 66.29263  ? 39  LYS A NZ  1 
ATOM   307 N N   . ALA A 1 40 ? 1.05349   -10.94856 -6.17375  1.000 30.80788  ? 40  ALA A N   1 
ATOM   308 C CA  . ALA A 1 40 ? 1.53072   -10.13919 -7.29425  1.000 32.73184  ? 40  ALA A CA  1 
ATOM   309 C C   . ALA A 1 40 ? 2.07448   -8.79910  -6.81707  1.000 35.27351  ? 40  ALA A C   1 
ATOM   310 O O   . ALA A 1 40 ? 3.13716   -8.36617  -7.27215  1.000 31.02089  ? 40  ALA A O   1 
ATOM   311 C CB  . ALA A 1 40 ? 0.41221   -9.92364  -8.31401  1.000 35.50611  ? 40  ALA A CB  1 
ATOM   312 N N   . CYS A 1 41 ? 1.36641   -8.12899  -5.89811  1.000 26.50230  ? 41  CYS A N   1 
ATOM   313 C CA  . CYS A 1 41 ? 1.85826   -6.85238  -5.38668  1.000 37.33939  ? 41  CYS A CA  1 
ATOM   314 C C   . CYS A 1 41 ? 3.21868   -7.01416  -4.73444  1.000 37.56640  ? 41  CYS A C   1 
ATOM   315 O O   . CYS A 1 41 ? 4.07540   -6.13051  -4.83980  1.000 31.07024  ? 41  CYS A O   1 
ATOM   316 C CB  . CYS A 1 41 ? 0.87344   -6.25384  -4.38637  1.000 40.12221  ? 41  CYS A CB  1 
ATOM   317 S SG  . CYS A 1 41 ? -0.82339  -6.20216  -4.97640  1.000 46.14138  ? 41  CYS A SG  1 
ATOM   318 N N   . ASN A 1 42 ? 3.44272   -8.13767  -4.05778  1.000 31.82891  ? 42  ASN A N   1 
ATOM   319 C CA  . ASN A 1 42 ? 4.75295   -8.34774  -3.45509  1.000 42.46415  ? 42  ASN A CA  1 
ATOM   320 C C   . ASN A 1 42 ? 5.83727   -8.55529  -4.51080  1.000 37.34341  ? 42  ASN A C   1 
ATOM   321 O O   . ASN A 1 42 ? 6.96590   -8.06444  -4.35821  1.000 33.11349  ? 42  ASN A O   1 
ATOM   322 C CB  . ASN A 1 42 ? 4.72471   -9.53262  -2.50693  1.000 45.62206  ? 42  ASN A CB  1 
ATOM   323 C CG  . ASN A 1 42 ? 6.00437   -9.64653  -1.72325  1.000 47.56395  ? 42  ASN A CG  1 
ATOM   324 O OD1 . ASN A 1 42 ? 6.31835   -8.76782  -0.91590  1.000 49.96812  ? 42  ASN A OD1 1 
ATOM   325 N ND2 . ASN A 1 42 ? 6.76599   -10.71088 -1.96445  1.000 51.52721  ? 42  ASN A ND2 1 
ATOM   326 N N   . GLU A 1 43 ? 5.53022   -9.30332  -5.57026  1.000 31.50447  ? 43  GLU A N   1 
ATOM   327 C CA  . GLU A 1 43 ? 6.49870   -9.45966  -6.64997  1.000 36.09787  ? 43  GLU A CA  1 
ATOM   328 C C   . GLU A 1 43 ? 6.83850   -8.11029  -7.26794  1.000 29.46927  ? 43  GLU A C   1 
ATOM   329 O O   . GLU A 1 43 ? 8.00744   -7.80640  -7.51924  1.000 30.51365  ? 43  GLU A O   1 
ATOM   330 C CB  . GLU A 1 43 ? 5.94841   -10.41269 -7.70717  1.000 34.54780  ? 43  GLU A CB  1 
ATOM   331 C CG  . GLU A 1 43 ? 5.72595   -11.79850 -7.17980  1.000 42.25620  ? 43  GLU A CG  1 
ATOM   332 C CD  . GLU A 1 43 ? 7.01411   -12.40061 -6.65301  1.000 56.91110  ? 43  GLU A CD  1 
ATOM   333 O OE1 . GLU A 1 43 ? 8.06843   -12.20415 -7.30088  1.000 56.49291  ? 43  GLU A OE1 1 
ATOM   334 O OE2 . GLU A 1 43 ? 6.97729   -13.05603 -5.58976  1.000 75.56654  ? 43  GLU A OE2 1 
ATOM   335 N N   . LEU A 1 44 ? 5.81230   -7.29282  -7.52356  1.000 27.27974  ? 44  LEU A N   1 
ATOM   336 C CA  . LEU A 1 44 ? 6.00295   -5.93638  -8.03005  1.000 36.89991  ? 44  LEU A CA  1 
ATOM   337 C C   . LEU A 1 44 ? 6.83949   -5.09858  -7.07776  1.000 33.79407  ? 44  LEU A C   1 
ATOM   338 O O   . LEU A 1 44 ? 7.68208   -4.30447  -7.51061  1.000 32.75451  ? 44  LEU A O   1 
ATOM   339 C CB  . LEU A 1 44 ? 4.63810   -5.28705  -8.24741  1.000 29.20810  ? 44  LEU A CB  1 
ATOM   340 C CG  . LEU A 1 44 ? 4.54974   -3.88669  -8.81575  1.000 37.76200  ? 44  LEU A CG  1 
ATOM   341 C CD1 . LEU A 1 44 ? 5.30097   -3.81488  -10.12355 1.000 34.09945  ? 44  LEU A CD1 1 
ATOM   342 C CD2 . LEU A 1 44 ? 3.09389   -3.53051  -9.01671  1.000 32.76012  ? 44  LEU A CD2 1 
ATOM   343 N N   . ALA A 1 45 ? 6.61571   -5.25589  -5.77516  1.000 27.68724  ? 45  ALA A N   1 
ATOM   344 C CA  . ALA A 1 45 ? 7.40245   -4.51740  -4.79402  1.000 34.73805  ? 45  ALA A CA  1 
ATOM   345 C C   . ALA A 1 45 ? 8.88713   -4.84869  -4.91935  1.000 35.11773  ? 45  ALA A C   1 
ATOM   346 O O   . ALA A 1 45 ? 9.73599   -3.95107  -4.92337  1.000 36.23050  ? 45  ALA A O   1 
ATOM   347 C CB  . ALA A 1 45 ? 6.89669   -4.82328  -3.38533  1.000 26.52494  ? 45  ALA A CB  1 
ATOM   348 N N   . ASP A 1 46 ? 9.21630   -6.14041  -5.02158  1.000 37.74010  ? 46  ASP A N   1 
ATOM   349 C CA  . ASP A 1 46 ? 10.60686  -6.55919  -5.20308  1.000 34.77572  ? 46  ASP A CA  1 
ATOM   350 C C   . ASP A 1 46 ? 11.20569  -6.02491  -6.50431  1.000 34.27997  ? 46  ASP A C   1 
ATOM   351 O O   . ASP A 1 46 ? 12.39600  -5.69222  -6.53765  1.000 36.57237  ? 46  ASP A O   1 
ATOM   352 C CB  . ASP A 1 46 ? 10.70507  -8.08919  -5.17457  1.000 35.14942  ? 46  ASP A CB  1 
ATOM   353 C CG  . ASP A 1 46 ? 10.36199  -8.68659  -3.80135  1.000 65.80210  ? 46  ASP A CG  1 
ATOM   354 O OD1 . ASP A 1 46 ? 9.97254   -7.93259  -2.87562  1.000 60.63510  ? 46  ASP A OD1 1 
ATOM   355 O OD2 . ASP A 1 46 ? 10.48556  -9.92201  -3.64869  1.000 86.66728  ? 46  ASP A OD2 1 
ATOM   356 N N   . LYS A 1 47 ? 10.40338  -5.92770  -7.57982  1.000 35.24330  ? 47  LYS A N   1 
ATOM   357 C CA  . LYS A 1 47 ? 10.87983  -5.29028  -8.81381  1.000 31.71240  ? 47  LYS A CA  1 
ATOM   358 C C   . LYS A 1 47 ? 11.15618  -3.80682  -8.60121  1.000 35.27759  ? 47  LYS A C   1 
ATOM   359 O O   . LYS A 1 47 ? 12.11721  -3.25425  -9.15983  1.000 34.12752  ? 47  LYS A O   1 
ATOM   360 C CB  . LYS A 1 47 ? 9.86470   -5.47217  -9.94158  1.000 27.39523  ? 47  LYS A CB  1 
ATOM   361 C CG  . LYS A 1 47 ? 9.70711   -6.89701  -10.45261 1.000 34.76793  ? 47  LYS A CG  1 
ATOM   362 C CD  . LYS A 1 47 ? 10.93925  -7.39214  -11.20062 1.000 41.10466  ? 47  LYS A CD  1 
ATOM   363 C CE  . LYS A 1 47 ? 10.65302  -8.73120  -11.86106 1.000 48.71684  ? 47  LYS A CE  1 
ATOM   364 N NZ  . LYS A 1 47 ? 11.75763  -9.16386  -12.75670 1.000 55.96064  ? 47  LYS A NZ  1 
ATOM   365 N N   . ALA A 1 48 ? 10.31943  -3.13857  -7.81007  1.000 29.12170  ? 48  ALA A N   1 
ATOM   366 C CA  . ALA A 1 48 ? 10.60236  -1.74763  -7.47985  1.000 32.97700  ? 48  ALA A CA  1 
ATOM   367 C C   . ALA A 1 48 ? 11.95650  -1.61372  -6.78369  1.000 41.05075  ? 48  ALA A C   1 
ATOM   368 O O   . ALA A 1 48 ? 12.80416  -0.81554  -7.20180  1.000 42.14339  ? 48  ALA A O   1 
ATOM   369 C CB  . ALA A 1 48 ? 9.48180   -1.16621  -6.61815  1.000 29.27936  ? 48  ALA A CB  1 
ATOM   370 N N   . VAL A 1 49 ? 12.18050  -2.38855  -5.71964  1.000 38.25051  ? 49  VAL A N   1 
ATOM   371 C CA  . VAL A 1 49 ? 13.44251  -2.28728  -4.98565  1.000 41.04020  ? 49  VAL A CA  1 
ATOM   372 C C   . VAL A 1 49 ? 14.62549  -2.61483  -5.89002  1.000 41.32974  ? 49  VAL A C   1 
ATOM   373 O O   . VAL A 1 49 ? 15.69116  -1.99902  -5.78184  1.000 41.51348  ? 49  VAL A O   1 
ATOM   374 C CB  . VAL A 1 49 ? 13.42178  -3.19163  -3.74505  1.000 39.19534  ? 49  VAL A CB  1 
ATOM   375 C CG1 . VAL A 1 49 ? 14.67375  -2.95906  -2.92300  1.000 53.62108  ? 49  VAL A CG1 1 
ATOM   376 C CG2 . VAL A 1 49 ? 12.18715  -2.93242  -2.91913  1.000 43.10701  ? 49  VAL A CG2 1 
ATOM   377 N N   . LYS A 1 50 ? 14.45855  -3.57211  -6.80494  1.000 36.69210  ? 50  LYS A N   1 
ATOM   378 C CA  . LYS A 1 50 ? 15.52190  -3.85771  -7.76688  1.000 37.73564  ? 50  LYS A CA  1 
ATOM   379 C C   . LYS A 1 50 ? 15.83487  -2.63472  -8.62180  1.000 43.72913  ? 50  LYS A C   1 
ATOM   380 O O   . LYS A 1 50 ? 17.00325  -2.27185  -8.80409  1.000 44.22700  ? 50  LYS A O   1 
ATOM   381 C CB  . LYS A 1 50 ? 15.13218  -5.03762  -8.66136  1.000 35.17724  ? 50  LYS A CB  1 
ATOM   382 C CG  . LYS A 1 50 ? 15.17426  -6.39994  -7.99470  1.000 60.00276  ? 50  LYS A CG  1 
ATOM   383 C CD  . LYS A 1 50 ? 16.58718  -6.94906  -7.91703  1.000 72.14896  ? 50  LYS A CD  1 
ATOM   384 C CE  . LYS A 1 50 ? 16.58438  -8.41821  -7.50975  1.000 84.24809  ? 50  LYS A CE  1 
ATOM   385 N NZ  . LYS A 1 50 ? 15.83706  -8.65862  -6.23493  1.000 74.27325  ? 50  LYS A NZ  1 
ATOM   386 N N   . TYR A 1 51 ? 14.79709  -1.99354  -9.17043  1.000 40.58154  ? 51  TYR A N   1 
ATOM   387 C CA  . TYR A 1 51 ? 15.01133  -0.81986  -10.01445 1.000 39.13679  ? 51  TYR A CA  1 
ATOM   388 C C   . TYR A 1 51 ? 15.68861  0.30657   -9.24853  1.000 40.71612  ? 51  TYR A C   1 
ATOM   389 O O   . TYR A 1 51 ? 16.60788  0.94304   -9.76500  1.000 41.68390  ? 51  TYR A O   1 
ATOM   390 C CB  . TYR A 1 51 ? 13.69216  -0.31817  -10.58916 1.000 38.84393  ? 51  TYR A CB  1 
ATOM   391 C CG  . TYR A 1 51 ? 13.86327  0.92669   -11.42532 1.000 46.49070  ? 51  TYR A CG  1 
ATOM   392 C CD1 . TYR A 1 51 ? 14.46511  0.86176   -12.67650 1.000 46.14575  ? 51  TYR A CD1 1 
ATOM   393 C CD2 . TYR A 1 51 ? 13.43318  2.16757   -10.96655 1.000 52.50360  ? 51  TYR A CD2 1 
ATOM   394 C CE1 . TYR A 1 51 ? 14.63314  1.99293   -13.45233 1.000 61.77200  ? 51  TYR A CE1 1 
ATOM   395 C CE2 . TYR A 1 51 ? 13.59624  3.31042   -11.74208 1.000 52.28490  ? 51  TYR A CE2 1 
ATOM   396 C CZ  . TYR A 1 51 ? 14.19776  3.21155   -12.98594 1.000 49.56366  ? 51  TYR A CZ  1 
ATOM   397 O OH  . TYR A 1 51 ? 14.37361  4.32467   -13.76775 1.000 45.71002  ? 51  TYR A OH  1 
ATOM   398 N N   . ILE A 1 52 ? 15.23444  0.58503   -8.02638  1.000 34.10789  ? 52  ILE A N   1 
ATOM   399 C CA  . ILE A 1 52 ? 15.83965  1.66221   -7.24693  1.000 37.94030  ? 52  ILE A CA  1 
ATOM   400 C C   . ILE A 1 52 ? 17.31726  1.38592   -6.97936  1.000 46.60262  ? 52  ILE A C   1 
ATOM   401 O O   . ILE A 1 52 ? 18.15518  2.29398   -7.04231  1.000 49.07123  ? 52  ILE A O   1 
ATOM   402 C CB  . ILE A 1 52 ? 15.05750  1.87515   -5.94394  1.000 34.74882  ? 52  ILE A CB  1 
ATOM   403 C CG1 . ILE A 1 52 ? 13.74823  2.61001   -6.24715  1.000 34.01126  ? 52  ILE A CG1 1 
ATOM   404 C CG2 . ILE A 1 52 ? 15.90481  2.65885   -4.94695  1.000 40.22366  ? 52  ILE A CG2 1 
ATOM   405 C CD1 . ILE A 1 52 ? 12.77683  2.61906   -5.11419  1.000 40.10678  ? 52  ILE A CD1 1 
ATOM   406 N N   . ASN A 1 53 ? 17.66640  0.13712   -6.67901  1.000 46.36207  ? 53  ASN A N   1 
ATOM   407 C CA  . ASN A 1 53 ? 19.07503  -0.18211  -6.45907  1.000 53.39898  ? 53  ASN A CA  1 
ATOM   408 C C   . ASN A 1 53 ? 19.90650  0.04826   -7.71315  1.000 56.36004  ? 53  ASN A C   1 
ATOM   409 O O   . ASN A 1 53 ? 21.04526  0.52008   -7.62648  1.000 61.36278  ? 53  ASN A O   1 
ATOM   410 C CB  . ASN A 1 53 ? 19.21855  -1.62436  -5.98132  1.000 42.24361  ? 53  ASN A CB  1 
ATOM   411 C CG  . ASN A 1 53 ? 18.94081  -1.76938  -4.49931  1.000 68.63992  ? 53  ASN A CG  1 
ATOM   412 O OD1 . ASN A 1 53 ? 19.12713  -0.82627  -3.73084  1.000 69.55513  ? 53  ASN A OD1 1 
ATOM   413 N ND2 . ASN A 1 53 ? 18.50012  -2.95392  -4.08749  1.000 57.70249  ? 53  ASN A ND2 1 
ATOM   414 N N   . SER A 1 54 ? 19.35165  -0.25991  -8.88437  1.000 48.52687  ? 54  SER A N   1 
ATOM   415 C CA  . SER A 1 54 ? 20.07188  -0.04385  -10.13020 1.000 55.76424  ? 54  SER A CA  1 
ATOM   416 C C   . SER A 1 54 ? 20.30132  1.43319   -10.41799 1.000 66.35234  ? 54  SER A C   1 
ATOM   417 O O   . SER A 1 54 ? 21.20333  1.76596   -11.19172 1.000 75.04201  ? 54  SER A O   1 
ATOM   418 C CB  . SER A 1 54 ? 19.31216  -0.68178  -11.29273 1.000 53.02073  ? 54  SER A CB  1 
ATOM   419 O OG  . SER A 1 54 ? 18.19827  0.11631   -11.67363 1.000 57.11787  ? 54  SER A OG  1 
ATOM   420 N N   . LEU A 1 55 ? 19.50308  2.32607   -9.82961  1.000 63.22239  ? 55  LEU A N   1 
ATOM   421 C CA  . LEU A 1 55 ? 19.74328  3.75134   -10.02912 1.000 57.96925  ? 55  LEU A CA  1 
ATOM   422 C C   . LEU A 1 55 ? 20.98974  4.21507   -9.28608  1.000 73.71623  ? 55  LEU A C   1 
ATOM   423 O O   . LEU A 1 55 ? 21.65311  5.16418   -9.71777  1.000 75.32561  ? 55  LEU A O   1 
ATOM   424 C CB  . LEU A 1 55 ? 18.52963  4.56354   -9.57975  1.000 49.81685  ? 55  LEU A CB  1 
ATOM   425 C CG  . LEU A 1 55 ? 17.20611  4.32691   -10.30813 1.000 46.30556  ? 55  LEU A CG  1 
ATOM   426 C CD1 . LEU A 1 55 ? 16.13931  5.28085   -9.78336  1.000 55.48727  ? 55  LEU A CD1 1 
ATOM   427 C CD2 . LEU A 1 55 ? 17.35631  4.45547   -11.81714 1.000 46.51972  ? 55  LEU A CD2 1 
ATOM   428 N N   . GLU A 1 56 ? 21.32899  3.55560   -8.18491  0.810 71.58422  ? 56  GLU A N   1 
ATOM   429 C CA  . GLU A 1 56 ? 22.49330  3.92170   -7.39155  0.810 68.42900  ? 56  GLU A CA  1 
ATOM   430 C C   . GLU A 1 56 ? 23.76877  3.33274   -7.98336  0.810 70.70304  ? 56  GLU A C   1 
ATOM   431 O O   . GLU A 1 56 ? 24.05951  2.14973   -7.78817  0.810 71.38617  ? 56  GLU A O   1 
ATOM   432 C CB  . GLU A 1 56 ? 22.31047  3.44403   -5.95144  0.810 85.56439  ? 56  GLU A CB  1 
ATOM   433 C CG  . GLU A 1 56 ? 20.90258  3.65719   -5.41065  0.810 74.26939  ? 56  GLU A CG  1 
ATOM   434 C CD  . GLU A 1 56 ? 20.65844  2.91209   -4.11182  0.810 80.81361  ? 56  GLU A CD  1 
ATOM   435 O OE1 . GLU A 1 56 ? 21.60845  2.77857   -3.31050  0.810 83.19047  ? 56  GLU A OE1 1 
ATOM   436 O OE2 . GLU A 1 56 ? 19.51660  2.45256   -3.89353  0.810 81.45900  ? 56  GLU A OE2 1 
ATOM   437 N N   . PRO B 1 2  ? 2.29284   -4.32409  10.51407  1.000 55.10648  ? 2   PRO B N   1 
ATOM   438 C CA  . PRO B 1 2  ? 2.62373   -4.72452  9.14137   1.000 47.35906  ? 2   PRO B CA  1 
ATOM   439 C C   . PRO B 1 2  ? 1.48681   -4.38348  8.17229   1.000 38.79092  ? 2   PRO B C   1 
ATOM   440 O O   . PRO B 1 2  ? 0.36543   -4.89990  8.29704   1.000 38.00205  ? 2   PRO B O   1 
ATOM   441 C CB  . PRO B 1 2  ? 2.81031   -6.24591  9.24205   1.000 57.90608  ? 2   PRO B CB  1 
ATOM   442 C CG  . PRO B 1 2  ? 2.80252   -6.56784  10.70015  1.000 48.63006  ? 2   PRO B CG  1 
ATOM   443 C CD  . PRO B 1 2  ? 2.02798   -5.48687  11.37314  1.000 54.68040  ? 2   PRO B CD  1 
ATOM   444 N N   . LEU B 1 3  ? 1.77476   -3.52252  7.20041   1.000 32.82761  ? 3   LEU B N   1 
ATOM   445 C CA  . LEU B 1 3  ? 0.72914   -3.12839  6.26217   1.000 33.10072  ? 3   LEU B CA  1 
ATOM   446 C C   . LEU B 1 3  ? 0.31555   -4.27333  5.34231   1.000 27.92899  ? 3   LEU B C   1 
ATOM   447 O O   . LEU B 1 3  ? -0.85300  -4.33180  4.93644   1.000 28.55635  ? 3   LEU B O   1 
ATOM   448 C CB  . LEU B 1 3  ? 1.18161   -1.92042  5.44716   1.000 30.02340  ? 3   LEU B CB  1 
ATOM   449 C CG  . LEU B 1 3  ? 1.20384   -0.59288  6.19077   1.000 30.37861  ? 3   LEU B CG  1 
ATOM   450 C CD1 . LEU B 1 3  ? 1.79284   0.47699   5.27948   1.000 41.55580  ? 3   LEU B CD1 1 
ATOM   451 C CD2 . LEU B 1 3  ? -0.19052  -0.20293  6.62411   1.000 40.84950  ? 3   LEU B CD2 1 
ATOM   452 N N   . TRP B 1 4  ? 1.23433   -5.18657  4.99202   1.000 23.84395  ? 4   TRP B N   1 
ATOM   453 C CA  . TRP B 1 4  ? 0.82933   -6.34862  4.19814   1.000 31.09194  ? 4   TRP B CA  1 
ATOM   454 C C   . TRP B 1 4  ? -0.31616  -7.09952  4.87821   1.000 32.51160  ? 4   TRP B C   1 
ATOM   455 O O   . TRP B 1 4  ? -1.30874  -7.47889  4.23902   1.000 26.38479  ? 4   TRP B O   1 
ATOM   456 C CB  . TRP B 1 4  ? 2.00259   -7.30753  3.97021   1.000 24.14533  ? 4   TRP B CB  1 
ATOM   457 C CG  . TRP B 1 4  ? 3.08170   -6.83465  3.04198   1.000 30.44705  ? 4   TRP B CG  1 
ATOM   458 C CD1 . TRP B 1 4  ? 4.39198   -6.62415  3.36127   1.000 36.96313  ? 4   TRP B CD1 1 
ATOM   459 C CD2 . TRP B 1 4  ? 2.96071   -6.55401  1.63941   1.000 30.16353  ? 4   TRP B CD2 1 
ATOM   460 N NE1 . TRP B 1 4  ? 5.09047   -6.21946  2.25034   1.000 34.09489  ? 4   TRP B NE1 1 
ATOM   461 C CE2 . TRP B 1 4  ? 4.23687   -6.16233  1.18218   1.000 38.39663  ? 4   TRP B CE2 1 
ATOM   462 C CE3 . TRP B 1 4  ? 1.89355   -6.57219  0.72971   1.000 30.64701  ? 4   TRP B CE3 1 
ATOM   463 C CZ2 . TRP B 1 4  ? 4.47988   -5.80100  -0.14577  1.000 32.63629  ? 4   TRP B CZ2 1 
ATOM   464 C CZ3 . TRP B 1 4  ? 2.13648   -6.21701  -0.59149  1.000 42.10199  ? 4   TRP B CZ3 1 
ATOM   465 C CH2 . TRP B 1 4  ? 3.42403   -5.83925  -1.01638  1.000 34.89022  ? 4   TRP B CH2 1 
ATOM   466 N N   . GLN B 1 5  ? -0.18751  -7.32692  6.18015   1.000 22.87075  ? 5   GLN B N   1 
ATOM   467 C CA  . GLN B 1 5  ? -1.23279  -8.04254  6.90475   1.000 25.90356  ? 5   GLN B CA  1 
ATOM   468 C C   . GLN B 1 5  ? -2.51925  -7.23222  6.92247   1.000 26.07167  ? 5   GLN B C   1 
ATOM   469 O O   . GLN B 1 5  ? -3.61288  -7.78466  6.74560   1.000 23.85737  ? 5   GLN B O   1 
ATOM   470 C CB  . GLN B 1 5  ? -0.75760  -8.35275  8.32449   1.000 29.34707  ? 5   GLN B CB  1 
ATOM   471 C CG  . GLN B 1 5  ? -1.78026  -9.09653  9.17854   1.000 31.49094  ? 5   GLN B CG  1 
ATOM   472 C CD  . GLN B 1 5  ? -1.25045  -9.36468  10.56682  1.000 28.37052  ? 5   GLN B CD  1 
ATOM   473 O OE1 . GLN B 1 5  ? -0.27040  -8.74924  10.99749  1.000 33.51280  ? 5   GLN B OE1 1 
ATOM   474 N NE2 . GLN B 1 5  ? -1.89378  -10.27087 11.27600  1.000 41.04780  ? 5   GLN B NE2 1 
ATOM   475 N N   . VAL B 1 6  ? -2.39817  -5.90740  7.06264   1.000 29.08917  ? 6   VAL B N   1 
ATOM   476 C CA  . VAL B 1 6  ? -3.57766  -5.05361  7.11753   1.000 28.53101  ? 6   VAL B CA  1 
ATOM   477 C C   . VAL B 1 6  ? -4.31991  -5.07097  5.79422   1.000 26.14300  ? 6   VAL B C   1 
ATOM   478 O O   . VAL B 1 6  ? -5.55372  -5.14909  5.76621   1.000 30.64702  ? 6   VAL B O   1 
ATOM   479 C CB  . VAL B 1 6  ? -3.19874  -3.62010  7.52691   1.000 29.69130  ? 6   VAL B CB  1 
ATOM   480 C CG1 . VAL B 1 6  ? -4.39716  -2.72188  7.40043   1.000 29.74103  ? 6   VAL B CG1 1 
ATOM   481 C CG2 . VAL B 1 6  ? -2.69376  -3.61142  8.95471   1.000 36.01608  ? 6   VAL B CG2 1 
ATOM   482 N N   . PHE B 1 7  ? -3.59541  -4.97368  4.67780   1.000 26.44688  ? 7   PHE B N   1 
ATOM   483 C CA  . PHE B 1 7  ? -4.26254  -4.99721  3.37985   1.000 28.80569  ? 7   PHE B CA  1 
ATOM   484 C C   . PHE B 1 7  ? -4.92365  -6.34789  3.14032   1.000 29.01957  ? 7   PHE B C   1 
ATOM   485 O O   . PHE B 1 7  ? -6.03404  -6.41626  2.60097   1.000 27.03439  ? 7   PHE B O   1 
ATOM   486 C CB  . PHE B 1 7  ? -3.26961  -4.66632  2.26113   1.000 21.07678  ? 7   PHE B CB  1 
ATOM   487 C CG  . PHE B 1 7  ? -3.17082  -3.18820  1.96004   1.000 25.88324  ? 7   PHE B CG  1 
ATOM   488 C CD1 . PHE B 1 7  ? -4.20446  -2.53547  1.31120   1.000 27.43785  ? 7   PHE B CD1 1 
ATOM   489 C CD2 . PHE B 1 7  ? -2.06039  -2.45892  2.32959   1.000 29.13180  ? 7   PHE B CD2 1 
ATOM   490 C CE1 . PHE B 1 7  ? -4.13132  -1.17714  1.02915   1.000 41.96222  ? 7   PHE B CE1 1 
ATOM   491 C CE2 . PHE B 1 7  ? -1.97838  -1.09657  2.05733   1.000 30.73655  ? 7   PHE B CE2 1 
ATOM   492 C CZ  . PHE B 1 7  ? -3.01467  -0.45614  1.40560   1.000 40.85805  ? 7   PHE B CZ  1 
ATOM   493 N N   . TYR B 1 8  ? -4.26495  -7.42899  3.56638   1.000 25.52753  ? 8   TYR B N   1 
ATOM   494 C CA  . TYR B 1 8  ? -4.85657  -8.75794  3.46641   1.000 30.37412  ? 8   TYR B CA  1 
ATOM   495 C C   . TYR B 1 8  ? -6.20060  -8.81102  4.18603   1.000 25.13136  ? 8   TYR B C   1 
ATOM   496 O O   . TYR B 1 8  ? -7.20810  -9.24864  3.61491   1.000 25.21801  ? 8   TYR B O   1 
ATOM   497 C CB  . TYR B 1 8  ? -3.90926  -9.82083  4.03826   1.000 24.80959  ? 8   TYR B CB  1 
ATOM   498 C CG  . TYR B 1 8  ? -4.62913  -11.14280 4.17220   1.000 30.39075  ? 8   TYR B CG  1 
ATOM   499 C CD1 . TYR B 1 8  ? -4.92944  -11.89413 3.04716   1.000 27.56429  ? 8   TYR B CD1 1 
ATOM   500 C CD2 . TYR B 1 8  ? -5.07169  -11.59823 5.40193   1.000 27.37120  ? 8   TYR B CD2 1 
ATOM   501 C CE1 . TYR B 1 8  ? -5.61650  -13.06667 3.14047   1.000 31.31902  ? 8   TYR B CE1 1 
ATOM   502 C CE2 . TYR B 1 8  ? -5.76288  -12.77259 5.50858   1.000 26.90844  ? 8   TYR B CE2 1 
ATOM   503 C CZ  . TYR B 1 8  ? -6.03353  -13.50337 4.37185   1.000 32.68656  ? 8   TYR B CZ  1 
ATOM   504 O OH  . TYR B 1 8  ? -6.72306  -14.68377 4.44786   1.000 36.29097  ? 8   TYR B OH  1 
ATOM   505 N N   . LEU B 1 9  ? -6.23982  -8.35564  5.44195   1.000 24.86262  ? 9   LEU B N   1 
ATOM   506 C CA  . LEU B 1 9  ? -7.48936  -8.43211  6.19471   1.000 33.30982  ? 9   LEU B CA  1 
ATOM   507 C C   . LEU B 1 9  ? -8.57018  -7.55883  5.56494   1.000 34.26233  ? 9   LEU B C   1 
ATOM   508 O O   . LEU B 1 9  ? -9.72433  -7.99166  5.43667   1.000 29.74914  ? 9   LEU B O   1 
ATOM   509 C CB  . LEU B 1 9  ? -7.24530  -8.04519  7.64873   1.000 27.41556  ? 9   LEU B CB  1 
ATOM   510 C CG  . LEU B 1 9  ? -6.34669  -9.02159  8.41145   1.000 37.20137  ? 9   LEU B CG  1 
ATOM   511 C CD1 . LEU B 1 9  ? -5.87470  -8.42589  9.73709   1.000 29.75836  ? 9   LEU B CD1 1 
ATOM   512 C CD2 . LEU B 1 9  ? -7.03743  -10.37905 8.64007   1.000 30.72509  ? 9   LEU B CD2 1 
ATOM   513 N N   . LEU B 1 10 ? -8.20731  -6.34198  5.12661   1.000 29.10936  ? 10  LEU B N   1 
ATOM   514 C CA  . LEU B 1 10 ? -9.19047  -5.45340  4.50907   1.000 28.79566  ? 10  LEU B CA  1 
ATOM   515 C C   . LEU B 1 10 ? -9.65006  -5.98808  3.16159   1.000 30.39219  ? 10  LEU B C   1 
ATOM   516 O O   . LEU B 1 10 ? -10.84488 -5.94216  2.84723   1.000 30.57399  ? 10  LEU B O   1 
ATOM   517 C CB  . LEU B 1 10 ? -8.62280  -4.03963  4.35830   1.000 28.68409  ? 10  LEU B CB  1 
ATOM   518 C CG  . LEU B 1 10 ? -8.58191  -3.17145  5.63174   1.000 32.86741  ? 10  LEU B CG  1 
ATOM   519 C CD1 . LEU B 1 10 ? -7.77364  -1.90976  5.39788   1.000 31.35756  ? 10  LEU B CD1 1 
ATOM   520 C CD2 . LEU B 1 10 ? -9.99397  -2.80786  6.08533   1.000 30.02047  ? 10  LEU B CD2 1 
ATOM   521 N N   . ASN B 1 11 ? -8.72950  -6.50539  2.34216   1.000 30.23875  ? 11  ASN B N   1 
ATOM   522 C CA  . ASN B 1 11 ? -9.18647  -6.99908  1.04846   1.000 30.90577  ? 11  ASN B CA  1 
ATOM   523 C C   . ASN B 1 11 ? -10.01301 -8.26541  1.20524   1.000 25.91830  ? 11  ASN B C   1 
ATOM   524 O O   . ASN B 1 11 ? -10.97712 -8.46744  0.45873   1.000 29.86239  ? 11  ASN B O   1 
ATOM   525 C CB  . ASN B 1 11 ? -8.00907  -7.22037  0.10011   1.000 36.40105  ? 11  ASN B CB  1 
ATOM   526 C CG  . ASN B 1 11 ? -7.42478  -5.90836  -0.40802  1.000 42.51448  ? 11  ASN B CG  1 
ATOM   527 O OD1 . ASN B 1 11 ? -8.07320  -4.86695  -0.34091  1.000 41.46992  ? 11  ASN B OD1 1 
ATOM   528 N ND2 . ASN B 1 11 ? -6.20045  -5.95519  -0.90986  1.000 47.85003  ? 11  ASN B ND2 1 
ATOM   529 N N   . THR B 1 12 ? -9.68018  -9.11060  2.18131   1.000 25.31790  ? 12  THR B N   1 
ATOM   530 C CA  . THR B 1 12 ? -10.52838 -10.26723 2.44742   1.000 29.73475  ? 12  THR B CA  1 
ATOM   531 C C   . THR B 1 12 ? -11.93510 -9.82467  2.83811   1.000 36.39311  ? 12  THR B C   1 
ATOM   532 O O   . THR B 1 12 ? -12.92455 -10.33186 2.29655   1.000 29.06620  ? 12  THR B O   1 
ATOM   533 C CB  . THR B 1 12 ? -9.89960  -11.14061 3.52789   1.000 34.95468  ? 12  THR B CB  1 
ATOM   534 O OG1 . THR B 1 12 ? -8.62612  -11.60902 3.06443   1.000 35.45760  ? 12  THR B OG1 1 
ATOM   535 C CG2 . THR B 1 12 ? -10.78717 -12.34901 3.82697   1.000 44.61384  ? 12  THR B CG2 1 
ATOM   536 N N   . CYS B 1 13 ? -12.03317 -8.84412  3.74761   1.000 40.38457  ? 13  CYS B N   1 
ATOM   537 C CA  . CYS B 1 13 ? -13.31374 -8.25763  4.15013   1.000 32.57001  ? 13  CYS B CA  1 
ATOM   538 C C   . CYS B 1 13 ? -14.11343 -7.77774  2.94267   1.000 36.48698  ? 13  CYS B C   1 
ATOM   539 O O   . CYS B 1 13 ? -15.24829 -8.20954  2.71918   1.000 30.40268  ? 13  CYS B O   1 
ATOM   540 C CB  . CYS B 1 13 ? -13.05850 -7.09355  5.12517   1.000 43.91459  ? 13  CYS B CB  1 
ATOM   541 S SG  . CYS B 1 13 ? -14.51182 -6.11561  5.65308   1.000 51.70030  ? 13  CYS B SG  1 
ATOM   542 N N   . ILE B 1 14 ? -13.52643 -6.86696  2.15885   1.000 31.02575  ? 14  ILE B N   1 
ATOM   543 C CA  . ILE B 1 14 ? -14.18075 -6.34235  0.96564   1.000 32.03828  ? 14  ILE B CA  1 
ATOM   544 C C   . ILE B 1 14 ? -14.67647 -7.48246  0.07722   1.000 36.94664  ? 14  ILE B C   1 
ATOM   545 O O   . ILE B 1 14 ? -15.81508 -7.46424  -0.40501  1.000 37.37455  ? 14  ILE B O   1 
ATOM   546 C CB  . ILE B 1 14 ? -13.22019 -5.40389  0.20862   1.000 24.61684  ? 14  ILE B CB  1 
ATOM   547 C CG1 . ILE B 1 14 ? -12.95863 -4.13547  1.03881   1.000 28.44266  ? 14  ILE B CG1 1 
ATOM   548 C CG2 . ILE B 1 14 ? -13.78827 -5.03459  -1.15470  1.000 30.89523  ? 14  ILE B CG2 1 
ATOM   549 C CD1 . ILE B 1 14 ? -11.69657 -3.41022  0.65677   1.000 33.79680  ? 14  ILE B CD1 1 
ATOM   550 N N   . LYS B 1 15 ? -13.82178 -8.48885  -0.15619  1.000 24.88299  ? 15  LYS B N   1 
ATOM   551 C CA  . LYS B 1 15 ? -14.17774 -9.59070  -1.05089  1.000 43.08514  ? 15  LYS B CA  1 
ATOM   552 C C   . LYS B 1 15 ? -15.35443 -10.40175 -0.51990  1.000 33.99367  ? 15  LYS B C   1 
ATOM   553 O O   . LYS B 1 15 ? -16.24202 -10.78791 -1.28896  1.000 37.91030  ? 15  LYS B O   1 
ATOM   554 C CB  . LYS B 1 15 ? -12.97611 -10.51419 -1.26783  1.000 37.52292  ? 15  LYS B CB  1 
ATOM   555 C CG  . LYS B 1 15 ? -13.30600 -11.84687 -1.96078  1.000 54.54694  ? 15  LYS B CG  1 
ATOM   556 C CD  . LYS B 1 15 ? -13.14813 -13.02467 -0.98701  1.000 78.37978  ? 15  LYS B CD  1 
ATOM   557 C CE  . LYS B 1 15 ? -13.36132 -14.38334 -1.65235  1.000 78.00687  ? 15  LYS B CE  1 
ATOM   558 N NZ  . LYS B 1 15 ? -13.26854 -15.49447 -0.64766  1.000 69.12640  ? 15  LYS B NZ  1 
ATOM   559 N N   . ARG B 1 16 ? -15.36608 -10.69509 0.77820   1.000 28.65965  ? 16  ARG B N   1 
ATOM   560 C CA  . ARG B 1 16 ? -16.39086 -11.58125 1.32836   1.000 38.69295  ? 16  ARG B CA  1 
ATOM   561 C C   . ARG B 1 16 ? -17.70742 -10.86462 1.60808   1.000 38.86863  ? 16  ARG B C   1 
ATOM   562 O O   . ARG B 1 16 ? -18.77082 -11.47777 1.48102   1.000 39.35420  ? 16  ARG B O   1 
ATOM   563 C CB  . ARG B 1 16 ? -15.89859 -12.23054 2.62224   1.000 32.04358  ? 16  ARG B CB  1 
ATOM   564 C CG  . ARG B 1 16 ? -14.78859 -13.25130 2.45089   1.000 49.14213  ? 16  ARG B CG  1 
ATOM   565 C CD  . ARG B 1 16 ? -14.19558 -13.59649 3.80334   1.000 48.60628  ? 16  ARG B CD  1 
ATOM   566 N NE  . ARG B 1 16 ? -15.23025 -13.95151 4.76575   1.000 56.63493  ? 16  ARG B NE  1 
ATOM   567 C CZ  . ARG B 1 16 ? -15.04358 -14.01475 6.07811   1.000 77.50720  ? 16  ARG B CZ  1 
ATOM   568 N NH1 . ARG B 1 16 ? -13.87255 -13.72757 6.62478   1.000 71.13973  ? 16  ARG B NH1 1 
ATOM   569 N NH2 . ARG B 1 16 ? -16.05790 -14.37362 6.86270   1.000 71.90374  ? 16  ARG B NH2 1 
ATOM   570 N N   . THR B 1 17 ? -17.66630 -9.58908  2.01264   1.000 38.23007  ? 17  THR B N   1 
ATOM   571 C CA  . THR B 1 17 ? -18.86842 -8.87344  2.42089   1.000 38.94797  ? 17  THR B CA  1 
ATOM   572 C C   . THR B 1 17 ? -19.08855 -7.54162  1.71534   1.000 39.48878  ? 17  THR B C   1 
ATOM   573 O O   . THR B 1 17 ? -20.19365 -6.99132  1.81809   1.000 31.14169  ? 17  THR B O   1 
ATOM   574 C CB  . THR B 1 17 ? -18.84371 -8.60746  3.93102   1.000 43.58625  ? 17  THR B CB  1 
ATOM   575 O OG1 . THR B 1 17 ? -17.87210 -7.59284  4.20856   1.000 49.72142  ? 17  THR B OG1 1 
ATOM   576 C CG2 . THR B 1 17 ? -18.49534 -9.87750  4.69923   1.000 44.81072  ? 17  THR B CG2 1 
ATOM   577 N N   . GLY B 1 18 ? -18.08607 -6.99493  1.02754   1.000 35.10601  ? 18  GLY B N   1 
ATOM   578 C CA  . GLY B 1 18 ? -18.25239 -5.69532  0.39747   1.000 35.02629  ? 18  GLY B CA  1 
ATOM   579 C C   . GLY B 1 18 ? -18.41377 -4.55860  1.38095   1.000 43.90892  ? 18  GLY B C   1 
ATOM   580 O O   . GLY B 1 18 ? -19.01410 -3.53463  1.03717   1.000 45.75009  ? 18  GLY B O   1 
ATOM   581 N N   . ASP B 1 19 ? -17.88185 -4.70908  2.59694   1.000 30.47680  ? 19  ASP B N   1 
ATOM   582 C CA  . ASP B 1 19 ? -18.10595 -3.73033  3.65549   1.000 31.01405  ? 19  ASP B CA  1 
ATOM   583 C C   . ASP B 1 19 ? -17.63769 -2.33847  3.23599   1.000 50.48213  ? 19  ASP B C   1 
ATOM   584 O O   . ASP B 1 19 ? -16.46065 -2.16402  2.87910   1.000 37.67932  ? 19  ASP B O   1 
ATOM   585 C CB  . ASP B 1 19 ? -17.37795 -4.15324  4.92412   1.000 36.64662  ? 19  ASP B CB  1 
ATOM   586 C CG  . ASP B 1 19 ? -17.85311 -3.39501  6.14797   1.000 45.12456  ? 19  ASP B CG  1 
ATOM   587 O OD1 . ASP B 1 19 ? -17.93459 -2.14874  6.09231   1.000 45.22712  ? 19  ASP B OD1 1 
ATOM   588 O OD2 . ASP B 1 19 ? -18.15684 -4.05190  7.16659   1.000 45.45234  ? 19  ASP B OD2 1 
ATOM   589 N N   . PRO B 1 20 ? -18.50696 -1.31969  3.28737   1.000 39.61088  ? 20  PRO B N   1 
ATOM   590 C CA  . PRO B 1 20 ? -18.06840 0.04570   2.94032   1.000 39.80297  ? 20  PRO B CA  1 
ATOM   591 C C   . PRO B 1 20 ? -16.93758 0.56284   3.81796   1.000 32.83458  ? 20  PRO B C   1 
ATOM   592 O O   . PRO B 1 20 ? -16.04262 1.25112   3.31613   1.000 33.41614  ? 20  PRO B O   1 
ATOM   593 C CB  . PRO B 1 20 ? -19.34907 0.88202   3.11585   1.000 44.00856  ? 20  PRO B CB  1 
ATOM   594 C CG  . PRO B 1 20 ? -20.46889 -0.08419  2.99916   1.000 42.43699  ? 20  PRO B CG  1 
ATOM   595 C CD  . PRO B 1 20 ? -19.95121 -1.38608  3.56692   1.000 39.76253  ? 20  PRO B CD  1 
ATOM   596 N N   . THR B 1 21 ? -16.94047 0.23873   5.11274   1.000 34.60956  ? 21  THR B N   1 
ATOM   597 C CA  . THR B 1 21 ? -15.89637 0.75657   5.99438   1.000 35.55615  ? 21  THR B CA  1 
ATOM   598 C C   . THR B 1 21 ? -14.54674 0.11972   5.69431   1.000 40.08609  ? 21  THR B C   1 
ATOM   599 O O   . THR B 1 21 ? -13.50786 0.78031   5.80827   1.000 34.48781  ? 21  THR B O   1 
ATOM   600 C CB  . THR B 1 21 ? -16.28949 0.53686   7.44830   1.000 32.91701  ? 21  THR B CB  1 
ATOM   601 O OG1 . THR B 1 21 ? -17.46950 1.29944   7.71934   1.000 47.63623  ? 21  THR B OG1 1 
ATOM   602 C CG2 . THR B 1 21 ? -15.16941 0.96975   8.38366   1.000 34.74927  ? 21  THR B CG2 1 
ATOM   603 N N   . CYS B 1 22 ? -14.54066 -1.16146  5.30990   1.000 34.35145  ? 22  CYS B N   1 
ATOM   604 C CA  . CYS B 1 22 ? -13.30871 -1.79696  4.84695   1.000 31.97364  ? 22  CYS B CA  1 
ATOM   605 C C   . CYS B 1 22 ? -12.80613 -1.15329  3.55363   1.000 29.77691  ? 22  CYS B C   1 
ATOM   606 O O   . CYS B 1 22 ? -11.60156 -0.90969  3.40034   1.000 30.63470  ? 22  CYS B O   1 
ATOM   607 C CB  . CYS B 1 22 ? -13.54611 -3.29912  4.65437   1.000 35.32706  ? 22  CYS B CB  1 
ATOM   608 S SG  . CYS B 1 22 ? -13.80650 -4.22809  6.21647   1.000 38.31761  ? 22  CYS B SG  1 
ATOM   609 N N   . LYS B 1 23 ? -13.72064 -0.84235  2.62533   1.000 28.33517  ? 23  LYS B N   1 
ATOM   610 C CA  . LYS B 1 23 ? -13.35305 -0.14702  1.39000   1.000 35.46339  ? 23  LYS B CA  1 
ATOM   611 C C   . LYS B 1 23 ? -12.74684 1.22836   1.67635   1.000 36.31037  ? 23  LYS B C   1 
ATOM   612 O O   . LYS B 1 23 ? -11.70793 1.59835   1.11045   1.000 28.04363  ? 23  LYS B O   1 
ATOM   613 C CB  . LYS B 1 23 ? -14.58621 -0.00024  0.49551   1.000 35.63427  ? 23  LYS B CB  1 
ATOM   614 C CG  . LYS B 1 23 ? -15.00915 -1.24550  -0.27722  1.000 35.48705  ? 23  LYS B CG  1 
ATOM   615 C CD  . LYS B 1 23 ? -16.29658 -0.98888  -1.07391  1.000 43.68104  ? 23  LYS B CD  1 
ATOM   616 C CE  . LYS B 1 23 ? -16.71081 -2.20630  -1.89599  1.000 54.85173  ? 23  LYS B CE  1 
ATOM   617 N NZ  . LYS B 1 23 ? -18.15050 -2.20396  -2.30074  1.000 62.23806  ? 23  LYS B NZ  1 
ATOM   618 N N   . LYS B 1 24 ? -13.40676 2.01001   2.53645   1.000 30.76247  ? 24  LYS B N   1 
ATOM   619 C CA  . LYS B 1 24 ? -12.91710 3.34164   2.88143   1.000 39.91070  ? 24  LYS B CA  1 
ATOM   620 C C   . LYS B 1 24 ? -11.54461 3.28202   3.54679   1.000 35.11481  ? 24  LYS B C   1 
ATOM   621 O O   . LYS B 1 24 ? -10.64868 4.06733   3.21399   1.000 27.34771  ? 24  LYS B O   1 
ATOM   622 C CB  . LYS B 1 24 ? -13.92631 4.03227   3.79767   1.000 36.33475  ? 24  LYS B CB  1 
ATOM   623 C CG  . LYS B 1 24 ? -14.81099 5.07491   3.10838   1.000 67.48154  ? 24  LYS B CG  1 
ATOM   624 C CD  . LYS B 1 24 ? -15.62743 5.87471   4.12965   1.000 71.16485  ? 24  LYS B CD  1 
ATOM   625 C CE  . LYS B 1 24 ? -15.85699 7.33224   3.69225   1.000 93.88228  ? 24  LYS B CE  1 
ATOM   626 N NZ  . LYS B 1 24 ? -16.76409 7.49072   2.51116   1.000 81.95164  ? 24  LYS B NZ  1 
ATOM   627 N N   . LEU B 1 25 ? -11.36325 2.36338   4.49984   1.000 33.02586  ? 25  LEU B N   1 
ATOM   628 C CA  . LEU B 1 25 ? -10.07132 2.23681   5.17804   1.000 35.56775  ? 25  LEU B CA  1 
ATOM   629 C C   . LEU B 1 25 ? -8.96260  1.83544   4.21131   1.000 33.42837  ? 25  LEU B C   1 
ATOM   630 O O   . LEU B 1 25 ? -7.83536  2.33448   4.30967   1.000 28.24343  ? 25  LEU B O   1 
ATOM   631 C CB  . LEU B 1 25 ? -10.16947 1.21914   6.29939   1.000 33.07013  ? 25  LEU B CB  1 
ATOM   632 C CG  . LEU B 1 25 ? -10.90568 1.67561   7.54868   1.000 45.00951  ? 25  LEU B CG  1 
ATOM   633 C CD1 . LEU B 1 25 ? -11.23845 0.46121   8.38171   1.000 46.24665  ? 25  LEU B CD1 1 
ATOM   634 C CD2 . LEU B 1 25 ? -10.03529 2.64104   8.32592   1.000 36.61752  ? 25  LEU B CD2 1 
ATOM   635 N N   . ALA B 1 26 ? -9.26042  0.90855   3.29415   1.000 30.87753  ? 26  ALA B N   1 
ATOM   636 C CA  . ALA B 1 26 ? -8.27347  0.46987   2.31413   1.000 36.25310  ? 26  ALA B CA  1 
ATOM   637 C C   . ALA B 1 26 ? -7.89315  1.60414   1.37156   1.000 36.45082  ? 26  ALA B C   1 
ATOM   638 O O   . ALA B 1 26 ? -6.71463  1.76235   1.02726   1.000 26.51411  ? 26  ALA B O   1 
ATOM   639 C CB  . ALA B 1 26 ? -8.81130  -0.72246  1.52227   1.000 27.07725  ? 26  ALA B CB  1 
ATOM   640 N N   . LYS B 1 27 ? -8.88248  2.39452   0.93381   1.000 28.30267  ? 27  LYS B N   1 
ATOM   641 C CA  . LYS B 1 27 ? -8.60364  3.54657   0.08590   1.000 32.25773  ? 27  LYS B CA  1 
ATOM   642 C C   . LYS B 1 27 ? -7.74884  4.56863   0.82031   1.000 31.80426  ? 27  LYS B C   1 
ATOM   643 O O   . LYS B 1 27 ? -6.83707  5.15964   0.23543   1.000 28.08638  ? 27  LYS B O   1 
ATOM   644 C CB  . LYS B 1 27 ? -9.91837  4.17788   -0.37382  1.000 28.69899  ? 27  LYS B CB  1 
ATOM   645 C CG  . LYS B 1 27 ? -9.76519  5.41835   -1.23197  1.000 38.03402  ? 27  LYS B CG  1 
ATOM   646 C CD  . LYS B 1 27 ? -11.13721 6.00924   -1.53389  1.000 43.01631  ? 27  LYS B CD  1 
ATOM   647 C CE  . LYS B 1 27 ? -11.04257 7.07424   -2.59855  1.000 67.46264  ? 27  LYS B CE  1 
ATOM   648 N NZ  . LYS B 1 27 ? -10.40203 6.51790   -3.81967  1.000 70.55911  ? 27  LYS B NZ  1 
ATOM   649 N N   . ALA B 1 28 ? -8.02699  4.78019   2.10786   1.000 31.51192  ? 28  ALA B N   1 
ATOM   650 C CA  . ALA B 1 28 ? -7.25690  5.73340   2.89749   1.000 38.52419  ? 28  ALA B CA  1 
ATOM   651 C C   . ALA B 1 28 ? -5.82069  5.26531   3.10100   1.000 33.90418  ? 28  ALA B C   1 
ATOM   652 O O   . ALA B 1 28 ? -4.89612  6.09062   3.15623   1.000 28.95105  ? 28  ALA B O   1 
ATOM   653 C CB  . ALA B 1 28 ? -7.94847  5.95954   4.24200   1.000 29.17537  ? 28  ALA B CB  1 
ATOM   654 N N   . LEU B 1 29 ? -5.60599  3.95217   3.21124   1.000 32.75713  ? 29  LEU B N   1 
ATOM   655 C CA  . LEU B 1 29 ? -4.23760  3.45994   3.30416   1.000 31.27317  ? 29  LEU B CA  1 
ATOM   656 C C   . LEU B 1 29 ? -3.49161  3.64858   1.99127   1.000 34.05971  ? 29  LEU B C   1 
ATOM   657 O O   . LEU B 1 29 ? -2.31041  4.00351   1.99843   1.000 34.93192  ? 29  LEU B O   1 
ATOM   658 C CB  . LEU B 1 29 ? -4.22145  1.99940   3.71926   1.000 24.97671  ? 29  LEU B CB  1 
ATOM   659 C CG  . LEU B 1 29 ? -4.18352  1.79208   5.22896   1.000 38.79152  ? 29  LEU B CG  1 
ATOM   660 C CD1 . LEU B 1 29 ? -4.33475  0.32528   5.52510   1.000 49.23117  ? 29  LEU B CD1 1 
ATOM   661 C CD2 . LEU B 1 29 ? -2.88282  2.31439   5.79285   1.000 36.48063  ? 29  LEU B CD2 1 
ATOM   662 N N   . ARG B 1 30 ? -4.15092  3.41392   0.85140   1.000 28.25850  ? 30  ARG B N   1 
ATOM   663 C CA  . ARG B 1 30 ? -3.46863  3.63732   -0.42409  1.000 28.89248  ? 30  ARG B CA  1 
ATOM   664 C C   . ARG B 1 30 ? -3.04863  5.10086   -0.57418  1.000 46.82838  ? 30  ARG B C   1 
ATOM   665 O O   . ARG B 1 30 ? -1.95546  5.39475   -1.07329  1.000 32.33563  ? 30  ARG B O   1 
ATOM   666 C CB  . ARG B 1 30 ? -4.35668  3.19894   -1.58784  1.000 27.16170  ? 30  ARG B CB  1 
ATOM   667 C CG  . ARG B 1 30 ? -4.59306  1.65092   -1.60121  1.000 32.00654  ? 30  ARG B CG  1 
ATOM   668 C CD  . ARG B 1 30 ? -5.17499  1.14268   -2.90927  1.000 38.29200  ? 30  ARG B CD  1 
ATOM   669 N NE  . ARG B 1 30 ? -6.45139  1.77133   -3.22050  1.000 31.31363  ? 30  ARG B NE  1 
ATOM   670 C CZ  . ARG B 1 30 ? -7.61536  1.39313   -2.70807  1.000 38.04877  ? 30  ARG B CZ  1 
ATOM   671 N NH1 . ARG B 1 30 ? -7.70549  0.36640   -1.86888  1.000 32.20120  ? 30  ARG B NH1 1 
ATOM   672 N NH2 . ARG B 1 30 ? -8.71569  2.05518   -3.04800  1.000 40.08914  ? 30  ARG B NH2 1 
ATOM   673 N N   . GLU B 1 31 ? -3.89051  6.02832   -0.11048  1.000 29.14535  ? 31  GLU B N   1 
ATOM   674 C CA  . GLU B 1 31 ? -3.56848  7.45023   -0.18639  1.000 34.37897  ? 31  GLU B CA  1 
ATOM   675 C C   . GLU B 1 31 ? -2.40054  7.81883   0.72830   1.000 35.70031  ? 31  GLU B C   1 
ATOM   676 O O   . GLU B 1 31 ? -1.45183  8.47146   0.28834   1.000 33.87413  ? 31  GLU B O   1 
ATOM   677 C CB  . GLU B 1 31 ? -4.80447  8.28399   0.15859   1.000 40.34737  ? 31  GLU B CB  1 
ATOM   678 C CG  . GLU B 1 31 ? -4.60029  9.79583   -0.01397  1.000 42.90062  ? 31  GLU B CG  1 
ATOM   679 C CD  . GLU B 1 31 ? -4.79423  10.26402  -1.45137  1.000 78.29665  ? 31  GLU B CD  1 
ATOM   680 O OE1 . GLU B 1 31 ? -4.42854  9.51438   -2.38487  1.000 81.47755  ? 31  GLU B OE1 1 
ATOM   681 O OE2 . GLU B 1 31 ? -5.32054  11.38452  -1.64816  1.000 94.62584  ? 31  GLU B OE2 1 
ATOM   682 N N   . CYS B 1 32 ? -2.44826  7.42823   2.01120   1.000 34.61393  ? 32  CYS B N   1 
ATOM   683 C CA  A CYS B 1 32 ? -1.33884  7.73827   2.91983   0.500 40.05062  ? 32  CYS B CA  1 
ATOM   684 C CA  B CYS B 1 32 ? -1.33836  7.77884   2.88774   0.500 40.51617  ? 32  CYS B CA  1 
ATOM   685 C C   . CYS B 1 32 ? -0.02464  7.17068   2.40231   1.000 41.29019  ? 32  CYS B C   1 
ATOM   686 O O   . CYS B 1 32 ? 1.03811   7.77241   2.59517   1.000 39.60697  ? 32  CYS B O   1 
ATOM   687 C CB  A CYS B 1 32 ? -1.62241  7.22189   4.34475   0.500 41.48798  ? 32  CYS B CB  1 
ATOM   688 C CB  B CYS B 1 32 ? -1.66260  7.36500   4.31934   0.500 41.49796  ? 32  CYS B CB  1 
ATOM   689 S SG  A CYS B 1 32 ? -1.48621  5.40589   4.63598   0.500 40.98461  ? 32  CYS B SG  1 
ATOM   690 S SG  B CYS B 1 32 ? -3.14945  8.12434   4.94182   0.500 55.79461  ? 32  CYS B SG  1 
ATOM   691 N N   . LEU B 1 33 ? -0.07169  6.01170   1.74214   1.000 30.80797  ? 33  LEU B N   1 
ATOM   692 C CA  . LEU B 1 33 ? 1.12356   5.49769   1.06940   1.000 43.40726  ? 33  LEU B CA  1 
ATOM   693 C C   . LEU B 1 33 ? 1.53541   6.39072   -0.10685  1.000 34.76878  ? 33  LEU B C   1 
ATOM   694 O O   . LEU B 1 33 ? 2.72465   6.68857   -0.27852  1.000 39.73915  ? 33  LEU B O   1 
ATOM   695 C CB  . LEU B 1 33 ? 0.89479   4.05448   0.58693   1.000 30.26460  ? 33  LEU B CB  1 
ATOM   696 C CG  . LEU B 1 33 ? 0.85353   2.91483   1.60942   1.000 38.29293  ? 33  LEU B CG  1 
ATOM   697 C CD1 . LEU B 1 33 ? 0.43752   1.60262   0.94176   1.000 34.09180  ? 33  LEU B CD1 1 
ATOM   698 C CD2 . LEU B 1 33 ? 2.20510   2.76338   2.29674   1.000 30.08430  ? 33  LEU B CD2 1 
ATOM   699 N N   . LYS B 1 34 ? 0.56703   6.80657   -0.93672  1.000 27.36666  ? 34  LYS B N   1 
ATOM   700 C CA  . LYS B 1 34 ? 0.84577   7.64658   -2.09856  1.000 40.00733  ? 34  LYS B CA  1 
ATOM   701 C C   . LYS B 1 34 ? 1.48716   8.96973   -1.68869  1.000 46.75892  ? 34  LYS B C   1 
ATOM   702 O O   . LYS B 1 34 ? 2.44624   9.43311   -2.31843  1.000 36.94537  ? 34  LYS B O   1 
ATOM   703 C CB  . LYS B 1 34 ? -0.46058  7.89524   -2.85714  1.000 36.31169  ? 34  LYS B CB  1 
ATOM   704 C CG  . LYS B 1 34 ? -0.39549  8.95547   -3.93242  1.000 46.99295  ? 34  LYS B CG  1 
ATOM   705 C CD  . LYS B 1 34 ? -1.80063  9.29466   -4.45323  1.000 49.21461  ? 34  LYS B CD  1 
ATOM   706 C CE  . LYS B 1 34 ? -1.74384  10.09112  -5.75607  1.000 66.54614  ? 34  LYS B CE  1 
ATOM   707 N NZ  . LYS B 1 34 ? -3.07602  10.28663  -6.41421  1.000 68.16176  ? 34  LYS B NZ  1 
ATOM   708 N N   . LYS B 1 35 ? 0.98194   9.57779   -0.62068  1.000 30.93144  ? 35  LYS B N   1 
ATOM   709 C CA  . LYS B 1 35 ? 1.44262   10.86994  -0.13708  1.000 48.81984  ? 35  LYS B CA  1 
ATOM   710 C C   . LYS B 1 35 ? 2.54761   10.76255  0.90939   1.000 45.11218  ? 35  LYS B C   1 
ATOM   711 O O   . LYS B 1 35 ? 3.00871   11.79340  1.40933   1.000 53.07220  ? 35  LYS B O   1 
ATOM   712 C CB  . LYS B 1 35 ? 0.25398   11.65020  0.42943   1.000 35.58934  ? 35  LYS B CB  1 
ATOM   713 C CG  . LYS B 1 35 ? -0.82902  11.89342  -0.61201  1.000 40.96252  ? 35  LYS B CG  1 
ATOM   714 C CD  . LYS B 1 35 ? -1.91075  12.83862  -0.10956  1.000 56.97425  ? 35  LYS B CD  1 
ATOM   715 C CE  . LYS B 1 35 ? -2.84471  13.22918  -1.25239  1.000 73.13912  ? 35  LYS B CE  1 
ATOM   716 N NZ  . LYS B 1 35 ? -2.11606  13.65744  -2.48865  1.000 71.57757  ? 35  LYS B NZ  1 
ATOM   717 N N   . GLY B 1 36 ? 2.98530   9.55333   1.24873   1.000 44.35563  ? 36  GLY B N   1 
ATOM   718 C CA  . GLY B 1 36 ? 4.06307   9.39424   2.20822   1.000 39.15522  ? 36  GLY B CA  1 
ATOM   719 C C   . GLY B 1 36 ? 3.76619   9.89572   3.60426   1.000 53.31997  ? 36  GLY B C   1 
ATOM   720 O O   . GLY B 1 36 ? 4.69561   10.28257  4.31964   1.000 57.76104  ? 36  GLY B O   1 
ATOM   721 N N   . ASP B 1 37 ? 2.49495   9.90833   4.01558   1.000 47.58178  ? 37  ASP B N   1 
ATOM   722 C CA  . ASP B 1 37 ? 2.13550   10.28343  5.38477   1.000 49.26781  ? 37  ASP B CA  1 
ATOM   723 C C   . ASP B 1 37 ? 2.10676   9.02130   6.24257   1.000 55.19244  ? 37  ASP B C   1 
ATOM   724 O O   . ASP B 1 37 ? 1.05588   8.43661   6.51337   1.000 53.34062  ? 37  ASP B O   1 
ATOM   725 C CB  . ASP B 1 37 ? 0.79747   11.00952  5.41892   1.000 62.27452  ? 37  ASP B CB  1 
ATOM   726 C CG  . ASP B 1 37 ? 0.45016   11.53182  6.81270   1.000 82.20554  ? 37  ASP B CG  1 
ATOM   727 O OD1 . ASP B 1 37 ? 1.26351   11.35926  7.75153   1.000 70.95764  ? 37  ASP B OD1 1 
ATOM   728 O OD2 . ASP B 1 37 ? -0.63957  12.12474  6.96523   1.000 90.72192  ? 37  ASP B OD2 1 
ATOM   729 N N   . LEU B 1 38 ? 3.29454   8.61268   6.70114   1.000 55.28244  ? 38  LEU B N   1 
ATOM   730 C CA  . LEU B 1 38 ? 3.41395   7.36565   7.45044   1.000 68.06557  ? 38  LEU B CA  1 
ATOM   731 C C   . LEU B 1 38 ? 2.79792   7.45544   8.84141   1.000 63.06829  ? 38  LEU B C   1 
ATOM   732 O O   . LEU B 1 38 ? 2.42923   6.42132   9.40550   1.000 60.43167  ? 38  LEU B O   1 
ATOM   733 C CB  . LEU B 1 38 ? 4.88216   6.94169   7.54644   1.000 63.32051  ? 38  LEU B CB  1 
ATOM   734 C CG  . LEU B 1 38 ? 5.58066   6.53443   6.24014   1.000 82.31340  ? 38  LEU B CG  1 
ATOM   735 C CD1 . LEU B 1 38 ? 6.93672   5.89198   6.53236   1.000 70.83696  ? 38  LEU B CD1 1 
ATOM   736 C CD2 . LEU B 1 38 ? 4.71228   5.60615   5.38329   1.000 69.77657  ? 38  LEU B CD2 1 
ATOM   737 N N   . LYS B 1 39 ? 2.67290   8.65702   9.40639   1.000 54.03316  ? 39  LYS B N   1 
ATOM   738 C CA  . LYS B 1 39 ? 1.91482   8.80209   10.64448  1.000 54.07236  ? 39  LYS B CA  1 
ATOM   739 C C   . LYS B 1 39 ? 0.45558   8.40122   10.44921  1.000 62.27784  ? 39  LYS B C   1 
ATOM   740 O O   . LYS B 1 39 ? -0.10921  7.66362   11.26575  1.000 64.50396  ? 39  LYS B O   1 
ATOM   741 C CB  . LYS B 1 39 ? 2.01561   10.23911  11.16034  1.000 58.96986  ? 39  LYS B CB  1 
ATOM   742 C CG  . LYS B 1 39 ? 0.89757   10.64460  12.12542  1.000 69.37909  ? 39  LYS B CG  1 
ATOM   743 C CD  . LYS B 1 39 ? 1.24774   11.94082  12.86013  1.000 78.31538  ? 39  LYS B CD  1 
ATOM   744 C CE  . LYS B 1 39 ? 1.72193   13.02130  11.89506  1.000 89.12081  ? 39  LYS B CE  1 
ATOM   745 N NZ  . LYS B 1 39 ? 2.33348   14.18566  12.59781  1.000 85.17010  ? 39  LYS B NZ  1 
ATOM   746 N N   . ALA B 1 40 ? -0.17484  8.87794   9.37307   1.000 55.71782  ? 40  ALA B N   1 
ATOM   747 C CA  . ALA B 1 40 ? -1.56438  8.51239   9.12042   1.000 53.64567  ? 40  ALA B CA  1 
ATOM   748 C C   . ALA B 1 40 ? -1.69953  7.04153   8.74878   1.000 53.70256  ? 40  ALA B C   1 
ATOM   749 O O   . ALA B 1 40 ? -2.71135  6.41410   9.08408   1.000 47.25920  ? 40  ALA B O   1 
ATOM   750 C CB  . ALA B 1 40 ? -2.15327  9.38879   8.01666   1.000 46.84273  ? 40  ALA B CB  1 
ATOM   751 N N   . CYS B 1 41 ? -0.70605  6.48079   8.04743   1.000 44.13511  ? 41  CYS B N   1 
ATOM   752 C CA  . CYS B 1 41 ? -0.73704  5.05250   7.75333   1.000 49.96187  ? 41  CYS B CA  1 
ATOM   753 C C   . CYS B 1 41 ? -0.80328  4.23588   9.03683   1.000 47.92016  ? 41  CYS B C   1 
ATOM   754 O O   . CYS B 1 41 ? -1.59501  3.29279   9.14158   1.000 53.62984  ? 41  CYS B O   1 
ATOM   755 C CB  . CYS B 1 41 ? 0.48503   4.64222   6.93384   1.000 36.86912  ? 41  CYS B CB  1 
ATOM   756 S SG  . CYS B 1 41 ? 0.45812   5.01944   5.16240   1.000 61.44008  ? 41  CYS B SG  1 
ATOM   757 N N   . ASN B 1 42 ? 0.00722   4.59613   10.03312  1.000 58.28186  ? 42  ASN B N   1 
ATOM   758 C CA  . ASN B 1 42 ? 0.02751   3.82926   11.27456  1.000 57.76234  ? 42  ASN B CA  1 
ATOM   759 C C   . ASN B 1 42 ? -1.30219  3.92576   12.01485  1.000 52.65921  ? 42  ASN B C   1 
ATOM   760 O O   . ASN B 1 42 ? -1.82686  2.91184   12.49598  1.000 55.05094  ? 42  ASN B O   1 
ATOM   761 C CB  . ASN B 1 42 ? 1.16915   4.30108   12.16745  1.000 52.14352  ? 42  ASN B CB  1 
ATOM   762 C CG  . ASN B 1 42 ? 1.31733   3.43985   13.40511  1.000 88.49486  ? 42  ASN B CG  1 
ATOM   763 O OD1 . ASN B 1 42 ? 0.80587   3.77539   14.47571  1.000 91.36858  ? 42  ASN B OD1 1 
ATOM   764 N ND2 . ASN B 1 42 ? 1.99708   2.30467   13.25807  1.000 86.73740  ? 42  ASN B ND2 1 
ATOM   765 N N   . GLU B 1 43 ? -1.86356  5.13256   12.10844  1.000 51.89439  ? 43  GLU B N   1 
ATOM   766 C CA  . GLU B 1 43 ? -3.16426  5.30139   12.74706  1.000 48.98995  ? 43  GLU B CA  1 
ATOM   767 C C   . GLU B 1 43 ? -4.25574  4.56593   11.98353  1.000 51.66778  ? 43  GLU B C   1 
ATOM   768 O O   . GLU B 1 43 ? -5.09284  3.88303   12.58545  1.000 62.87715  ? 43  GLU B O   1 
ATOM   769 C CB  . GLU B 1 43 ? -3.50443  6.78587   12.85112  1.000 62.24482  ? 43  GLU B CB  1 
ATOM   770 C CG  . GLU B 1 43 ? -2.46172  7.61251   13.57555  1.000 66.32847  ? 43  GLU B CG  1 
ATOM   771 C CD  . GLU B 1 43 ? -2.87232  9.06481   13.71372  1.000 99.41369  ? 43  GLU B CD  1 
ATOM   772 O OE1 . GLU B 1 43 ? -4.02182  9.39618   13.34356  1.000 104.54177 ? 43  GLU B OE1 1 
ATOM   773 O OE2 . GLU B 1 43 ? -2.04510  9.87293   14.19121  1.000 99.27522  ? 43  GLU B OE2 1 
ATOM   774 N N   . LEU B 1 44 ? -4.27507  4.70706   10.65643  1.000 54.43577  ? 44  LEU B N   1 
ATOM   775 C CA  . LEU B 1 44 ? -5.27413  4.00541   9.85778   1.000 51.53575  ? 44  LEU B CA  1 
ATOM   776 C C   . LEU B 1 44 ? -5.16895  2.49761   10.03896  1.000 46.52218  ? 44  LEU B C   1 
ATOM   777 O O   . LEU B 1 44 ? -6.18762  1.79710   10.10128  1.000 45.69187  ? 44  LEU B O   1 
ATOM   778 C CB  . LEU B 1 44 ? -5.11767  4.37830   8.38918   1.000 34.29454  ? 44  LEU B CB  1 
ATOM   779 C CG  . LEU B 1 44 ? -5.78491  5.68669   8.00083   1.000 52.15473  ? 44  LEU B CG  1 
ATOM   780 C CD1 . LEU B 1 44 ? -5.33430  6.08436   6.61975   1.000 43.96072  ? 44  LEU B CD1 1 
ATOM   781 C CD2 . LEU B 1 44 ? -7.29459  5.51478   8.06222   1.000 40.05274  ? 44  LEU B CD2 1 
ATOM   782 N N   . ALA B 1 45 ? -3.94334  1.98122   10.13238  1.000 49.30161  ? 45  ALA B N   1 
ATOM   783 C CA  . ALA B 1 45 ? -3.75997  0.54858   10.32277  1.000 48.86869  ? 45  ALA B CA  1 
ATOM   784 C C   . ALA B 1 45 ? -4.36432  0.09065   11.64792  1.000 52.98709  ? 45  ALA B C   1 
ATOM   785 O O   . ALA B 1 45 ? -5.11705  -0.89022  11.69609  1.000 47.23453  ? 45  ALA B O   1 
ATOM   786 C CB  . ALA B 1 45 ? -2.27319  0.20046   10.23895  1.000 40.27398  ? 45  ALA B CB  1 
ATOM   787 N N   . ASP B 1 46 ? -4.06057  0.79976   12.73682  1.000 51.87857  ? 46  ASP B N   1 
ATOM   788 C CA  . ASP B 1 46 ? -4.68211  0.45933   14.01130  1.000 47.66335  ? 46  ASP B CA  1 
ATOM   789 C C   . ASP B 1 46 ? -6.19443  0.56152   13.92044  1.000 49.13398  ? 46  ASP B C   1 
ATOM   790 O O   . ASP B 1 46 ? -6.91113  -0.33612  14.37956  1.000 47.90907  ? 46  ASP B O   1 
ATOM   791 C CB  . ASP B 1 46 ? -4.14800  1.35999   15.11915  1.000 52.31885  ? 46  ASP B CB  1 
ATOM   792 C CG  . ASP B 1 46 ? -2.63897  1.28527   15.24851  1.000 88.56634  ? 46  ASP B CG  1 
ATOM   793 O OD1 . ASP B 1 46 ? -2.00980  0.55429   14.45212  1.000 88.81630  ? 46  ASP B OD1 1 
ATOM   794 O OD2 . ASP B 1 46 ? -2.07811  1.95646   16.14348  1.000 107.40356 ? 46  ASP B OD2 1 
ATOM   795 N N   . LYS B 1 47 ? -6.69733  1.63815   13.30612  1.000 52.76954  ? 47  LYS B N   1 
ATOM   796 C CA  . LYS B 1 47 ? -8.13708  1.77491   13.11373  1.000 48.61623  ? 47  LYS B CA  1 
ATOM   797 C C   . LYS B 1 47 ? -8.69704  0.59226   12.33841  1.000 55.82315  ? 47  LYS B C   1 
ATOM   798 O O   . LYS B 1 47 ? -9.73904  0.03615   12.70717  1.000 44.27915  ? 47  LYS B O   1 
ATOM   799 C CB  . LYS B 1 47 ? -8.44465  3.08874   12.39463  1.000 51.92789  ? 47  LYS B CB  1 
ATOM   800 C CG  . LYS B 1 47 ? -9.92709  3.42560   12.26117  1.000 61.06512  ? 47  LYS B CG  1 
ATOM   801 C CD  . LYS B 1 47 ? -10.13882 4.95096   12.25880  1.000 66.01864  ? 47  LYS B CD  1 
ATOM   802 C CE  . LYS B 1 47 ? -11.28083 5.40478   11.33949  1.000 83.31680  ? 47  LYS B CE  1 
ATOM   803 N NZ  . LYS B 1 47 ? -12.62960 4.88327   11.72138  1.000 85.45760  ? 47  LYS B NZ  1 
ATOM   804 N N   . ALA B 1 48 ? -8.00190  0.17892   11.27272  1.000 47.76091  ? 48  ALA B N   1 
ATOM   805 C CA  . ALA B 1 48 ? -8.46605  -0.95073  10.47576  1.000 46.20611  ? 48  ALA B CA  1 
ATOM   806 C C   . ALA B 1 48 ? -8.49617  -2.23915  11.29350  1.000 47.65616  ? 48  ALA B C   1 
ATOM   807 O O   . ALA B 1 48 ? -9.43648  -3.03237  11.17139  1.000 45.19175  ? 48  ALA B O   1 
ATOM   808 C CB  . ALA B 1 48 ? -7.58278  -1.11248  9.23898   1.000 40.92563  ? 48  ALA B CB  1 
ATOM   809 N N   . VAL B 1 49 ? -7.48864  -2.46453  12.13868  1.000 51.20900  ? 49  VAL B N   1 
ATOM   810 C CA  . VAL B 1 49 ? -7.44154  -3.70723  12.90742  1.000 57.28975  ? 49  VAL B CA  1 
ATOM   811 C C   . VAL B 1 49 ? -8.62454  -3.78983  13.86802  1.000 61.55046  ? 49  VAL B C   1 
ATOM   812 O O   . VAL B 1 49 ? -9.35295  -4.79113  13.89433  1.000 52.14635  ? 49  VAL B O   1 
ATOM   813 C CB  . VAL B 1 49 ? -6.09434  -3.83524  13.63691  1.000 48.52855  ? 49  VAL B CB  1 
ATOM   814 C CG1 . VAL B 1 49 ? -6.14155  -4.95053  14.64889  1.000 55.45003  ? 49  VAL B CG1 1 
ATOM   815 C CG2 . VAL B 1 49 ? -4.99592  -4.10712  12.62422  1.000 50.06231  ? 49  VAL B CG2 1 
ATOM   816 N N   . LYS B 1 50 ? -8.85464  -2.72701  14.64568  1.000 55.54832  ? 50  LYS B N   1 
ATOM   817 C CA  . LYS B 1 50 ? -9.97276  -2.72077  15.58726  1.000 44.56716  ? 50  LYS B CA  1 
ATOM   818 C C   . LYS B 1 50 ? -11.30100 -2.98256  14.88356  1.000 61.83270  ? 50  LYS B C   1 
ATOM   819 O O   . LYS B 1 50 ? -12.15489 -3.71244  15.40403  1.000 54.92671  ? 50  LYS B O   1 
ATOM   820 C CB  . LYS B 1 50 ? -10.01320 -1.38878  16.33702  1.000 53.82636  ? 50  LYS B CB  1 
ATOM   821 C CG  . LYS B 1 50 ? -8.75257  -1.09933  17.13015  1.000 68.79777  ? 50  LYS B CG  1 
ATOM   822 C CD  . LYS B 1 50 ? -8.36255  -2.30239  17.99243  1.000 79.33585  ? 50  LYS B CD  1 
ATOM   823 C CE  . LYS B 1 50 ? -7.17462  -1.99811  18.89643  1.000 77.58216  ? 50  LYS B CE  1 
ATOM   824 N NZ  . LYS B 1 50 ? -7.46944  -0.88330  19.84425  1.000 76.30118  ? 50  LYS B NZ  1 
ATOM   825 N N   . TYR B 1 51 ? -11.48861 -2.41164  13.68938  1.000 44.40104  ? 51  TYR B N   1 
ATOM   826 C CA  . TYR B 1 51 ? -12.73995 -2.62231  12.97285  1.000 41.37268  ? 51  TYR B CA  1 
ATOM   827 C C   . TYR B 1 51 ? -12.90491 -4.07616  12.54636  1.000 57.21622  ? 51  TYR B C   1 
ATOM   828 O O   . TYR B 1 51 ? -13.99991 -4.63914  12.66264  1.000 47.49481  ? 51  TYR B O   1 
ATOM   829 C CB  . TYR B 1 51 ? -12.82483 -1.70502  11.75246  1.000 43.83290  ? 51  TYR B CB  1 
ATOM   830 C CG  . TYR B 1 51 ? -14.13444 -1.86171  11.03670  1.000 52.03589  ? 51  TYR B CG  1 
ATOM   831 C CD1 . TYR B 1 51 ? -15.27166 -1.23857  11.51374  1.000 45.34448  ? 51  TYR B CD1 1 
ATOM   832 C CD2 . TYR B 1 51 ? -14.24877 -2.66149  9.90449   1.000 55.73069  ? 51  TYR B CD2 1 
ATOM   833 C CE1 . TYR B 1 51 ? -16.47594 -1.38347  10.88485  1.000 40.57806  ? 51  TYR B CE1 1 
ATOM   834 C CE2 . TYR B 1 51 ? -15.46307 -2.81135  9.26003   1.000 47.94194  ? 51  TYR B CE2 1 
ATOM   835 C CZ  . TYR B 1 51 ? -16.57597 -2.16708  9.76263   1.000 50.46620  ? 51  TYR B CZ  1 
ATOM   836 O OH  . TYR B 1 51 ? -17.79909 -2.29821  9.15355   1.000 48.34837  ? 51  TYR B OH  1 
ATOM   837 N N   . ILE B 1 52 ? -11.84264 -4.69590  12.02401  1.000 47.22491  ? 52  ILE B N   1 
ATOM   838 C CA  . ILE B 1 52 ? -11.94047 -6.10036  11.63806  1.000 46.21969  ? 52  ILE B CA  1 
ATOM   839 C C   . ILE B 1 52 ? -12.23071 -6.96741  12.85831  1.000 44.03529  ? 52  ILE B C   1 
ATOM   840 O O   . ILE B 1 52 ? -13.01637 -7.91957  12.78775  1.000 53.70386  ? 52  ILE B O   1 
ATOM   841 C CB  . ILE B 1 52 ? -10.66232 -6.55151  10.90990  1.000 48.71006  ? 52  ILE B CB  1 
ATOM   842 C CG1 . ILE B 1 52 ? -10.50956 -5.79038  9.59371   1.000 51.32867  ? 52  ILE B CG1 1 
ATOM   843 C CG2 . ILE B 1 52 ? -10.71718 -8.04441  10.60959  1.000 51.41565  ? 52  ILE B CG2 1 
ATOM   844 C CD1 . ILE B 1 52 ? -11.61686 -6.09151  8.61224   1.000 49.23374  ? 52  ILE B CD1 1 
ATOM   845 N N   . ASN B 1 53 ? -11.60456 -6.65391  13.99378  1.000 53.87716  ? 53  ASN B N   1 
ATOM   846 C CA  . ASN B 1 53 ? -11.87924 -7.40801  15.21353  1.000 55.01057  ? 53  ASN B CA  1 
ATOM   847 C C   . ASN B 1 53 ? -13.34582 -7.30190  15.61195  1.000 55.77654  ? 53  ASN B C   1 
ATOM   848 O O   . ASN B 1 53 ? -13.95270 -8.28692  16.04769  1.000 71.67952  ? 53  ASN B O   1 
ATOM   849 C CB  . ASN B 1 53 ? -10.97406 -6.91888  16.33806  1.000 52.44448  ? 53  ASN B CB  1 
ATOM   850 C CG  . ASN B 1 53 ? -9.58035  -7.52036  16.26239  1.000 71.61886  ? 53  ASN B CG  1 
ATOM   851 O OD1 . ASN B 1 53 ? -9.39516  -8.63008  15.75401  1.000 69.38909  ? 53  ASN B OD1 1 
ATOM   852 N ND2 . ASN B 1 53 ? -8.59347  -6.79426  16.77376  1.000 74.48777  ? 53  ASN B ND2 1 
ATOM   853 N N   . SER B 1 54 ? -13.94094 -6.12116  15.43940  1.000 59.35705  ? 54  SER B N   1 
ATOM   854 C CA  . SER B 1 54 ? -15.32754 -5.92377  15.84011  1.000 46.35978  ? 54  SER B CA  1 
ATOM   855 C C   . SER B 1 54 ? -16.30034 -6.65385  14.92031  1.000 62.49298  ? 54  SER B C   1 
ATOM   856 O O   . SER B 1 54 ? -17.42012 -6.97514  15.33414  1.000 71.48604  ? 54  SER B O   1 
ATOM   857 C CB  . SER B 1 54 ? -15.64102 -4.42968  15.87850  1.000 45.97464  ? 54  SER B CB  1 
ATOM   858 O OG  . SER B 1 54 ? -15.47943 -3.84316  14.60547  1.000 69.34507  ? 54  SER B OG  1 
ATOM   859 N N   . LEU B 1 55 ? -15.90684 -6.91322  13.67386  1.000 55.37318  ? 55  LEU B N   1 
ATOM   860 C CA  . LEU B 1 55 ? -16.73645 -7.72581  12.79576  1.000 55.17050  ? 55  LEU B CA  1 
ATOM   861 C C   . LEU B 1 55 ? -16.76018 -9.19580  13.21329  1.000 80.08873  ? 55  LEU B C   1 
ATOM   862 O O   . LEU B 1 55 ? -17.73244 -9.89522  12.90513  1.000 69.40769  ? 55  LEU B O   1 
ATOM   863 C CB  . LEU B 1 55 ? -16.24903 -7.59626  11.35079  1.000 61.32093  ? 55  LEU B CB  1 
ATOM   864 C CG  . LEU B 1 55 ? -16.43079 -6.23775  10.67202  1.000 64.66093  ? 55  LEU B CG  1 
ATOM   865 C CD1 . LEU B 1 55 ? -15.88663 -6.26220  9.24983   1.000 69.77898  ? 55  LEU B CD1 1 
ATOM   866 C CD2 . LEU B 1 55 ? -17.89692 -5.84041  10.67327  1.000 53.62739  ? 55  LEU B CD2 1 
ATOM   867 N N   . GLU B 1 56 ? -15.72304 -9.67502  13.90495  1.000 75.21689  ? 56  GLU B N   1 
ATOM   868 C CA  . GLU B 1 56 ? -15.63486 -11.07427 14.32543  1.000 73.38355  ? 56  GLU B CA  1 
ATOM   869 C C   . GLU B 1 56 ? -16.16824 -11.27848 15.73394  1.000 61.57339  ? 56  GLU B C   1 
ATOM   870 O O   . GLU B 1 56 ? -15.38899 -11.47661 16.66683  1.000 65.55076  ? 56  GLU B O   1 
ATOM   871 C CB  . GLU B 1 56 ? -14.18633 -11.57200 14.26478  1.000 70.78283  ? 56  GLU B CB  1 
ATOM   872 C CG  . GLU B 1 56 ? -13.49846 -11.39929 12.91738  1.000 78.03989  ? 56  GLU B CG  1 
ATOM   873 C CD  . GLU B 1 56 ? -14.23313 -12.08671 11.77467  1.000 98.61401  ? 56  GLU B CD  1 
ATOM   874 O OE1 . GLU B 1 56 ? -14.76291 -13.20342 11.97278  1.000 96.10767  ? 56  GLU B OE1 1 
ATOM   875 O OE2 . GLU B 1 56 ? -14.28285 -11.50052 10.67126  1.000 104.66783 ? 56  GLU B OE2 1 
HETATM 876 C C1  . PG6 C 2 .  ? 1.12240   12.41340  -11.98631 1.000 57.85740  ? 101 PG6 A C1  1 
HETATM 877 O O1  . PG6 C 2 .  ? 1.56903   12.87554  -13.23310 1.000 65.58519  ? 101 PG6 A O1  1 
HETATM 878 C C2  . PG6 C 2 .  ? 1.52827   11.91602  -14.26218 1.000 51.31521  ? 101 PG6 A C2  1 
HETATM 879 C C3  . PG6 C 2 .  ? 2.05449   12.51530  -15.57704 1.000 55.46204  ? 101 PG6 A C3  1 
HETATM 880 O O2  . PG6 C 2 .  ? 3.45746   12.46879  -15.64802 1.000 71.52544  ? 101 PG6 A O2  1 
HETATM 881 C C4  . PG6 C 2 .  ? 3.99688   11.74879  -16.73130 1.000 60.13586  ? 101 PG6 A C4  1 
HETATM 882 C C5  . PG6 C 2 .  ? 5.44351   11.30118  -16.44852 1.000 60.66089  ? 101 PG6 A C5  1 
HETATM 883 O O3  . PG6 C 2 .  ? 6.03533   12.03348  -15.39820 1.000 46.39768  ? 101 PG6 A O3  1 
HETATM 884 C C6  . PG6 C 2 .  ? 7.39226   11.74785  -15.16724 1.000 51.50387  ? 101 PG6 A C6  1 
HETATM 885 C C7  . PG6 C 2 .  ? 7.98942   12.84584  -14.28934 1.000 48.80624  ? 101 PG6 A C7  1 
HETATM 886 O O4  . PG6 C 2 .  ? 7.17441   13.00096  -13.16286 1.000 53.52202  ? 101 PG6 A O4  1 
HETATM 887 C C8  . PG6 C 2 .  ? 7.68551   13.79206  -12.13347 1.000 39.75890  ? 101 PG6 A C8  1 
HETATM 888 C C9  . PG6 C 2 .  ? 6.51392   14.37792  -11.34640 1.000 50.45722  ? 101 PG6 A C9  1 
HETATM 889 O O5  . PG6 C 2 .  ? 6.21825   13.55590  -10.25275 1.000 44.17219  ? 101 PG6 A O5  1 
HETATM 890 C C10 . PG6 C 2 .  ? 5.19827   14.02218  -9.40750  1.000 53.87279  ? 101 PG6 A C10 1 
HETATM 891 C C11 . PG6 C 2 .  ? 3.80130   13.83412  -10.00872 1.000 43.78709  ? 101 PG6 A C11 1 
HETATM 892 S S   . SO4 D 3 .  ? -7.43639  4.67815   -5.38861  1.000 91.00294  ? 101 SO4 B S   1 
HETATM 893 O O1  . SO4 D 3 .  ? -6.49051  4.18663   -4.38605  1.000 69.57283  ? 101 SO4 B O1  1 
HETATM 894 O O2  . SO4 D 3 .  ? -8.77981  4.16786   -5.10758  1.000 49.82894  ? 101 SO4 B O2  1 
HETATM 895 O O3  . SO4 D 3 .  ? -7.01039  4.22709   -6.71595  1.000 70.71646  ? 101 SO4 B O3  1 
HETATM 896 O O4  . SO4 D 3 .  ? -7.45661  6.14158   -5.34570  1.000 88.73500  ? 101 SO4 B O4  1 
HETATM 897 O O1  . PG5 E 4 .  ? -16.42222 -11.49515 7.75141   1.000 75.94933  ? 102 PG5 B O1  1 
HETATM 898 C C2  . PG5 E 4 .  ? -15.88957 -10.22819 8.03569   1.000 80.79376  ? 102 PG5 B C2  1 
HETATM 899 C C3  . PG5 E 4 .  ? -14.57078 -9.99480  7.28720   1.000 73.69519  ? 102 PG5 B C3  1 
HETATM 900 O O2  . PG5 E 4 .  ? -13.50051 -10.56800 7.99602   1.000 74.85836  ? 102 PG5 B O2  1 
HETATM 901 C C4  . PG5 E 4 .  ? -12.24845 -9.95615  7.81487   1.000 57.67679  ? 102 PG5 B C4  1 
HETATM 902 C C5  . PG5 E 4 .  ? -11.29712 -10.89513 7.06857   1.000 51.30422  ? 102 PG5 B C5  1 
HETATM 903 O O3  . PG5 E 4 .  ? -11.06130 -12.02532 7.86300   1.000 71.58151  ? 102 PG5 B O3  1 
HETATM 904 C C6  . PG5 E 4 .  ? -10.22275 -13.00370 7.31508   1.000 49.66819  ? 102 PG5 B C6  1 
HETATM 905 C C7  . PG5 E 4 .  ? -10.78313 -14.37981 7.67310   1.000 55.55725  ? 102 PG5 B C7  1 
HETATM 906 O O4  . PG5 E 4 .  ? -11.30602 -14.99110 6.52300   1.000 59.23532  ? 102 PG5 B O4  1 
HETATM 907 O O   . HOH F 5 .  ? 5.66228   -12.54987 -3.66692  1.000 56.39884  ? 201 HOH A O   1 
HETATM 908 O O   . HOH F 5 .  ? -6.69749  -2.27462  -1.23471  1.000 36.67141  ? 202 HOH A O   1 
HETATM 909 O O   . HOH F 5 .  ? 12.91692  5.88734   -15.89762 1.000 56.13629  ? 203 HOH A O   1 
HETATM 910 O O   . HOH F 5 .  ? 15.88103  9.38556   -13.85429 1.000 42.25686  ? 204 HOH A O   1 
HETATM 911 O O   . HOH F 5 .  ? 2.09062   6.87922   -6.15615  1.000 39.51737  ? 205 HOH A O   1 
HETATM 912 O O   . HOH F 5 .  ? 9.46282   -9.84848  -8.69896  1.000 48.60549  ? 206 HOH A O   1 
HETATM 913 O O   . HOH F 5 .  ? 3.12420   7.44196   -8.98109  1.000 40.33519  ? 207 HOH A O   1 
HETATM 914 O O   . HOH F 5 .  ? 15.58013  -0.45192  2.24663   1.000 35.10061  ? 208 HOH A O   1 
HETATM 915 O O   . HOH F 5 .  ? -2.18861  9.25932   -9.89886  1.000 47.86077  ? 209 HOH A O   1 
HETATM 916 O O   . HOH F 5 .  ? 6.37533   12.60109  -4.49468  1.000 47.68601  ? 210 HOH A O   1 
HETATM 917 O O   . HOH G 5 .  ? -19.37983 -0.51449  7.07845   1.000 52.29142  ? 201 HOH B O   1 
HETATM 918 O O   . HOH G 5 .  ? 3.38058   8.52677   -4.43527  1.000 46.93839  ? 202 HOH B O   1 
HETATM 919 O O   . HOH G 5 .  ? -11.10298 0.68683   -1.39897  1.000 34.09233  ? 203 HOH B O   1 
HETATM 920 O O   . HOH G 5 .  ? -20.88904 -5.50444  4.09618   1.000 34.71159  ? 204 HOH B O   1 
HETATM 921 O O   . HOH G 5 .  ? -6.82694  6.41094   -2.52542  1.000 42.86400  ? 205 HOH B O   1 
HETATM 922 O O   . HOH G 5 .  ? 4.44115   -3.95723  5.89124   1.000 30.12836  ? 206 HOH B O   1 
HETATM 923 O O   . HOH G 5 .  ? -4.47070  13.71916  -4.52036  1.000 63.01562  ? 207 HOH B O   1 
HETATM 924 O O   . HOH G 5 .  ? -18.91657 -13.87274 -0.56235  1.000 49.74847  ? 208 HOH B O   1 
HETATM 925 O O   . HOH G 5 .  ? -19.03199 -13.34533 6.06680   1.000 40.80720  ? 209 HOH B O   1 
HETATM 926 O O   . HOH G 5 .  ? -15.07370 -15.72856 9.68835   1.000 54.47074  ? 210 HOH B O   1 
HETATM 927 O O   . HOH G 5 .  ? -12.00523 -15.97127 3.08387   1.000 63.29115  ? 211 HOH B O   1 
HETATM 928 O O   . HOH G 5 .  ? -18.91990 -15.35242 4.77121   1.000 40.93988  ? 212 HOH B O   1 
HETATM 929 O O   . HOH G 5 .  ? -11.75274 5.92783   7.99950   1.000 56.02197  ? 213 HOH B O   1 
HETATM 930 O O   . HOH G 5 .  ? 5.82030   11.75480  -2.28651  1.000 43.98443  ? 214 HOH B O   1 
HETATM 931 O O   . HOH G 5 .  ? -9.44461  8.12416   9.81056   1.000 51.88744  ? 215 HOH B O   1 
# 
